data_9DQ5
#
_entry.id   9DQ5
#
_cell.length_a   128.508
_cell.length_b   208.841
_cell.length_c   91.334
_cell.angle_alpha   90.00
_cell.angle_beta   90.00
_cell.angle_gamma   90.00
#
_symmetry.space_group_name_H-M   'P 21 21 2'
#
loop_
_entity.id
_entity.type
_entity.pdbx_description
1 polymer '9D9 heavy chain'
2 polymer '9D9 light chain'
3 polymer 'Cytotoxic T-lymphocyte protein 4'
#
loop_
_entity_poly.entity_id
_entity_poly.type
_entity_poly.pdbx_seq_one_letter_code
_entity_poly.pdbx_strand_id
1 'polypeptide(L)'
;EVQLQQSGPVLVKPGASVKMSCKASGYTFTDYYMNWVKQSHGKSLEWIGVINPYNGDTSYNQKFKGKATLTVDKSSSTAY
MELNSLTSEDSAVYYCARYYGSWFAYWGQGTLITVSTASTKGPSVFPLAPSSKSTSGGTAALGCLVKDYFPEPVTVSWNS
GALTSGVHTFPAVLQSSGLYSLSSVVTVPSSSLGTQTYICNVNHKPSNTKVDKRVEPKSCGGHHHHHH
;
H,I,J
2 'polypeptide(L)'
;DVLMTQTPLSLPVSLGDQASISCRSSQSIVHSNGNTYLEWYLQKPGQSPKLLIYKVSNRFSGVPDRFSGSGSGTDFTLKI
SRVEAEDLGVYYCFQGSHVPYTFGGGTKLEIKRTVAAPSVFIFPPSDEQLKSGTASVVCLLNNFYPREAKVQWKVDNALQ
SGNSQESVTEQDSKDSTYSLSSTLTLSKADYEKHKVYACEVTHQGLSSPVTKSFNRGEC
;
L,M,N
3 'polypeptide(L)'
;HHHHHHGSGSENLYFQSEAIQVTQPSVVLASSHGVASFPCEYSPSHNTDEVRVTVLRQTNDQMTEVCATTFTEKNTVGFL
DYPFCSGTFNESRVNLTIQGLRAVDTGLYLCKVELMYPPPYFVGMGNGTQIYVID
;
C,D
#
# COMPACT_ATOMS: atom_id res chain seq x y z
N GLU A 1 6.84 35.86 -1.82
CA GLU A 1 7.45 36.12 -0.52
C GLU A 1 8.83 35.46 -0.48
N VAL A 2 9.00 34.49 0.42
CA VAL A 2 10.22 33.68 0.41
C VAL A 2 10.16 32.69 -0.76
N GLN A 3 11.29 32.53 -1.44
CA GLN A 3 11.42 31.50 -2.46
C GLN A 3 12.81 30.90 -2.35
N LEU A 4 12.90 29.57 -2.34
CA LEU A 4 14.19 28.89 -2.35
C LEU A 4 14.34 28.14 -3.66
N GLN A 5 15.38 28.47 -4.43
CA GLN A 5 15.60 27.90 -5.75
C GLN A 5 16.84 27.02 -5.72
N GLN A 6 16.64 25.75 -5.99
CA GLN A 6 17.74 24.81 -5.96
C GLN A 6 18.20 24.57 -7.39
N SER A 7 19.46 24.14 -7.49
CA SER A 7 20.02 23.72 -8.77
C SER A 7 19.21 22.57 -9.35
N GLY A 8 19.31 22.40 -10.64
CA GLY A 8 18.62 21.31 -11.30
C GLY A 8 19.24 19.96 -11.02
N PRO A 9 18.77 18.96 -11.76
CA PRO A 9 19.20 17.58 -11.54
C PRO A 9 20.57 17.33 -12.13
N VAL A 10 21.32 16.46 -11.45
CA VAL A 10 22.69 16.17 -11.84
C VAL A 10 22.89 14.67 -11.92
N LEU A 11 23.36 14.20 -13.06
CA LEU A 11 23.82 12.83 -13.20
C LEU A 11 25.34 12.83 -12.96
N VAL A 12 25.79 12.19 -11.89
CA VAL A 12 27.20 12.10 -11.54
C VAL A 12 27.60 10.65 -11.47
N LYS A 13 28.68 10.29 -12.17
CA LYS A 13 29.20 8.94 -12.11
C LYS A 13 29.68 8.60 -10.69
N PRO A 14 29.57 7.34 -10.28
CA PRO A 14 29.93 6.98 -8.90
C PRO A 14 31.35 7.39 -8.56
N GLY A 15 31.59 7.56 -7.26
CA GLY A 15 32.89 8.00 -6.77
C GLY A 15 33.20 9.48 -6.95
N ALA A 16 32.44 10.16 -7.81
CA ALA A 16 32.61 11.60 -7.98
C ALA A 16 32.05 12.40 -6.79
N SER A 17 31.79 13.68 -7.04
CA SER A 17 31.30 14.60 -6.02
C SER A 17 30.33 15.57 -6.68
N VAL A 18 29.44 16.14 -5.86
CA VAL A 18 28.46 17.09 -6.36
C VAL A 18 28.14 18.10 -5.26
N LYS A 19 27.98 19.36 -5.67
CA LYS A 19 27.69 20.50 -4.81
C LYS A 19 26.47 21.18 -5.40
N MET A 20 25.42 21.32 -4.60
CA MET A 20 24.19 21.94 -5.07
C MET A 20 23.92 23.25 -4.34
N SER A 21 23.00 24.02 -4.91
CA SER A 21 22.72 25.38 -4.52
C SER A 21 21.28 25.56 -4.02
N CYS A 22 21.05 26.69 -3.33
CA CYS A 22 19.74 27.11 -2.83
C CYS A 22 19.78 28.63 -2.80
N LYS A 23 19.00 29.27 -3.67
CA LYS A 23 19.11 30.71 -3.92
C LYS A 23 17.94 31.43 -3.24
N ALA A 24 18.22 31.97 -2.07
CA ALA A 24 17.22 32.63 -1.25
C ALA A 24 16.71 33.91 -1.90
N SER A 25 15.41 34.14 -1.81
CA SER A 25 14.85 35.40 -2.29
C SER A 25 13.71 35.82 -1.38
N GLY A 26 13.43 37.13 -1.37
CA GLY A 26 12.32 37.68 -0.61
C GLY A 26 12.51 37.76 0.89
N TYR A 27 13.75 37.73 1.37
CA TYR A 27 14.09 37.72 2.80
C TYR A 27 15.62 37.91 2.93
N THR A 28 16.11 37.96 4.17
CA THR A 28 17.51 38.36 4.43
C THR A 28 18.35 37.11 4.75
N PHE A 29 18.95 36.55 3.69
CA PHE A 29 19.63 35.25 3.75
C PHE A 29 20.39 35.00 5.05
N THR A 30 20.92 36.03 5.68
CA THR A 30 21.72 35.71 6.86
C THR A 30 20.88 35.58 8.12
N ASP A 31 19.59 35.96 8.06
CA ASP A 31 18.78 36.15 9.26
C ASP A 31 18.44 34.82 9.93
N TYR A 32 18.07 33.82 9.14
CA TYR A 32 17.56 32.56 9.65
C TYR A 32 18.43 31.39 9.20
N TYR A 33 18.48 30.36 10.04
CA TYR A 33 19.24 29.15 9.74
C TYR A 33 18.68 28.40 8.51
N MET A 34 19.41 27.36 8.12
CA MET A 34 19.13 26.61 6.90
C MET A 34 19.45 25.15 7.10
N ASN A 35 18.53 24.29 6.66
CA ASN A 35 18.69 22.84 6.74
C ASN A 35 18.72 22.22 5.35
N TRP A 36 19.35 21.06 5.29
CA TRP A 36 19.31 20.21 4.12
C TRP A 36 18.68 18.88 4.53
N VAL A 37 17.66 18.47 3.79
CA VAL A 37 16.90 17.27 4.09
C VAL A 37 16.99 16.36 2.89
N LYS A 38 17.33 15.10 3.13
CA LYS A 38 17.45 14.07 2.10
C LYS A 38 16.19 13.22 2.09
N GLN A 39 15.64 12.99 0.90
CA GLN A 39 14.49 12.08 0.73
C GLN A 39 14.82 11.05 -0.36
N SER A 40 15.30 9.89 0.07
CA SER A 40 15.52 8.76 -0.83
C SER A 40 14.29 8.48 -1.69
N HIS A 41 14.35 7.52 -2.61
CA HIS A 41 13.12 7.13 -3.28
C HIS A 41 12.22 6.38 -2.33
N GLY A 42 12.80 5.70 -1.32
CA GLY A 42 12.08 5.06 -0.24
C GLY A 42 11.30 5.99 0.66
N LYS A 43 10.87 7.13 0.10
CA LYS A 43 9.92 8.08 0.65
C LYS A 43 10.31 8.77 1.96
N SER A 44 10.86 8.07 2.96
CA SER A 44 11.09 8.71 4.26
C SER A 44 12.20 9.78 4.20
N LEU A 45 12.11 10.76 5.11
CA LEU A 45 12.98 11.94 5.05
C LEU A 45 14.12 11.84 6.07
N GLU A 46 15.21 12.57 5.81
CA GLU A 46 16.34 12.58 6.71
C GLU A 46 16.91 13.98 6.84
N TRP A 47 17.39 14.29 8.03
CA TRP A 47 18.03 15.57 8.29
C TRP A 47 19.54 15.41 8.18
N ILE A 48 20.16 16.23 7.33
CA ILE A 48 21.61 16.20 7.17
C ILE A 48 22.27 17.15 8.18
N GLY A 49 21.94 18.44 8.08
CA GLY A 49 22.44 19.40 9.05
C GLY A 49 21.86 20.79 8.82
N VAL A 50 22.28 21.70 9.71
CA VAL A 50 21.87 23.10 9.67
C VAL A 50 23.11 23.99 9.69
N ILE A 51 23.07 25.09 8.89
CA ILE A 51 24.13 26.09 8.80
C ILE A 51 23.54 27.50 8.95
N ASN A 52 24.16 28.31 9.84
CA ASN A 52 23.89 29.73 10.10
C ASN A 52 24.54 30.63 9.06
N PRO A 53 23.82 31.13 8.04
CA PRO A 53 24.53 31.87 6.96
C PRO A 53 25.26 33.12 7.43
N TYR A 54 24.77 33.83 8.45
CA TYR A 54 25.47 34.98 9.00
C TYR A 54 26.89 34.65 9.44
N ASN A 55 27.24 33.39 9.54
CA ASN A 55 28.30 32.97 10.44
C ASN A 55 29.11 31.86 9.78
N GLY A 56 28.41 30.83 9.29
CA GLY A 56 29.02 29.63 8.77
C GLY A 56 29.03 28.47 9.74
N ASP A 57 28.55 28.66 10.97
CA ASP A 57 28.52 27.54 11.90
C ASP A 57 27.60 26.43 11.38
N THR A 58 27.88 25.21 11.81
CA THR A 58 27.04 24.09 11.41
C THR A 58 26.78 23.20 12.59
N SER A 59 25.65 22.48 12.54
CA SER A 59 25.43 21.28 13.37
C SER A 59 24.97 20.15 12.46
N TYR A 60 25.72 19.05 12.48
CA TYR A 60 25.59 17.98 11.50
C TYR A 60 24.97 16.73 12.12
N ASN A 61 24.33 15.95 11.27
CA ASN A 61 23.81 14.64 11.66
C ASN A 61 24.97 13.65 11.57
N GLN A 62 25.47 13.20 12.73
CA GLN A 62 26.77 12.52 12.77
C GLN A 62 26.92 11.49 11.65
N LYS A 63 25.82 10.84 11.27
CA LYS A 63 25.85 9.86 10.18
C LYS A 63 26.03 10.50 8.81
N PHE A 64 26.03 11.83 8.71
CA PHE A 64 26.37 12.52 7.47
C PHE A 64 27.64 13.32 7.54
N LYS A 65 28.28 13.38 8.72
CA LYS A 65 29.36 14.33 8.95
C LYS A 65 30.41 14.23 7.86
N GLY A 66 30.69 13.01 7.38
CA GLY A 66 31.61 12.78 6.29
C GLY A 66 31.00 12.83 4.90
N LYS A 67 29.73 12.41 4.74
CA LYS A 67 29.18 12.35 3.39
C LYS A 67 28.79 13.72 2.84
N ALA A 68 28.49 14.70 3.70
CA ALA A 68 28.01 15.99 3.24
C ALA A 68 28.75 17.15 3.90
N THR A 69 28.95 18.21 3.11
CA THR A 69 29.62 19.42 3.58
C THR A 69 28.79 20.62 3.14
N LEU A 70 28.16 21.27 4.12
CA LEU A 70 27.26 22.40 3.89
C LEU A 70 28.02 23.68 4.16
N THR A 71 27.73 24.72 3.37
CA THR A 71 28.50 25.96 3.28
C THR A 71 27.60 27.03 2.69
N VAL A 72 27.89 28.30 3.01
CA VAL A 72 27.03 29.40 2.58
C VAL A 72 27.89 30.51 1.97
N ASP A 73 27.21 31.46 1.30
CA ASP A 73 27.90 32.55 0.59
C ASP A 73 27.03 33.80 0.60
N LYS A 74 27.30 34.70 1.56
CA LYS A 74 26.36 35.78 1.90
C LYS A 74 26.12 36.72 0.72
N SER A 75 27.12 36.95 -0.13
CA SER A 75 26.94 37.90 -1.23
C SER A 75 25.95 37.41 -2.29
N SER A 76 25.69 36.10 -2.34
CA SER A 76 24.79 35.55 -3.33
C SER A 76 23.46 35.13 -2.73
N SER A 77 23.31 35.24 -1.40
CA SER A 77 22.13 34.73 -0.68
C SER A 77 21.84 33.30 -1.09
N THR A 78 22.89 32.49 -1.14
CA THR A 78 22.85 31.15 -1.69
C THR A 78 23.64 30.21 -0.77
N ALA A 79 23.04 29.06 -0.45
CA ALA A 79 23.68 28.04 0.38
C ALA A 79 24.10 26.87 -0.49
N TYR A 80 25.08 26.13 0.03
CA TYR A 80 25.77 25.07 -0.71
C TYR A 80 25.88 23.82 0.13
N MET A 81 25.56 22.69 -0.48
CA MET A 81 25.88 21.40 0.10
C MET A 81 26.62 20.57 -0.93
N GLU A 82 27.63 19.86 -0.45
CA GLU A 82 28.57 19.18 -1.31
C GLU A 82 28.71 17.76 -0.80
N LEU A 83 28.74 16.81 -1.73
CA LEU A 83 28.69 15.40 -1.40
C LEU A 83 29.90 14.69 -2.01
N ASN A 84 30.72 14.10 -1.15
CA ASN A 84 31.93 13.40 -1.56
C ASN A 84 31.68 11.90 -1.65
N SER A 85 32.36 11.25 -2.60
CA SER A 85 32.34 9.80 -2.78
C SER A 85 30.96 9.30 -3.20
N LEU A 86 30.32 10.01 -4.12
CA LEU A 86 28.95 9.68 -4.51
C LEU A 86 28.84 8.18 -4.86
N THR A 87 27.92 7.49 -4.16
CA THR A 87 27.63 6.07 -4.40
C THR A 87 26.26 5.91 -5.03
N SER A 88 25.76 4.67 -5.06
CA SER A 88 24.44 4.41 -5.62
C SER A 88 23.33 4.76 -4.66
N GLU A 89 23.54 4.48 -3.37
CA GLU A 89 22.62 4.86 -2.31
C GLU A 89 22.68 6.36 -1.98
N ASP A 90 23.60 7.11 -2.58
CA ASP A 90 23.61 8.56 -2.42
C ASP A 90 22.61 9.23 -3.33
N SER A 91 21.99 8.49 -4.24
CA SER A 91 21.03 9.06 -5.16
C SER A 91 19.73 9.30 -4.42
N ALA A 92 19.24 10.53 -4.44
CA ALA A 92 18.02 10.85 -3.70
C ALA A 92 17.41 12.13 -4.28
N VAL A 93 16.44 12.68 -3.55
CA VAL A 93 16.08 14.08 -3.70
C VAL A 93 16.65 14.79 -2.49
N TYR A 94 17.32 15.90 -2.73
CA TYR A 94 17.90 16.70 -1.68
C TYR A 94 17.16 18.03 -1.63
N TYR A 95 16.84 18.45 -0.41
CA TYR A 95 16.03 19.63 -0.12
C TYR A 95 16.79 20.57 0.79
N CYS A 96 16.73 21.87 0.48
CA CYS A 96 17.04 22.92 1.45
C CYS A 96 15.74 23.41 2.06
N ALA A 97 15.81 23.79 3.33
CA ALA A 97 14.63 24.26 4.02
C ALA A 97 15.03 25.15 5.18
N ARG A 98 14.40 26.33 5.26
CA ARG A 98 14.80 27.42 6.13
C ARG A 98 13.93 27.52 7.38
N TYR A 99 14.58 27.61 8.53
CA TYR A 99 13.97 27.84 9.85
C TYR A 99 13.13 29.10 9.91
N TYR A 100 12.16 29.07 10.81
CA TYR A 100 11.19 30.14 11.05
C TYR A 100 10.26 29.68 12.15
N GLY A 101 10.71 29.75 13.39
CA GLY A 101 9.90 29.26 14.48
C GLY A 101 9.76 27.77 14.48
N SER A 102 10.26 27.13 13.45
CA SER A 102 10.08 25.72 13.16
C SER A 102 11.21 25.35 12.26
N TRP A 103 11.62 24.10 12.30
CA TRP A 103 12.71 23.70 11.42
C TRP A 103 12.44 23.95 9.92
N PHE A 104 11.53 23.23 9.29
CA PHE A 104 11.45 23.28 7.83
C PHE A 104 10.22 24.06 7.40
N ALA A 105 10.29 25.37 7.57
CA ALA A 105 9.09 26.18 7.36
C ALA A 105 9.02 26.78 5.96
N TYR A 106 10.12 26.82 5.24
CA TYR A 106 10.14 27.16 3.81
C TYR A 106 11.02 26.13 3.10
N TRP A 107 10.53 25.61 1.98
CA TRP A 107 11.12 24.45 1.33
C TRP A 107 11.58 24.82 -0.07
N GLY A 108 12.74 24.26 -0.46
CA GLY A 108 13.19 24.36 -1.83
C GLY A 108 12.56 23.30 -2.70
N GLN A 109 12.46 23.58 -3.99
CA GLN A 109 11.78 22.64 -4.88
C GLN A 109 12.58 21.36 -5.05
N GLY A 110 13.84 21.32 -4.71
CA GLY A 110 14.44 20.00 -4.73
C GLY A 110 15.46 19.82 -5.84
N THR A 111 16.51 19.10 -5.51
CA THR A 111 17.58 18.74 -6.44
C THR A 111 17.65 17.22 -6.51
N LEU A 112 17.24 16.64 -7.65
CA LEU A 112 17.30 15.19 -7.87
C LEU A 112 18.68 14.72 -8.32
N ILE A 113 19.45 14.11 -7.42
CA ILE A 113 20.79 13.61 -7.74
C ILE A 113 20.72 12.14 -8.13
N THR A 114 21.03 11.85 -9.39
CA THR A 114 21.13 10.48 -9.89
C THR A 114 22.60 10.09 -10.01
N VAL A 115 22.99 8.99 -9.39
CA VAL A 115 24.38 8.55 -9.39
C VAL A 115 24.50 7.23 -10.15
N SER A 116 24.78 7.33 -11.45
CA SER A 116 24.73 6.18 -12.36
C SER A 116 26.11 5.94 -12.98
N THR A 117 26.29 4.71 -13.53
CA THR A 117 27.36 4.45 -14.48
C THR A 117 26.92 4.61 -15.94
N ALA A 118 25.67 4.93 -16.20
CA ALA A 118 25.22 5.06 -17.57
C ALA A 118 25.34 6.49 -18.10
N SER A 119 25.03 6.61 -19.38
CA SER A 119 25.08 7.87 -20.11
C SER A 119 23.72 8.53 -20.12
N THR A 120 23.68 9.84 -19.91
CA THR A 120 22.44 10.55 -20.11
C THR A 120 21.93 10.30 -21.53
N LYS A 121 20.61 10.38 -21.70
CA LYS A 121 20.04 10.10 -23.00
C LYS A 121 18.74 10.88 -23.11
N GLY A 122 18.42 11.28 -24.32
CA GLY A 122 17.38 12.25 -24.51
C GLY A 122 16.04 11.64 -24.78
N PRO A 123 15.00 12.25 -24.23
CA PRO A 123 13.64 11.85 -24.59
C PRO A 123 13.44 12.02 -26.08
N SER A 124 12.52 11.23 -26.62
CA SER A 124 11.91 11.52 -27.90
C SER A 124 10.43 11.70 -27.64
N VAL A 125 9.84 12.72 -28.26
CA VAL A 125 8.44 13.09 -28.02
C VAL A 125 7.66 12.79 -29.28
N PHE A 126 6.43 12.31 -29.12
CA PHE A 126 5.68 11.90 -30.27
C PHE A 126 4.24 12.28 -29.97
N PRO A 127 3.56 12.92 -30.91
CA PRO A 127 2.21 13.43 -30.61
C PRO A 127 1.21 12.31 -30.36
N LEU A 128 0.73 12.20 -29.12
CA LEU A 128 -0.40 11.32 -28.82
C LEU A 128 -1.65 12.11 -29.19
N ALA A 129 -2.18 11.84 -30.48
CA ALA A 129 -3.10 12.82 -31.06
C ALA A 129 -4.55 12.33 -31.08
N PRO A 130 -5.50 13.25 -31.10
CA PRO A 130 -6.92 12.88 -30.95
C PRO A 130 -7.59 12.42 -32.24
N SER A 131 -8.72 11.72 -32.06
CA SER A 131 -9.47 11.15 -33.17
C SER A 131 -10.92 11.64 -33.18
N SER A 132 -11.76 10.95 -33.97
CA SER A 132 -13.15 11.37 -34.24
C SER A 132 -14.07 11.33 -33.02
N GLY A 137 -19.11 13.60 -30.02
CA GLY A 137 -18.60 13.16 -28.73
C GLY A 137 -18.22 14.28 -27.78
N GLY A 138 -18.68 14.20 -26.52
CA GLY A 138 -18.40 15.22 -25.51
C GLY A 138 -17.08 14.97 -24.79
N THR A 139 -16.18 15.96 -24.85
CA THR A 139 -14.81 15.88 -24.33
C THR A 139 -13.95 14.92 -25.14
N ALA A 140 -12.65 15.23 -25.28
CA ALA A 140 -11.74 14.42 -26.10
C ALA A 140 -10.37 14.39 -25.41
N ALA A 141 -9.37 13.79 -26.10
CA ALA A 141 -8.13 13.40 -25.45
C ALA A 141 -6.93 13.72 -26.34
N LEU A 142 -5.81 14.10 -25.73
CA LEU A 142 -4.57 14.37 -26.47
C LEU A 142 -3.38 14.15 -25.53
N GLY A 143 -2.19 14.02 -26.11
CA GLY A 143 -1.02 13.85 -25.25
C GLY A 143 0.31 13.83 -26.00
N CYS A 144 1.36 13.57 -25.23
CA CYS A 144 2.75 13.53 -25.71
C CYS A 144 3.45 12.33 -25.06
N LEU A 145 3.74 11.28 -25.83
CA LEU A 145 4.51 10.16 -25.30
C LEU A 145 5.96 10.60 -25.22
N VAL A 146 6.62 10.26 -24.12
CA VAL A 146 8.02 10.65 -23.93
C VAL A 146 8.85 9.38 -23.76
N LYS A 147 9.23 8.75 -24.89
CA LYS A 147 9.91 7.46 -24.88
C LYS A 147 11.39 7.59 -24.52
N ASP A 148 11.90 6.51 -23.94
CA ASP A 148 13.33 6.24 -23.72
C ASP A 148 14.23 7.41 -23.33
N TYR A 149 14.36 7.68 -22.03
CA TYR A 149 15.32 8.68 -21.53
C TYR A 149 16.00 8.16 -20.26
N PHE A 150 16.96 8.92 -19.78
CA PHE A 150 17.68 8.58 -18.58
C PHE A 150 18.72 9.67 -18.33
N PRO A 151 18.96 10.06 -17.05
CA PRO A 151 18.24 9.63 -15.86
C PRO A 151 16.96 10.42 -15.71
N GLU A 152 16.22 10.16 -14.64
CA GLU A 152 15.15 11.05 -14.23
C GLU A 152 15.75 12.38 -13.78
N PRO A 153 14.98 13.48 -13.84
CA PRO A 153 13.55 13.61 -14.07
C PRO A 153 13.19 14.33 -15.34
N VAL A 154 11.91 14.59 -15.53
CA VAL A 154 11.44 15.25 -16.74
C VAL A 154 10.24 16.12 -16.37
N THR A 155 10.23 17.33 -16.90
CA THR A 155 9.14 18.26 -16.67
C THR A 155 8.31 18.35 -17.95
N VAL A 156 7.00 18.42 -17.78
CA VAL A 156 6.08 18.41 -18.91
C VAL A 156 5.03 19.48 -18.64
N SER A 157 4.60 20.15 -19.71
CA SER A 157 3.72 21.29 -19.59
C SER A 157 2.86 21.36 -20.83
N TRP A 158 1.78 22.13 -20.75
CA TRP A 158 0.90 22.32 -21.89
C TRP A 158 0.67 23.81 -22.11
N ASN A 159 1.19 24.31 -23.24
CA ASN A 159 1.10 25.72 -23.62
C ASN A 159 1.84 26.59 -22.60
N SER A 160 3.12 26.27 -22.40
CA SER A 160 4.05 26.97 -21.52
C SER A 160 3.51 27.27 -20.13
N GLY A 161 2.35 26.73 -19.77
CA GLY A 161 1.80 26.92 -18.44
C GLY A 161 0.31 27.23 -18.44
N ALA A 162 -0.22 27.48 -19.62
CA ALA A 162 -1.62 27.93 -19.72
C ALA A 162 -2.56 26.82 -19.26
N LEU A 163 -2.51 25.67 -19.93
CA LEU A 163 -3.45 24.59 -19.69
C LEU A 163 -3.12 23.86 -18.40
N THR A 164 -4.13 23.67 -17.54
CA THR A 164 -3.95 23.02 -16.25
C THR A 164 -5.06 22.03 -15.94
N SER A 165 -6.32 22.41 -16.19
CA SER A 165 -7.43 21.52 -15.89
C SER A 165 -7.37 20.29 -16.77
N GLY A 166 -7.73 19.14 -16.20
CA GLY A 166 -7.82 17.88 -16.91
C GLY A 166 -6.50 17.23 -17.32
N VAL A 167 -5.36 17.69 -16.80
CA VAL A 167 -4.10 17.09 -17.19
C VAL A 167 -3.81 15.88 -16.31
N HIS A 168 -2.81 15.09 -16.72
CA HIS A 168 -2.49 13.80 -16.12
C HIS A 168 -1.13 13.39 -16.67
N THR A 169 -0.06 13.57 -15.89
CA THR A 169 1.29 13.21 -16.37
C THR A 169 1.77 11.97 -15.62
N PHE A 170 1.71 10.83 -16.29
CA PHE A 170 1.87 9.57 -15.58
C PHE A 170 3.29 9.36 -15.09
N PRO A 171 3.46 8.65 -13.99
CA PRO A 171 4.82 8.30 -13.54
C PRO A 171 5.57 7.49 -14.58
N ALA A 172 6.86 7.74 -14.69
CA ALA A 172 7.65 6.98 -15.64
C ALA A 172 7.75 5.53 -15.21
N VAL A 173 7.62 4.62 -16.16
CA VAL A 173 7.80 3.19 -15.93
C VAL A 173 9.09 2.74 -16.61
N LEU A 174 9.96 2.14 -15.81
CA LEU A 174 11.14 1.48 -16.34
C LEU A 174 10.76 0.51 -17.47
N GLN A 175 11.52 0.50 -18.55
CA GLN A 175 11.27 -0.42 -19.64
C GLN A 175 12.35 -1.50 -19.68
N SER A 176 12.15 -2.46 -20.59
CA SER A 176 13.12 -3.56 -20.68
C SER A 176 14.49 -3.04 -21.08
N SER A 177 14.51 -2.02 -21.92
CA SER A 177 15.69 -1.29 -22.35
C SER A 177 16.36 -0.47 -21.26
N GLY A 178 16.19 -0.77 -19.97
CA GLY A 178 16.91 -0.03 -18.93
C GLY A 178 16.58 1.45 -18.80
N LEU A 179 15.58 1.91 -19.54
CA LEU A 179 15.27 3.33 -19.70
C LEU A 179 13.82 3.65 -19.35
N TYR A 180 13.64 4.83 -18.74
CA TYR A 180 12.34 5.39 -18.39
C TYR A 180 11.53 5.75 -19.63
N SER A 181 10.27 6.05 -19.38
CA SER A 181 9.28 6.26 -20.43
C SER A 181 7.98 6.64 -19.76
N LEU A 182 7.19 7.46 -20.42
CA LEU A 182 6.21 8.25 -19.70
C LEU A 182 5.29 8.91 -20.72
N SER A 183 4.11 9.29 -20.25
CA SER A 183 3.18 9.99 -21.11
C SER A 183 2.64 11.18 -20.34
N SER A 184 1.83 11.98 -21.02
CA SER A 184 1.17 13.13 -20.40
C SER A 184 -0.03 13.48 -21.27
N VAL A 185 -1.21 13.53 -20.68
CA VAL A 185 -2.43 13.69 -21.45
C VAL A 185 -3.32 14.70 -20.75
N VAL A 186 -4.42 15.08 -21.42
CA VAL A 186 -5.35 16.06 -20.86
C VAL A 186 -6.62 16.05 -21.69
N THR A 187 -7.77 16.14 -21.02
CA THR A 187 -9.05 16.07 -21.70
C THR A 187 -9.62 17.47 -21.87
N VAL A 188 -9.92 17.82 -23.12
CA VAL A 188 -10.42 19.14 -23.49
C VAL A 188 -11.81 18.96 -24.08
N PRO A 189 -12.63 20.01 -24.08
CA PRO A 189 -13.95 19.90 -24.70
C PRO A 189 -13.87 19.77 -26.21
N SER A 190 -14.81 18.99 -26.76
CA SER A 190 -14.77 18.65 -28.18
C SER A 190 -14.64 19.90 -29.05
N SER A 191 -15.34 20.98 -28.67
CA SER A 191 -15.46 22.16 -29.54
C SER A 191 -14.10 22.64 -30.04
N SER A 192 -13.14 22.82 -29.14
CA SER A 192 -12.00 23.70 -29.38
C SER A 192 -10.97 23.15 -30.35
N LEU A 193 -11.37 22.19 -31.19
CA LEU A 193 -10.44 21.46 -32.06
C LEU A 193 -9.46 22.37 -32.80
N GLY A 194 -9.98 23.29 -33.60
CA GLY A 194 -9.16 24.23 -34.33
C GLY A 194 -9.16 25.62 -33.74
N THR A 195 -10.05 25.86 -32.77
CA THR A 195 -10.15 27.10 -32.03
C THR A 195 -8.89 27.35 -31.19
N GLN A 196 -8.73 26.59 -30.09
CA GLN A 196 -7.50 26.64 -29.29
C GLN A 196 -6.44 25.72 -29.89
N THR A 197 -5.22 25.80 -29.35
CA THR A 197 -4.06 25.09 -29.86
C THR A 197 -3.25 24.48 -28.71
N TYR A 198 -2.67 23.31 -28.95
CA TYR A 198 -2.14 22.46 -27.88
C TYR A 198 -0.75 21.93 -28.23
N ILE A 199 0.25 22.39 -27.46
CA ILE A 199 1.65 21.97 -27.62
C ILE A 199 2.27 21.75 -26.24
N CYS A 200 2.83 20.55 -26.03
CA CYS A 200 3.49 20.24 -24.77
C CYS A 200 4.95 20.63 -24.81
N ASN A 201 5.49 21.00 -23.65
CA ASN A 201 6.89 21.41 -23.54
C ASN A 201 7.61 20.42 -22.64
N VAL A 202 8.57 19.70 -23.22
CA VAL A 202 9.26 18.58 -22.56
C VAL A 202 10.72 18.98 -22.33
N ASN A 203 11.20 18.81 -21.10
CA ASN A 203 12.50 19.33 -20.70
C ASN A 203 13.26 18.23 -19.99
N HIS A 204 14.47 17.90 -20.47
CA HIS A 204 15.27 16.89 -19.80
C HIS A 204 16.65 17.46 -19.50
N LYS A 205 16.85 17.89 -18.25
CA LYS A 205 18.04 18.68 -17.93
C LYS A 205 19.33 17.89 -18.05
N PRO A 206 19.52 16.72 -17.43
CA PRO A 206 20.86 16.09 -17.46
C PRO A 206 21.38 15.84 -18.86
N SER A 207 20.56 16.10 -19.90
CA SER A 207 21.00 16.05 -21.30
C SER A 207 20.42 17.20 -22.14
N ASN A 208 20.05 18.33 -21.52
CA ASN A 208 19.66 19.58 -22.18
C ASN A 208 18.87 19.34 -23.47
N THR A 209 17.69 18.73 -23.30
CA THR A 209 16.86 18.28 -24.43
C THR A 209 15.56 19.08 -24.54
N LYS A 210 15.49 20.27 -23.93
CA LYS A 210 14.30 21.12 -23.98
C LYS A 210 13.68 21.14 -25.37
N VAL A 211 12.41 20.74 -25.48
CA VAL A 211 11.79 20.52 -26.78
C VAL A 211 10.28 20.71 -26.72
N ASP A 212 9.75 21.70 -27.42
CA ASP A 212 8.30 21.75 -27.54
C ASP A 212 7.89 20.95 -28.76
N LYS A 213 6.63 20.51 -28.75
CA LYS A 213 6.07 19.79 -29.88
C LYS A 213 4.61 20.15 -29.96
N ARG A 214 4.13 20.38 -31.18
CA ARG A 214 2.71 20.57 -31.40
C ARG A 214 2.02 19.21 -31.49
N VAL A 215 0.72 19.20 -31.19
CA VAL A 215 -0.08 17.99 -31.17
C VAL A 215 -1.38 18.31 -31.88
N GLU A 216 -1.70 17.53 -32.92
CA GLU A 216 -2.88 17.79 -33.73
C GLU A 216 -3.26 16.51 -34.45
N PRO A 217 -4.55 16.35 -34.84
CA PRO A 217 -5.11 15.24 -35.63
C PRO A 217 -4.71 15.28 -37.12
N ASP B 1 20.07 7.52 19.19
CA ASP B 1 19.15 8.07 18.19
C ASP B 1 17.68 7.81 18.54
N VAL B 2 16.86 8.82 18.28
CA VAL B 2 15.44 8.85 18.62
C VAL B 2 14.63 8.39 17.40
N LEU B 3 13.93 7.26 17.54
CA LEU B 3 13.12 6.70 16.47
C LEU B 3 11.69 7.24 16.57
N MET B 4 11.15 7.67 15.44
CA MET B 4 9.75 8.10 15.36
C MET B 4 8.97 7.06 14.58
N THR B 5 8.06 6.38 15.24
CA THR B 5 7.26 5.33 14.61
C THR B 5 5.80 5.78 14.53
N GLN B 6 5.32 5.92 13.30
CA GLN B 6 3.93 6.30 13.07
C GLN B 6 3.05 5.07 12.88
N THR B 7 1.75 5.33 12.86
CA THR B 7 0.65 4.38 12.77
C THR B 7 -0.61 5.20 12.52
N PRO B 8 -1.37 4.88 11.47
CA PRO B 8 -1.20 3.80 10.50
C PRO B 8 -0.21 4.11 9.40
N LEU B 9 0.07 3.15 8.54
CA LEU B 9 0.86 3.43 7.36
C LEU B 9 -0.02 3.91 6.21
N SER B 10 -1.19 3.32 6.04
CA SER B 10 -2.20 3.86 5.16
C SER B 10 -3.47 4.17 5.98
N LEU B 11 -4.33 5.04 5.46
CA LEU B 11 -5.40 5.54 6.31
C LEU B 11 -6.48 6.12 5.41
N PRO B 12 -7.37 5.27 4.90
CA PRO B 12 -8.46 5.75 4.03
C PRO B 12 -9.59 6.34 4.85
N VAL B 13 -10.19 7.39 4.32
CA VAL B 13 -11.05 8.27 5.10
C VAL B 13 -11.94 9.04 4.12
N SER B 14 -13.23 9.10 4.38
CA SER B 14 -14.08 9.72 3.38
C SER B 14 -14.16 11.20 3.65
N LEU B 15 -14.31 11.98 2.57
CA LEU B 15 -14.49 13.43 2.75
C LEU B 15 -15.54 13.66 3.81
N GLY B 16 -15.24 14.54 4.76
CA GLY B 16 -16.16 14.87 5.83
C GLY B 16 -15.95 14.11 7.13
N ASP B 17 -15.22 13.01 7.13
CA ASP B 17 -14.89 12.33 8.37
C ASP B 17 -13.65 12.94 9.03
N GLN B 18 -13.16 12.27 10.08
CA GLN B 18 -12.13 12.83 10.94
C GLN B 18 -10.97 11.86 10.90
N ALA B 19 -9.91 12.23 10.17
CA ALA B 19 -8.68 11.46 10.11
C ALA B 19 -7.84 11.74 11.35
N SER B 20 -7.02 10.76 11.72
CA SER B 20 -6.23 10.93 12.95
C SER B 20 -5.02 10.02 12.92
N ILE B 21 -3.83 10.60 13.10
CA ILE B 21 -2.57 9.88 12.92
C ILE B 21 -1.78 9.91 14.23
N SER B 22 -0.96 8.89 14.45
CA SER B 22 -0.27 8.73 15.72
C SER B 22 1.24 8.60 15.52
N CYS B 23 1.99 9.40 16.27
CA CYS B 23 3.45 9.40 16.27
C CYS B 23 3.95 9.04 17.67
N ARG B 24 4.82 8.04 17.75
CA ARG B 24 5.37 7.58 19.02
C ARG B 24 6.90 7.61 18.98
N SER B 25 7.49 8.27 19.97
CA SER B 25 8.93 8.49 20.04
C SER B 25 9.57 7.56 21.05
N SER B 26 10.74 7.03 20.69
CA SER B 26 11.44 6.08 21.54
C SER B 26 11.74 6.67 22.90
N GLN B 27 12.10 7.94 22.94
CA GLN B 27 12.35 8.63 24.19
C GLN B 27 11.69 10.00 24.12
N SER B 28 11.49 10.59 25.31
CA SER B 28 10.72 11.83 25.38
C SER B 28 11.23 12.83 24.37
N ILE B 29 10.34 13.75 23.99
CA ILE B 29 10.63 14.78 23.02
C ILE B 29 10.80 16.12 23.69
N VAL B 30 10.50 16.23 24.98
CA VAL B 30 10.65 17.49 25.69
C VAL B 30 12.13 17.85 25.78
N HIS B 31 12.47 19.06 25.34
CA HIS B 31 13.85 19.52 25.39
C HIS B 31 14.14 20.18 26.73
N SER B 32 15.42 20.48 26.93
CA SER B 32 15.86 21.04 28.20
C SER B 32 15.25 22.42 28.46
N ASN B 33 15.09 23.25 27.41
CA ASN B 33 14.52 24.58 27.64
C ASN B 33 13.07 24.53 28.08
N GLY B 34 12.46 23.35 28.13
CA GLY B 34 11.07 23.18 28.49
C GLY B 34 10.16 23.04 27.30
N ASN B 35 10.56 23.58 26.13
CA ASN B 35 9.78 23.40 24.91
C ASN B 35 9.78 21.95 24.46
N THR B 36 8.83 21.63 23.58
CA THR B 36 8.70 20.27 23.08
C THR B 36 8.45 20.39 21.59
N TYR B 37 9.30 19.75 20.78
CA TYR B 37 9.51 20.15 19.40
C TYR B 37 9.01 19.04 18.50
N LEU B 38 7.70 18.93 18.42
CA LEU B 38 7.09 18.05 17.44
C LEU B 38 6.57 18.83 16.27
N GLU B 39 6.79 18.30 15.08
CA GLU B 39 6.34 18.99 13.91
C GLU B 39 5.64 17.99 13.00
N TRP B 40 4.61 18.51 12.33
CA TRP B 40 3.80 17.73 11.41
C TRP B 40 3.98 18.34 10.02
N TYR B 41 4.53 17.54 9.11
CA TYR B 41 4.71 17.89 7.70
C TYR B 41 3.78 17.05 6.83
N LEU B 42 3.22 17.69 5.78
CA LEU B 42 2.35 17.04 4.80
C LEU B 42 2.91 17.22 3.40
N GLN B 43 3.33 16.11 2.77
CA GLN B 43 3.89 16.10 1.41
C GLN B 43 2.78 15.71 0.44
N LYS B 44 2.12 16.70 -0.13
CA LYS B 44 1.18 16.42 -1.21
C LYS B 44 1.95 15.81 -2.39
N PRO B 45 1.31 15.05 -3.27
CA PRO B 45 2.10 14.21 -4.20
C PRO B 45 2.85 15.07 -5.20
N GLY B 46 4.12 14.72 -5.41
CA GLY B 46 4.97 15.47 -6.32
C GLY B 46 5.23 16.88 -5.89
N GLN B 47 5.07 17.19 -4.61
CA GLN B 47 5.43 18.49 -4.08
C GLN B 47 6.47 18.27 -3.01
N SER B 48 7.16 19.34 -2.68
CA SER B 48 8.02 19.25 -1.53
C SER B 48 7.14 19.19 -0.29
N PRO B 49 7.68 18.78 0.84
CA PRO B 49 6.91 18.86 2.08
C PRO B 49 6.40 20.28 2.34
N LYS B 50 5.46 20.37 3.28
CA LYS B 50 4.88 21.63 3.71
C LYS B 50 4.64 21.49 5.20
N LEU B 51 4.80 22.59 5.93
CA LEU B 51 4.70 22.53 7.39
C LEU B 51 3.26 22.77 7.82
N LEU B 52 2.83 21.99 8.83
CA LEU B 52 1.46 22.06 9.33
C LEU B 52 1.39 22.50 10.78
N ILE B 53 2.00 21.74 11.71
CA ILE B 53 1.96 22.03 13.14
C ILE B 53 3.39 22.05 13.66
N TYR B 54 3.73 23.07 14.46
CA TYR B 54 4.99 23.06 15.20
C TYR B 54 4.75 23.16 16.71
N LYS B 55 5.83 22.84 17.43
CA LYS B 55 5.81 22.81 18.88
C LYS B 55 4.48 22.20 19.37
N VAL B 56 4.32 20.93 18.96
CA VAL B 56 3.25 19.98 19.29
C VAL B 56 1.87 20.36 18.76
N SER B 57 1.37 21.52 19.19
CA SER B 57 -0.01 21.88 19.02
C SER B 57 -0.19 23.26 18.40
N ASN B 58 0.77 23.76 17.63
CA ASN B 58 0.67 25.10 17.04
C ASN B 58 0.60 25.07 15.53
N ARG B 59 -0.38 25.78 14.97
CA ARG B 59 -0.59 25.81 13.53
C ARG B 59 0.25 26.90 12.89
N PHE B 60 1.20 26.49 12.06
CA PHE B 60 1.92 27.42 11.20
C PHE B 60 0.96 28.23 10.33
N SER B 61 1.37 29.45 10.01
CA SER B 61 0.48 30.34 9.28
C SER B 61 0.04 29.69 7.98
N GLY B 62 -1.24 29.83 7.65
CA GLY B 62 -1.82 29.29 6.46
C GLY B 62 -2.52 27.96 6.65
N VAL B 63 -2.09 27.15 7.60
CA VAL B 63 -2.68 25.82 7.76
C VAL B 63 -4.12 25.96 8.26
N PRO B 64 -5.11 25.35 7.54
CA PRO B 64 -6.52 25.37 7.99
C PRO B 64 -6.76 24.91 9.41
N ASP B 65 -7.95 25.27 9.90
CA ASP B 65 -8.34 25.12 11.30
C ASP B 65 -8.78 23.70 11.63
N ARG B 66 -9.06 22.88 10.59
CA ARG B 66 -9.29 21.44 10.70
C ARG B 66 -8.09 20.66 11.23
N PHE B 67 -6.89 21.22 11.14
CA PHE B 67 -5.67 20.52 11.54
C PHE B 67 -5.29 20.85 12.97
N SER B 68 -4.81 19.84 13.71
CA SER B 68 -4.59 20.05 15.13
C SER B 68 -3.66 18.99 15.71
N GLY B 69 -2.79 19.43 16.62
CA GLY B 69 -1.89 18.55 17.33
C GLY B 69 -2.05 18.50 18.84
N SER B 70 -1.57 17.42 19.43
CA SER B 70 -1.81 17.10 20.81
C SER B 70 -0.83 16.02 21.23
N GLY B 71 -0.33 16.12 22.44
CA GLY B 71 0.53 15.08 22.95
C GLY B 71 1.53 15.64 23.93
N SER B 72 2.36 14.73 24.44
CA SER B 72 3.39 15.08 25.40
C SER B 72 4.22 13.85 25.72
N GLY B 73 5.53 14.01 25.80
CA GLY B 73 6.41 12.92 26.13
C GLY B 73 6.71 12.07 24.92
N THR B 74 6.20 10.85 24.88
CA THR B 74 6.52 9.95 23.80
C THR B 74 5.33 9.68 22.89
N ASP B 75 4.20 10.37 23.08
CA ASP B 75 3.00 10.03 22.33
C ASP B 75 2.28 11.28 21.82
N PHE B 76 2.01 11.33 20.52
CA PHE B 76 1.44 12.48 19.83
C PHE B 76 0.46 12.04 18.75
N THR B 77 -0.30 13.04 18.25
CA THR B 77 -1.47 12.78 17.43
C THR B 77 -1.81 14.00 16.59
N LEU B 78 -1.74 13.84 15.27
CA LEU B 78 -2.33 14.83 14.36
C LEU B 78 -3.74 14.35 14.02
N LYS B 79 -4.67 15.30 13.92
CA LYS B 79 -6.07 14.93 13.65
C LYS B 79 -6.67 15.96 12.71
N ILE B 80 -6.98 15.52 11.49
CA ILE B 80 -7.82 16.32 10.59
C ILE B 80 -9.25 16.01 10.93
N SER B 81 -10.00 17.05 11.31
CA SER B 81 -11.44 16.99 11.42
C SER B 81 -12.03 17.46 10.10
N ARG B 82 -13.06 16.74 9.62
CA ARG B 82 -13.73 17.04 8.35
C ARG B 82 -12.77 17.07 7.15
N VAL B 83 -12.36 15.87 6.65
CA VAL B 83 -11.32 15.75 5.59
C VAL B 83 -11.81 16.30 4.24
N GLU B 84 -10.87 16.69 3.38
CA GLU B 84 -11.20 17.23 2.07
C GLU B 84 -10.24 16.66 1.02
N ALA B 85 -10.73 16.64 -0.23
CA ALA B 85 -9.93 16.05 -1.31
C ALA B 85 -8.53 16.66 -1.34
N GLU B 86 -8.44 17.98 -1.20
CA GLU B 86 -7.16 18.66 -1.09
C GLU B 86 -6.24 18.09 0.00
N ASP B 87 -6.71 17.21 0.91
CA ASP B 87 -5.83 16.80 2.00
C ASP B 87 -5.04 15.52 1.74
N LEU B 88 -5.17 14.91 0.57
CA LEU B 88 -4.52 13.63 0.36
C LEU B 88 -3.00 13.80 0.25
N GLY B 89 -2.27 12.93 0.92
CA GLY B 89 -0.82 12.94 0.82
C GLY B 89 -0.17 12.15 1.95
N VAL B 90 1.10 12.40 2.17
CA VAL B 90 1.85 11.71 3.21
C VAL B 90 2.13 12.69 4.34
N TYR B 91 1.92 12.24 5.58
CA TYR B 91 1.97 13.07 6.78
C TYR B 91 3.11 12.54 7.65
N TYR B 92 4.12 13.39 7.88
CA TYR B 92 5.30 13.03 8.66
C TYR B 92 5.33 13.82 9.94
N CYS B 93 5.57 13.14 11.05
CA CYS B 93 5.99 13.83 12.26
C CYS B 93 7.50 13.91 12.26
N PHE B 94 8.02 14.95 12.90
CA PHE B 94 9.45 15.22 12.94
C PHE B 94 9.74 15.80 14.29
N GLN B 95 10.77 15.31 14.95
CA GLN B 95 11.22 15.92 16.19
C GLN B 95 12.49 16.72 15.93
N GLY B 96 12.54 17.91 16.52
CA GLY B 96 13.70 18.76 16.39
C GLY B 96 14.20 19.15 17.77
N SER B 97 14.15 18.20 18.70
CA SER B 97 14.56 18.42 20.08
C SER B 97 15.96 17.88 20.35
N HIS B 98 16.22 16.62 19.97
CA HIS B 98 17.46 15.91 20.27
C HIS B 98 18.24 15.61 19.00
N VAL B 99 19.54 15.86 19.05
CA VAL B 99 20.39 15.63 17.87
C VAL B 99 20.79 14.16 17.83
N PRO B 100 20.69 13.50 16.69
CA PRO B 100 20.24 14.03 15.40
C PRO B 100 18.71 14.16 15.30
N TYR B 101 18.25 15.04 14.43
CA TYR B 101 16.82 15.27 14.25
C TYR B 101 16.27 14.28 13.23
N THR B 102 15.22 13.53 13.63
CA THR B 102 14.66 12.46 12.82
C THR B 102 13.18 12.68 12.47
N PHE B 103 12.75 11.97 11.45
CA PHE B 103 11.37 11.94 10.97
C PHE B 103 10.69 10.61 11.29
N GLY B 104 9.35 10.64 11.20
CA GLY B 104 8.59 9.41 11.22
C GLY B 104 8.59 8.81 9.85
N GLY B 105 8.06 7.57 9.77
CA GLY B 105 8.00 6.89 8.49
C GLY B 105 6.96 7.44 7.54
N GLY B 106 5.93 8.10 8.05
CA GLY B 106 4.88 8.66 7.21
C GLY B 106 3.57 7.90 7.37
N THR B 107 2.54 8.45 6.73
CA THR B 107 1.16 7.96 6.86
C THR B 107 0.42 8.46 5.61
N LYS B 108 0.31 7.60 4.59
CA LYS B 108 -0.39 7.95 3.37
C LYS B 108 -1.87 8.05 3.68
N LEU B 109 -2.45 9.24 3.60
CA LEU B 109 -3.88 9.39 3.82
C LEU B 109 -4.53 9.28 2.45
N GLU B 110 -5.34 8.24 2.27
CA GLU B 110 -6.10 8.03 1.04
C GLU B 110 -7.52 8.51 1.25
N ILE B 111 -8.11 9.07 0.19
CA ILE B 111 -9.52 9.41 0.18
C ILE B 111 -10.31 8.20 -0.27
N LYS B 112 -11.55 8.07 0.22
CA LYS B 112 -12.49 7.03 -0.21
C LYS B 112 -13.70 7.71 -0.84
N ARG B 113 -13.98 7.39 -2.11
CA ARG B 113 -15.14 7.93 -2.81
C ARG B 113 -15.98 6.80 -3.38
N THR B 114 -17.16 7.19 -3.87
CA THR B 114 -18.04 6.28 -4.57
C THR B 114 -17.36 5.77 -5.85
N VAL B 115 -17.75 4.56 -6.28
CA VAL B 115 -17.31 3.99 -7.56
C VAL B 115 -17.46 4.99 -8.70
N ALA B 116 -16.56 4.90 -9.66
CA ALA B 116 -16.59 5.72 -10.87
C ALA B 116 -16.06 4.88 -12.01
N ALA B 117 -16.87 4.72 -13.09
CA ALA B 117 -16.38 3.96 -14.23
C ALA B 117 -15.47 4.84 -15.08
N PRO B 118 -14.40 4.27 -15.64
CA PRO B 118 -13.45 5.07 -16.40
C PRO B 118 -13.94 5.34 -17.82
N SER B 119 -13.66 6.54 -18.30
CA SER B 119 -13.65 6.78 -19.73
C SER B 119 -12.49 6.00 -20.34
N VAL B 120 -12.69 5.41 -21.51
CA VAL B 120 -11.59 4.72 -22.20
C VAL B 120 -11.28 5.42 -23.51
N PHE B 121 -9.99 5.60 -23.79
CA PHE B 121 -9.51 6.16 -25.03
C PHE B 121 -8.32 5.33 -25.51
N ILE B 122 -8.10 5.28 -26.82
CA ILE B 122 -6.98 4.53 -27.38
C ILE B 122 -6.25 5.39 -28.42
N PHE B 123 -4.94 5.19 -28.51
CA PHE B 123 -4.07 6.05 -29.30
C PHE B 123 -3.15 5.23 -30.19
N PRO B 124 -3.18 5.41 -31.51
CA PRO B 124 -2.30 4.64 -32.41
C PRO B 124 -0.92 5.27 -32.47
N PRO B 125 0.11 4.51 -32.86
CA PRO B 125 1.48 5.04 -32.80
C PRO B 125 1.65 6.22 -33.74
N SER B 126 2.45 7.18 -33.30
CA SER B 126 2.65 8.39 -34.07
C SER B 126 3.44 8.07 -35.34
N ASP B 127 3.17 8.87 -36.38
CA ASP B 127 3.83 8.65 -37.66
C ASP B 127 5.33 8.84 -37.54
N GLU B 128 5.76 9.95 -36.93
CA GLU B 128 7.18 10.18 -36.73
C GLU B 128 7.85 9.00 -36.05
N GLN B 129 7.17 8.40 -35.08
CA GLN B 129 7.74 7.26 -34.38
C GLN B 129 7.76 6.03 -35.27
N LEU B 130 6.73 5.86 -36.11
CA LEU B 130 6.73 4.77 -37.09
C LEU B 130 7.90 4.86 -38.05
N LYS B 131 8.35 6.08 -38.35
CA LYS B 131 9.56 6.27 -39.13
C LYS B 131 10.82 5.95 -38.30
N SER B 132 10.69 5.84 -36.99
CA SER B 132 11.82 5.48 -36.15
C SER B 132 12.02 3.97 -36.05
N GLY B 133 11.02 3.18 -36.42
CA GLY B 133 11.12 1.74 -36.39
C GLY B 133 10.47 1.08 -35.21
N THR B 134 10.13 1.85 -34.17
CA THR B 134 9.38 1.36 -33.03
C THR B 134 7.93 1.81 -33.14
N ALA B 135 7.08 1.24 -32.30
CA ALA B 135 5.67 1.62 -32.30
C ALA B 135 5.05 1.40 -30.92
N SER B 136 4.22 2.33 -30.48
CA SER B 136 3.65 2.27 -29.14
C SER B 136 2.17 2.55 -29.21
N VAL B 137 1.35 1.54 -28.90
CA VAL B 137 -0.10 1.70 -28.85
C VAL B 137 -0.51 1.94 -27.40
N VAL B 138 -1.17 3.08 -27.14
CA VAL B 138 -1.39 3.59 -25.79
C VAL B 138 -2.89 3.62 -25.50
N CYS B 139 -3.27 3.05 -24.36
CA CYS B 139 -4.65 2.97 -23.93
C CYS B 139 -4.82 3.64 -22.58
N LEU B 140 -5.88 4.43 -22.45
CA LEU B 140 -6.08 5.32 -21.32
C LEU B 140 -7.41 4.99 -20.65
N LEU B 141 -7.35 4.70 -19.35
CA LEU B 141 -8.51 4.72 -18.50
C LEU B 141 -8.42 6.00 -17.67
N ASN B 142 -9.49 6.79 -17.66
CA ASN B 142 -9.47 8.15 -17.11
C ASN B 142 -10.50 8.33 -16.01
N ASN B 143 -10.04 8.70 -14.80
CA ASN B 143 -10.89 9.12 -13.69
C ASN B 143 -11.88 8.02 -13.30
N PHE B 144 -11.33 6.99 -12.66
CA PHE B 144 -12.09 5.86 -12.16
C PHE B 144 -11.68 5.59 -10.71
N TYR B 145 -12.44 4.72 -10.04
CA TYR B 145 -12.27 4.35 -8.65
C TYR B 145 -13.04 3.08 -8.43
N PRO B 146 -12.49 2.10 -7.75
CA PRO B 146 -11.17 2.10 -7.10
C PRO B 146 -10.06 1.91 -8.11
N ARG B 147 -8.83 2.12 -7.63
CA ARG B 147 -7.63 2.01 -8.46
C ARG B 147 -7.62 0.74 -9.30
N GLU B 148 -8.26 -0.34 -8.83
CA GLU B 148 -8.11 -1.64 -9.46
C GLU B 148 -8.86 -1.69 -10.79
N ALA B 149 -8.15 -2.11 -11.83
CA ALA B 149 -8.72 -2.27 -13.17
C ALA B 149 -8.04 -3.45 -13.86
N LYS B 150 -8.78 -4.08 -14.77
CA LYS B 150 -8.22 -5.10 -15.65
C LYS B 150 -8.06 -4.48 -17.03
N VAL B 151 -6.83 -4.50 -17.54
CA VAL B 151 -6.56 -4.03 -18.89
C VAL B 151 -6.05 -5.20 -19.70
N GLN B 152 -6.74 -5.51 -20.81
CA GLN B 152 -6.35 -6.58 -21.70
C GLN B 152 -6.31 -6.06 -23.14
N TRP B 153 -5.17 -6.22 -23.80
CA TRP B 153 -4.98 -5.93 -25.21
C TRP B 153 -5.33 -7.15 -26.07
N LYS B 154 -6.00 -6.93 -27.21
CA LYS B 154 -6.26 -7.99 -28.19
C LYS B 154 -5.91 -7.52 -29.60
N VAL B 155 -4.92 -8.15 -30.22
CA VAL B 155 -4.53 -7.85 -31.60
C VAL B 155 -5.24 -8.83 -32.55
N ASP B 156 -6.15 -8.29 -33.37
CA ASP B 156 -6.88 -9.08 -34.38
C ASP B 156 -7.71 -10.20 -33.74
N ASN B 157 -8.28 -9.93 -32.56
CA ASN B 157 -9.09 -10.89 -31.81
C ASN B 157 -8.26 -12.06 -31.27
N ALA B 158 -7.00 -11.82 -30.90
CA ALA B 158 -6.26 -12.72 -30.02
C ALA B 158 -5.38 -11.86 -29.11
N LEU B 159 -5.37 -12.18 -27.82
CA LEU B 159 -4.72 -11.33 -26.84
C LEU B 159 -3.21 -11.49 -26.88
N GLN B 160 -2.48 -10.37 -26.90
CA GLN B 160 -1.04 -10.47 -26.76
C GLN B 160 -0.67 -10.61 -25.27
N SER B 161 0.63 -10.63 -24.98
CA SER B 161 1.10 -10.78 -23.61
C SER B 161 2.60 -10.56 -23.55
N GLY B 162 3.06 -10.14 -22.36
CA GLY B 162 4.45 -9.89 -22.09
C GLY B 162 5.02 -8.62 -22.68
N ASN B 163 4.24 -7.87 -23.46
CA ASN B 163 4.76 -6.75 -24.23
C ASN B 163 4.01 -5.45 -23.98
N SER B 164 3.46 -5.26 -22.78
CA SER B 164 2.78 -4.02 -22.43
C SER B 164 3.09 -3.65 -20.98
N GLN B 165 3.07 -2.34 -20.70
CA GLN B 165 3.25 -1.82 -19.35
C GLN B 165 2.02 -1.04 -18.92
N GLU B 166 1.92 -0.82 -17.60
CA GLU B 166 0.87 -0.02 -16.98
C GLU B 166 1.50 1.09 -16.14
N SER B 167 0.79 2.22 -16.06
CA SER B 167 1.15 3.31 -15.16
C SER B 167 -0.11 3.92 -14.56
N VAL B 168 -0.03 4.31 -13.28
CA VAL B 168 -1.20 4.71 -12.49
C VAL B 168 -0.97 6.10 -11.92
N THR B 169 -1.89 7.02 -12.21
CA THR B 169 -1.85 8.36 -11.63
C THR B 169 -1.93 8.25 -10.12
N GLU B 170 -1.43 9.28 -9.45
CA GLU B 170 -1.69 9.33 -8.02
C GLU B 170 -3.07 9.94 -7.79
N GLN B 171 -3.60 9.81 -6.57
CA GLN B 171 -5.00 10.16 -6.34
C GLN B 171 -5.27 11.63 -6.67
N ASP B 172 -6.35 11.89 -7.39
CA ASP B 172 -6.65 13.28 -7.72
C ASP B 172 -6.96 14.08 -6.46
N SER B 173 -6.26 15.20 -6.28
CA SER B 173 -6.55 16.03 -5.12
C SER B 173 -7.75 16.93 -5.32
N LYS B 174 -8.41 16.90 -6.48
CA LYS B 174 -9.69 17.57 -6.64
C LYS B 174 -10.85 16.58 -6.58
N ASP B 175 -10.92 15.62 -7.52
CA ASP B 175 -12.06 14.70 -7.58
C ASP B 175 -11.74 13.28 -7.12
N SER B 176 -10.62 13.07 -6.46
CA SER B 176 -10.36 11.84 -5.70
C SER B 176 -10.16 10.60 -6.56
N THR B 177 -10.17 10.68 -7.89
CA THR B 177 -10.05 9.50 -8.75
C THR B 177 -8.62 9.25 -9.19
N TYR B 178 -8.42 8.09 -9.85
CA TYR B 178 -7.16 7.67 -10.44
C TYR B 178 -7.33 7.56 -11.95
N SER B 179 -6.19 7.60 -12.66
CA SER B 179 -6.14 7.45 -14.10
C SER B 179 -5.01 6.49 -14.48
N LEU B 180 -5.27 5.63 -15.46
CA LEU B 180 -4.36 4.55 -15.80
C LEU B 180 -3.94 4.64 -17.27
N SER B 181 -2.72 4.15 -17.56
CA SER B 181 -2.22 4.08 -18.92
C SER B 181 -1.74 2.66 -19.23
N SER B 182 -1.97 2.23 -20.46
CA SER B 182 -1.44 0.96 -20.98
C SER B 182 -0.66 1.20 -22.27
N THR B 183 0.64 0.97 -22.25
CA THR B 183 1.46 1.14 -23.44
C THR B 183 1.86 -0.23 -24.00
N LEU B 184 1.61 -0.45 -25.29
CA LEU B 184 1.98 -1.70 -25.96
C LEU B 184 3.20 -1.50 -26.85
N THR B 185 4.24 -2.30 -26.62
CA THR B 185 5.54 -2.09 -27.27
C THR B 185 5.71 -3.10 -28.41
N LEU B 186 5.54 -2.61 -29.65
CA LEU B 186 5.66 -3.41 -30.87
C LEU B 186 6.64 -2.76 -31.85
N SER B 187 7.33 -3.60 -32.61
CA SER B 187 8.22 -3.13 -33.67
C SER B 187 7.43 -2.65 -34.87
N LYS B 188 8.01 -1.72 -35.63
CA LYS B 188 7.34 -1.21 -36.83
C LYS B 188 6.87 -2.35 -37.72
N ALA B 189 7.66 -3.44 -37.79
CA ALA B 189 7.29 -4.59 -38.60
C ALA B 189 6.05 -5.28 -38.05
N ASP B 190 6.04 -5.59 -36.75
CA ASP B 190 4.87 -6.24 -36.18
C ASP B 190 3.66 -5.32 -36.12
N TYR B 191 3.89 -3.99 -36.00
CA TYR B 191 2.75 -3.06 -36.03
C TYR B 191 2.18 -2.94 -37.43
N GLU B 192 3.04 -2.77 -38.44
CA GLU B 192 2.62 -2.73 -39.84
C GLU B 192 2.41 -4.13 -40.40
N LYS B 193 1.82 -5.02 -39.61
CA LYS B 193 1.69 -6.43 -39.97
C LYS B 193 0.28 -6.95 -39.70
N HIS B 194 -0.37 -6.38 -38.69
CA HIS B 194 -1.71 -6.78 -38.29
C HIS B 194 -2.68 -5.63 -38.59
N LYS B 195 -3.98 -5.91 -38.40
CA LYS B 195 -5.04 -5.01 -38.80
C LYS B 195 -5.77 -4.38 -37.61
N VAL B 196 -6.38 -5.19 -36.74
CA VAL B 196 -7.34 -4.74 -35.73
C VAL B 196 -6.65 -4.70 -34.36
N TYR B 197 -6.59 -3.52 -33.77
CA TYR B 197 -5.95 -3.28 -32.48
C TYR B 197 -7.00 -2.89 -31.45
N ALA B 198 -7.06 -3.62 -30.32
CA ALA B 198 -8.13 -3.44 -29.36
C ALA B 198 -7.64 -3.41 -27.92
N CYS B 199 -8.32 -2.57 -27.11
CA CYS B 199 -8.03 -2.37 -25.69
C CYS B 199 -9.30 -2.63 -24.86
N GLU B 200 -9.32 -3.73 -24.10
CA GLU B 200 -10.51 -4.13 -23.34
C GLU B 200 -10.35 -3.79 -21.86
N VAL B 201 -11.33 -3.07 -21.31
CA VAL B 201 -11.30 -2.56 -19.94
C VAL B 201 -12.35 -3.31 -19.14
N THR B 202 -11.91 -3.94 -18.05
CA THR B 202 -12.77 -4.60 -17.07
C THR B 202 -12.60 -3.86 -15.75
N HIS B 203 -13.69 -3.25 -15.27
CA HIS B 203 -13.57 -2.44 -14.06
C HIS B 203 -14.82 -2.51 -13.19
N GLN B 204 -14.60 -2.58 -11.87
CA GLN B 204 -15.64 -2.70 -10.85
C GLN B 204 -16.69 -1.59 -10.86
N GLY B 205 -16.79 -0.84 -11.96
CA GLY B 205 -17.80 0.17 -12.07
C GLY B 205 -18.58 -0.02 -13.34
N LEU B 206 -17.92 -0.70 -14.30
CA LEU B 206 -18.52 -1.07 -15.58
C LEU B 206 -19.18 -2.43 -15.46
N SER B 207 -20.49 -2.49 -15.76
CA SER B 207 -21.19 -3.78 -15.72
C SER B 207 -20.58 -4.77 -16.72
N SER B 208 -20.37 -4.34 -17.97
CA SER B 208 -19.81 -5.19 -19.03
C SER B 208 -18.47 -4.63 -19.49
N PRO B 209 -17.42 -5.48 -19.65
CA PRO B 209 -16.14 -4.94 -20.12
C PRO B 209 -16.32 -4.08 -21.35
N VAL B 210 -15.82 -2.85 -21.29
CA VAL B 210 -15.95 -1.88 -22.36
C VAL B 210 -14.64 -1.88 -23.14
N THR B 211 -14.74 -1.92 -24.48
CA THR B 211 -13.59 -2.02 -25.36
C THR B 211 -13.55 -0.85 -26.34
N LYS B 212 -12.34 -0.33 -26.59
CA LYS B 212 -12.09 0.67 -27.62
C LYS B 212 -10.92 0.17 -28.47
N SER B 213 -11.00 0.40 -29.78
CA SER B 213 -10.12 -0.31 -30.71
C SER B 213 -9.99 0.49 -32.01
N PHE B 214 -8.88 0.27 -32.72
CA PHE B 214 -8.67 0.93 -34.01
C PHE B 214 -8.07 -0.05 -35.02
N ASN B 215 -8.45 0.15 -36.29
CA ASN B 215 -7.94 -0.61 -37.43
C ASN B 215 -6.88 0.22 -38.16
N ARG B 216 -5.68 -0.35 -38.31
CA ARG B 216 -4.50 0.38 -38.77
C ARG B 216 -4.75 1.24 -40.01
N GLY B 217 -5.27 2.46 -39.81
CA GLY B 217 -5.51 3.40 -40.90
C GLY B 217 -6.86 4.06 -40.84
N GLU B 218 -6.89 5.37 -40.57
CA GLU B 218 -8.13 6.12 -40.42
C GLU B 218 -7.94 7.58 -40.86
N GLU C 18 31.31 37.71 12.23
CA GLU C 18 30.72 36.43 12.56
C GLU C 18 30.31 36.32 14.05
N ALA C 19 29.62 37.35 14.55
CA ALA C 19 28.98 37.30 15.86
C ALA C 19 27.85 38.32 15.85
N ILE C 20 26.97 38.25 16.86
CA ILE C 20 25.78 39.08 16.81
C ILE C 20 26.11 40.49 17.29
N GLN C 21 25.29 41.46 16.86
CA GLN C 21 25.55 42.88 17.10
C GLN C 21 24.87 43.34 18.40
N VAL C 22 25.47 42.96 19.54
CA VAL C 22 25.05 43.41 20.86
C VAL C 22 25.29 44.92 21.00
N THR C 23 24.24 45.67 21.33
CA THR C 23 24.30 47.13 21.42
C THR C 23 23.91 47.58 22.82
N GLN C 24 24.91 48.01 23.60
CA GLN C 24 24.66 48.69 24.87
C GLN C 24 24.62 50.19 24.66
N PRO C 25 24.18 50.94 25.67
CA PRO C 25 24.47 52.39 25.70
C PRO C 25 25.79 52.69 26.40
N SER C 26 26.40 53.80 25.97
CA SER C 26 27.73 54.24 26.42
C SER C 26 27.84 54.48 27.92
N VAL C 27 27.32 55.61 28.38
CA VAL C 27 27.34 55.98 29.80
C VAL C 27 25.91 55.93 30.31
N VAL C 28 25.76 55.38 31.52
CA VAL C 28 24.45 55.19 32.13
C VAL C 28 24.47 55.78 33.54
N LEU C 29 23.44 56.58 33.85
CA LEU C 29 23.35 57.41 35.06
C LEU C 29 22.49 56.72 36.12
N ALA C 30 23.14 56.01 37.05
CA ALA C 30 22.42 55.24 38.04
C ALA C 30 21.44 56.11 38.84
N SER C 31 20.36 55.49 39.29
CA SER C 31 19.19 56.22 39.75
C SER C 31 19.32 56.58 41.22
N SER C 32 18.27 57.24 41.73
CA SER C 32 18.15 57.71 43.10
C SER C 32 18.56 56.66 44.11
N HIS C 33 17.72 55.64 44.28
CA HIS C 33 18.04 54.53 45.15
C HIS C 33 19.14 53.59 44.57
N GLY C 34 19.81 53.97 43.48
CA GLY C 34 20.92 53.21 42.94
C GLY C 34 20.50 52.04 42.07
N VAL C 35 19.78 52.33 40.98
CA VAL C 35 19.20 51.33 40.09
C VAL C 35 19.43 51.80 38.66
N ALA C 36 20.30 51.12 37.92
CA ALA C 36 20.62 51.51 36.56
C ALA C 36 19.75 50.71 35.60
N SER C 37 19.31 51.37 34.52
CA SER C 37 18.45 50.73 33.53
C SER C 37 18.83 51.18 32.12
N PHE C 38 18.97 50.22 31.22
CA PHE C 38 19.42 50.46 29.85
C PHE C 38 19.00 49.27 28.98
N PRO C 39 18.86 49.47 27.67
CA PRO C 39 18.49 48.39 26.76
C PRO C 39 19.71 47.77 26.07
N CYS C 40 19.68 46.45 25.95
CA CYS C 40 20.74 45.68 25.32
C CYS C 40 20.15 44.96 24.11
N GLU C 41 20.34 45.53 22.92
CA GLU C 41 19.75 45.08 21.67
C GLU C 41 20.72 44.20 20.87
N TYR C 42 20.18 43.30 20.03
CA TYR C 42 21.00 42.38 19.24
C TYR C 42 20.36 42.13 17.89
N SER C 43 21.16 41.59 16.95
CA SER C 43 20.77 41.81 15.55
C SER C 43 20.25 40.60 14.80
N PRO C 44 20.93 39.43 14.81
CA PRO C 44 20.23 38.20 14.44
C PRO C 44 19.39 37.69 15.62
N SER C 45 18.19 38.25 15.73
CA SER C 45 17.35 38.08 16.91
C SER C 45 16.03 37.38 16.57
N HIS C 46 16.11 36.33 15.73
CA HIS C 46 15.04 35.39 15.50
C HIS C 46 15.39 34.02 16.06
N ASN C 47 16.11 33.96 17.16
CA ASN C 47 16.42 32.65 17.70
C ASN C 47 16.04 32.66 19.16
N THR C 48 14.75 32.88 19.41
CA THR C 48 14.27 33.43 20.67
C THR C 48 13.94 32.40 21.74
N ASP C 49 14.07 31.10 21.47
CA ASP C 49 13.58 30.09 22.43
C ASP C 49 14.42 30.08 23.70
N GLU C 50 15.71 29.79 23.57
CA GLU C 50 16.65 29.80 24.68
C GLU C 50 17.53 31.03 24.48
N VAL C 51 17.52 31.95 25.44
CA VAL C 51 18.29 33.18 25.33
C VAL C 51 18.82 33.58 26.70
N ARG C 52 19.99 33.02 27.07
CA ARG C 52 20.69 33.38 28.30
C ARG C 52 21.35 34.72 28.11
N VAL C 53 21.17 35.61 29.09
CA VAL C 53 21.77 36.94 29.09
C VAL C 53 22.55 37.06 30.38
N THR C 54 23.82 37.46 30.27
CA THR C 54 24.67 37.59 31.44
C THR C 54 25.21 39.02 31.50
N VAL C 55 25.47 39.47 32.72
CA VAL C 55 26.00 40.80 33.02
C VAL C 55 27.39 40.67 33.63
N LEU C 56 28.39 41.25 32.98
CA LEU C 56 29.76 41.20 33.46
C LEU C 56 30.30 42.62 33.69
N ARG C 57 31.17 42.74 34.70
CA ARG C 57 31.85 44.00 35.02
C ARG C 57 33.35 43.90 34.74
N CYS C 67 25.01 38.94 37.73
CA CYS C 67 23.69 38.35 37.50
C CYS C 67 23.46 37.86 36.06
N ALA C 68 22.89 36.65 35.95
CA ALA C 68 22.56 36.02 34.68
C ALA C 68 21.29 35.16 34.81
N THR C 69 20.50 35.12 33.75
CA THR C 69 19.32 34.27 33.67
C THR C 69 19.10 33.83 32.23
N THR C 70 18.35 32.74 32.05
CA THR C 70 18.05 32.20 30.73
C THR C 70 16.56 32.36 30.44
N PHE C 71 16.25 33.21 29.45
CA PHE C 71 14.88 33.49 29.02
C PHE C 71 14.38 32.41 28.08
N THR C 72 13.32 31.71 28.47
CA THR C 72 12.65 30.78 27.58
C THR C 72 11.18 31.12 27.52
N GLU C 73 10.33 30.09 27.34
CA GLU C 73 8.89 30.19 27.54
C GLU C 73 8.47 29.74 28.94
N LYS C 74 9.06 28.67 29.48
CA LYS C 74 8.77 28.29 30.85
C LYS C 74 9.14 29.41 31.83
N ASN C 75 10.13 30.24 31.49
CA ASN C 75 10.64 31.31 32.36
C ASN C 75 10.66 32.62 31.57
N THR C 76 9.95 33.64 32.08
CA THR C 76 9.64 34.84 31.33
C THR C 76 10.10 36.15 31.98
N VAL C 77 10.10 36.25 33.30
CA VAL C 77 10.80 37.31 34.02
C VAL C 77 12.00 36.67 34.69
N GLY C 78 13.20 37.11 34.32
CA GLY C 78 14.41 36.45 34.74
C GLY C 78 15.08 37.15 35.91
N PHE C 79 16.28 36.65 36.23
CA PHE C 79 17.02 37.09 37.40
C PHE C 79 16.25 36.75 38.67
N LEU C 80 15.56 35.60 38.65
CA LEU C 80 14.92 35.10 39.85
C LEU C 80 15.96 34.82 40.93
N ASP C 81 17.04 34.14 40.55
CA ASP C 81 18.14 33.82 41.46
C ASP C 81 19.13 35.00 41.65
N TYR C 82 18.89 36.18 41.06
CA TYR C 82 19.77 37.34 41.18
C TYR C 82 18.97 38.56 41.54
N PRO C 83 18.56 38.68 42.80
CA PRO C 83 17.55 39.68 43.18
C PRO C 83 17.93 41.12 42.88
N PHE C 84 19.20 41.44 42.64
CA PHE C 84 19.59 42.80 42.34
C PHE C 84 19.32 43.22 40.89
N CYS C 85 18.74 42.33 40.07
CA CYS C 85 18.60 42.50 38.62
C CYS C 85 17.18 42.22 38.14
N SER C 86 16.73 43.01 37.14
CA SER C 86 15.41 42.92 36.53
C SER C 86 15.53 42.91 35.02
N GLY C 87 14.80 41.99 34.37
CA GLY C 87 14.83 41.91 32.92
C GLY C 87 13.52 41.61 32.20
N THR C 88 13.26 42.33 31.11
CA THR C 88 12.07 42.14 30.28
C THR C 88 12.47 42.01 28.81
N PHE C 89 12.30 40.79 28.29
CA PHE C 89 12.61 40.40 26.91
C PHE C 89 11.48 40.75 25.94
N ASN C 90 11.87 41.27 24.76
CA ASN C 90 11.03 41.22 23.57
C ASN C 90 11.91 41.39 22.33
N GLU C 91 12.21 40.29 21.64
CA GLU C 91 12.77 40.34 20.27
C GLU C 91 14.14 40.99 20.29
N SER C 92 14.33 42.11 19.60
CA SER C 92 15.65 42.67 19.33
C SER C 92 16.12 43.68 20.39
N ARG C 93 15.44 43.76 21.56
CA ARG C 93 15.80 44.64 22.67
C ARG C 93 15.52 43.93 24.01
N VAL C 94 16.42 44.10 24.97
CA VAL C 94 16.21 43.62 26.34
C VAL C 94 16.37 44.80 27.27
N ASN C 95 15.25 45.25 27.86
CA ASN C 95 15.24 46.32 28.85
C ASN C 95 15.74 45.75 30.19
N LEU C 96 16.86 46.30 30.66
CA LEU C 96 17.68 45.78 31.75
C LEU C 96 17.63 46.69 32.96
N THR C 97 17.84 46.10 34.13
CA THR C 97 17.81 46.85 35.39
C THR C 97 18.71 46.18 36.43
N ILE C 98 19.72 46.92 36.89
CA ILE C 98 20.53 46.52 38.03
C ILE C 98 20.24 47.51 39.15
N GLN C 99 19.86 46.99 40.30
CA GLN C 99 19.41 47.76 41.44
C GLN C 99 20.41 47.63 42.59
N GLY C 100 20.36 48.60 43.51
CA GLY C 100 21.20 48.55 44.67
C GLY C 100 22.67 48.83 44.41
N LEU C 101 22.98 49.41 43.26
CA LEU C 101 24.36 49.69 42.95
C LEU C 101 24.87 50.80 43.86
N ARG C 102 26.00 50.54 44.51
CA ARG C 102 26.74 51.52 45.29
C ARG C 102 27.56 52.41 44.36
N ALA C 103 28.25 53.39 44.96
CA ALA C 103 29.31 54.10 44.25
C ALA C 103 30.58 53.25 44.14
N VAL C 104 30.79 52.33 45.09
CA VAL C 104 31.96 51.47 45.11
C VAL C 104 31.89 50.41 44.03
N ASP C 105 30.91 50.52 43.12
CA ASP C 105 30.71 49.57 42.04
C ASP C 105 30.83 50.18 40.65
N THR C 106 30.65 51.50 40.51
CA THR C 106 30.71 52.29 39.26
C THR C 106 31.69 51.71 38.23
N GLY C 107 31.41 51.93 36.94
CA GLY C 107 32.38 51.59 35.92
C GLY C 107 31.84 50.86 34.71
N LEU C 108 32.51 49.77 34.33
CA LEU C 108 32.27 49.05 33.09
C LEU C 108 31.29 47.90 33.32
N TYR C 109 30.20 47.90 32.55
CA TYR C 109 29.20 46.85 32.64
C TYR C 109 28.94 46.30 31.25
N LEU C 110 28.99 44.96 31.13
CA LEU C 110 28.95 44.25 29.86
C LEU C 110 27.76 43.31 29.79
N CYS C 111 27.19 43.16 28.58
CA CYS C 111 25.99 42.36 28.31
C CYS C 111 26.27 41.30 27.23
N LYS C 112 26.13 40.01 27.59
CA LYS C 112 26.37 38.90 26.67
C LYS C 112 25.07 38.13 26.30
N VAL C 113 24.80 38.02 24.99
CA VAL C 113 23.57 37.49 24.42
C VAL C 113 23.77 36.12 23.77
N GLU C 114 23.57 35.06 24.54
CA GLU C 114 23.64 33.69 24.03
C GLU C 114 22.27 33.18 23.54
N LEU C 115 22.25 32.62 22.33
CA LEU C 115 21.06 32.10 21.65
C LEU C 115 21.22 30.58 21.50
N MET C 116 21.13 29.87 22.62
CA MET C 116 21.34 28.43 22.69
C MET C 116 20.40 27.58 21.82
N TYR C 117 19.30 28.12 21.26
CA TYR C 117 18.45 27.24 20.42
C TYR C 117 17.81 28.03 19.28
N PRO C 118 17.88 27.51 18.05
CA PRO C 118 18.41 26.20 17.64
C PRO C 118 19.92 26.08 17.77
N PRO C 119 20.45 24.86 17.88
CA PRO C 119 21.87 24.67 17.55
C PRO C 119 22.16 25.05 16.13
N PRO C 120 23.38 25.52 15.85
CA PRO C 120 24.50 25.71 16.80
C PRO C 120 24.43 27.14 17.37
N TYR C 121 24.93 27.35 18.59
CA TYR C 121 24.83 28.62 19.32
C TYR C 121 25.18 29.82 18.43
N PHE C 122 24.90 31.04 18.90
CA PHE C 122 25.08 32.21 18.04
C PHE C 122 25.21 33.45 18.94
N VAL C 123 26.44 33.68 19.38
CA VAL C 123 26.73 34.41 20.61
C VAL C 123 27.27 35.80 20.26
N GLY C 124 27.40 36.63 21.30
CA GLY C 124 27.68 38.03 21.11
C GLY C 124 27.94 38.70 22.43
N MET C 125 28.61 39.85 22.36
CA MET C 125 28.96 40.66 23.52
C MET C 125 29.00 42.12 23.08
N GLY C 126 28.74 43.00 24.01
CA GLY C 126 28.70 44.42 23.70
C GLY C 126 29.90 45.18 24.25
N ASN C 127 30.12 46.39 23.72
CA ASN C 127 31.31 47.15 24.09
C ASN C 127 31.32 47.51 25.57
N GLY C 128 30.18 47.41 26.24
CA GLY C 128 30.09 47.65 27.67
C GLY C 128 29.26 48.88 27.96
N THR C 129 29.02 49.10 29.25
CA THR C 129 28.39 50.32 29.71
C THR C 129 29.13 50.91 30.92
N GLN C 130 29.60 52.16 30.77
CA GLN C 130 30.01 52.96 31.92
C GLN C 130 28.76 53.34 32.69
N ILE C 131 28.54 52.72 33.85
CA ILE C 131 27.47 53.10 34.76
C ILE C 131 28.07 53.96 35.87
N TYR C 132 27.77 55.26 35.83
CA TYR C 132 28.26 56.21 36.82
C TYR C 132 27.16 56.46 37.85
N VAL C 133 27.40 55.99 39.08
CA VAL C 133 26.42 55.85 40.16
C VAL C 133 26.38 57.08 41.07
N ILE C 134 25.89 58.20 40.56
CA ILE C 134 25.84 59.41 41.37
C ILE C 134 24.92 59.24 42.59
N GLU D 1 19.50 -28.26 11.86
CA GLU D 1 18.24 -28.24 11.13
C GLU D 1 18.07 -29.45 10.22
N VAL D 2 16.98 -29.46 9.46
CA VAL D 2 16.86 -30.44 8.39
C VAL D 2 17.94 -30.14 7.34
N GLN D 3 18.36 -31.19 6.65
CA GLN D 3 19.41 -31.12 5.64
C GLN D 3 19.43 -32.43 4.87
N LEU D 4 19.36 -32.35 3.55
CA LEU D 4 19.47 -33.51 2.68
C LEU D 4 20.71 -33.36 1.83
N GLN D 5 21.58 -34.39 1.84
CA GLN D 5 22.83 -34.37 1.07
C GLN D 5 22.77 -35.49 0.05
N GLN D 6 22.67 -35.14 -1.22
CA GLN D 6 22.60 -36.17 -2.23
C GLN D 6 24.01 -36.48 -2.74
N SER D 7 24.13 -37.64 -3.41
CA SER D 7 25.40 -38.06 -3.96
C SER D 7 25.86 -37.11 -5.07
N GLY D 8 27.11 -37.30 -5.50
CA GLY D 8 27.74 -36.44 -6.47
C GLY D 8 27.37 -36.76 -7.90
N PRO D 9 27.85 -35.92 -8.82
CA PRO D 9 27.56 -36.16 -10.24
C PRO D 9 28.05 -37.52 -10.66
N VAL D 10 27.44 -38.03 -11.71
CA VAL D 10 27.69 -39.38 -12.18
C VAL D 10 27.63 -39.35 -13.69
N LEU D 11 28.65 -39.89 -14.34
CA LEU D 11 28.66 -40.10 -15.78
C LEU D 11 28.48 -41.59 -16.03
N VAL D 12 27.57 -41.93 -16.92
CA VAL D 12 27.24 -43.32 -17.14
C VAL D 12 26.88 -43.54 -18.59
N LYS D 13 27.51 -44.55 -19.20
CA LYS D 13 27.20 -44.90 -20.58
C LYS D 13 25.76 -45.41 -20.63
N PRO D 14 25.12 -45.31 -21.80
CA PRO D 14 23.73 -45.76 -21.91
C PRO D 14 23.58 -47.22 -21.56
N GLY D 15 22.32 -47.65 -21.45
CA GLY D 15 22.05 -49.04 -21.08
C GLY D 15 22.27 -49.41 -19.63
N ALA D 16 23.27 -48.82 -18.97
CA ALA D 16 23.63 -49.17 -17.59
C ALA D 16 22.56 -48.84 -16.54
N SER D 17 22.99 -48.71 -15.28
CA SER D 17 22.12 -48.38 -14.17
C SER D 17 22.86 -47.51 -13.15
N VAL D 18 22.12 -46.56 -12.59
CA VAL D 18 22.69 -45.63 -11.62
C VAL D 18 21.79 -45.62 -10.39
N LYS D 19 22.40 -45.67 -9.22
CA LYS D 19 21.70 -45.64 -7.93
C LYS D 19 22.33 -44.53 -7.10
N MET D 20 21.58 -43.46 -6.88
CA MET D 20 22.01 -42.30 -6.11
C MET D 20 21.34 -42.30 -4.74
N SER D 21 21.86 -41.46 -3.85
CA SER D 21 21.51 -41.54 -2.44
C SER D 21 21.24 -40.16 -1.85
N CYS D 22 20.37 -40.15 -0.83
CA CYS D 22 19.93 -38.97 -0.09
C CYS D 22 20.02 -39.31 1.40
N LYS D 23 20.96 -38.68 2.10
CA LYS D 23 21.24 -39.00 3.50
C LYS D 23 20.66 -37.90 4.39
N ALA D 24 19.45 -38.15 4.90
CA ALA D 24 18.78 -37.20 5.76
C ALA D 24 19.54 -36.97 7.07
N SER D 25 19.35 -35.80 7.66
CA SER D 25 19.96 -35.46 8.94
C SER D 25 19.17 -34.33 9.59
N GLY D 26 19.19 -34.30 10.91
CA GLY D 26 18.53 -33.25 11.66
C GLY D 26 17.08 -33.50 12.03
N TYR D 27 16.60 -34.74 11.93
CA TYR D 27 15.26 -35.11 12.38
C TYR D 27 15.18 -36.62 12.51
N THR D 28 13.97 -37.13 12.76
CA THR D 28 13.71 -38.56 12.84
C THR D 28 13.54 -39.08 11.41
N PHE D 29 14.63 -39.62 10.86
CA PHE D 29 14.66 -40.08 9.47
C PHE D 29 13.37 -40.78 9.04
N THR D 30 12.88 -41.67 9.88
CA THR D 30 11.84 -42.62 9.48
C THR D 30 10.43 -42.05 9.62
N ASP D 31 10.30 -40.75 9.92
CA ASP D 31 9.03 -40.19 10.38
C ASP D 31 8.17 -39.59 9.27
N TYR D 32 8.76 -38.95 8.26
CA TYR D 32 8.00 -38.32 7.18
C TYR D 32 8.30 -38.94 5.83
N TYR D 33 7.33 -38.87 4.92
CA TYR D 33 7.47 -39.44 3.59
C TYR D 33 8.59 -38.73 2.81
N MET D 34 8.98 -39.34 1.67
CA MET D 34 10.12 -38.90 0.85
C MET D 34 9.77 -38.91 -0.63
N ASN D 35 10.12 -37.83 -1.34
CA ASN D 35 9.88 -37.72 -2.77
C ASN D 35 11.19 -37.53 -3.56
N TRP D 36 11.12 -37.92 -4.82
CA TRP D 36 12.21 -37.70 -5.75
C TRP D 36 11.67 -36.94 -6.95
N VAL D 37 12.39 -35.90 -7.37
CA VAL D 37 11.97 -35.03 -8.47
C VAL D 37 13.04 -35.06 -9.55
N LYS D 38 12.61 -35.19 -10.81
CA LYS D 38 13.49 -35.09 -11.98
C LYS D 38 13.31 -33.71 -12.59
N GLN D 39 14.42 -33.07 -12.93
CA GLN D 39 14.39 -31.84 -13.73
C GLN D 39 15.38 -31.96 -14.89
N SER D 40 14.86 -32.22 -16.09
CA SER D 40 15.67 -32.12 -17.29
C SER D 40 16.27 -30.72 -17.39
N HIS D 41 17.28 -30.57 -18.24
CA HIS D 41 17.87 -29.24 -18.36
C HIS D 41 16.87 -28.23 -18.90
N GLY D 42 15.85 -28.71 -19.64
CA GLY D 42 14.85 -27.81 -20.21
C GLY D 42 14.17 -26.95 -19.16
N LYS D 43 13.61 -27.61 -18.14
CA LYS D 43 13.36 -27.12 -16.79
C LYS D 43 11.90 -27.33 -16.39
N SER D 44 11.17 -28.15 -17.13
CA SER D 44 10.02 -28.76 -16.50
C SER D 44 10.46 -29.39 -15.18
N LEU D 45 9.54 -29.52 -14.22
CA LEU D 45 9.80 -30.40 -13.08
C LEU D 45 8.86 -31.58 -13.16
N GLU D 46 9.29 -32.69 -12.58
CA GLU D 46 8.56 -33.95 -12.73
C GLU D 46 8.55 -34.72 -11.43
N TRP D 47 7.36 -35.15 -11.00
CA TRP D 47 7.28 -36.01 -9.83
C TRP D 47 7.62 -37.45 -10.25
N ILE D 48 8.62 -38.05 -9.58
CA ILE D 48 8.98 -39.45 -9.83
C ILE D 48 8.15 -40.34 -8.91
N GLY D 49 8.42 -40.28 -7.61
CA GLY D 49 7.64 -41.10 -6.69
C GLY D 49 7.89 -40.74 -5.24
N VAL D 50 6.97 -41.25 -4.41
CA VAL D 50 6.98 -41.07 -2.96
C VAL D 50 7.23 -42.43 -2.29
N ILE D 51 8.00 -42.41 -1.19
CA ILE D 51 8.30 -43.60 -0.39
C ILE D 51 8.17 -43.26 1.09
N ASN D 52 7.62 -44.20 1.89
CA ASN D 52 7.54 -44.08 3.35
C ASN D 52 8.73 -44.79 3.97
N PRO D 53 9.66 -44.09 4.62
CA PRO D 53 10.82 -44.80 5.19
C PRO D 53 10.45 -45.98 6.06
N TYR D 54 9.56 -45.78 7.05
CA TYR D 54 9.18 -46.86 7.97
C TYR D 54 8.78 -48.15 7.22
N ASN D 55 7.80 -48.06 6.33
CA ASN D 55 7.32 -49.22 5.60
C ASN D 55 8.22 -49.64 4.45
N GLY D 56 8.87 -48.70 3.79
CA GLY D 56 9.38 -48.95 2.46
C GLY D 56 8.33 -48.89 1.37
N ASP D 57 7.05 -48.70 1.71
CA ASP D 57 6.01 -48.67 0.71
C ASP D 57 6.12 -47.42 -0.16
N THR D 58 5.54 -47.49 -1.35
CA THR D 58 5.84 -46.50 -2.38
C THR D 58 4.62 -46.30 -3.26
N SER D 59 4.38 -45.05 -3.64
CA SER D 59 3.50 -44.73 -4.74
C SER D 59 4.34 -44.07 -5.82
N TYR D 60 4.13 -44.48 -7.07
CA TYR D 60 4.97 -44.08 -8.18
C TYR D 60 4.15 -43.32 -9.20
N ASN D 61 4.79 -42.37 -9.86
CA ASN D 61 4.28 -41.84 -11.12
C ASN D 61 4.41 -42.93 -12.18
N GLN D 62 3.28 -43.37 -12.77
CA GLN D 62 3.39 -44.54 -13.64
C GLN D 62 4.31 -44.30 -14.83
N LYS D 63 4.49 -43.04 -15.23
CA LYS D 63 5.50 -42.70 -16.22
C LYS D 63 6.85 -43.27 -15.87
N PHE D 64 7.08 -43.57 -14.60
CA PHE D 64 8.40 -43.98 -14.11
C PHE D 64 8.41 -45.37 -13.49
N LYS D 65 7.31 -46.13 -13.56
CA LYS D 65 7.18 -47.31 -12.72
C LYS D 65 8.36 -48.26 -12.92
N GLY D 66 8.73 -48.50 -14.19
CA GLY D 66 9.81 -49.41 -14.52
C GLY D 66 11.19 -48.82 -14.77
N LYS D 67 11.36 -47.51 -14.59
CA LYS D 67 12.65 -46.85 -14.78
C LYS D 67 13.30 -46.43 -13.46
N ALA D 68 12.48 -46.11 -12.45
CA ALA D 68 12.96 -45.65 -11.16
C ALA D 68 12.47 -46.58 -10.06
N THR D 69 13.37 -46.96 -9.17
CA THR D 69 13.06 -47.88 -8.08
C THR D 69 13.66 -47.31 -6.81
N LEU D 70 12.79 -46.99 -5.84
CA LEU D 70 13.11 -46.23 -4.64
C LEU D 70 13.26 -47.16 -3.44
N THR D 71 14.27 -46.90 -2.62
CA THR D 71 14.53 -47.69 -1.42
C THR D 71 14.98 -46.79 -0.28
N VAL D 72 14.93 -47.33 0.94
CA VAL D 72 15.49 -46.67 2.13
C VAL D 72 16.27 -47.69 2.96
N ASP D 73 17.16 -47.16 3.79
CA ASP D 73 17.96 -47.97 4.69
C ASP D 73 17.97 -47.28 6.05
N LYS D 74 16.98 -47.62 6.90
CA LYS D 74 16.73 -46.82 8.10
C LYS D 74 17.95 -46.78 9.02
N SER D 75 18.74 -47.85 9.05
CA SER D 75 19.87 -47.91 9.99
C SER D 75 20.97 -46.93 9.59
N SER D 76 21.09 -46.64 8.29
CA SER D 76 21.99 -45.61 7.79
C SER D 76 21.33 -44.25 7.67
N SER D 77 20.00 -44.20 7.78
CA SER D 77 19.22 -42.98 7.53
C SER D 77 19.52 -42.43 6.12
N THR D 78 19.06 -43.19 5.12
CA THR D 78 19.33 -42.81 3.73
C THR D 78 18.24 -43.34 2.80
N ALA D 79 17.88 -42.52 1.81
CA ALA D 79 16.94 -42.94 0.77
C ALA D 79 17.65 -43.01 -0.58
N TYR D 80 17.21 -43.96 -1.41
CA TYR D 80 17.93 -44.36 -2.61
C TYR D 80 17.00 -44.37 -3.82
N MET D 81 17.50 -43.83 -4.93
CA MET D 81 16.85 -44.01 -6.21
C MET D 81 17.80 -44.67 -7.18
N GLU D 82 17.27 -45.63 -7.93
CA GLU D 82 18.03 -46.30 -8.95
C GLU D 82 17.27 -46.22 -10.26
N LEU D 83 18.03 -46.06 -11.35
CA LEU D 83 17.50 -45.97 -12.70
C LEU D 83 18.10 -47.08 -13.54
N ASN D 84 17.24 -47.85 -14.21
CA ASN D 84 17.65 -48.91 -15.10
C ASN D 84 17.61 -48.41 -16.55
N SER D 85 18.23 -49.19 -17.46
CA SER D 85 18.00 -49.05 -18.91
C SER D 85 18.26 -47.62 -19.39
N LEU D 86 19.37 -47.05 -18.92
CA LEU D 86 19.60 -45.61 -19.09
C LEU D 86 19.60 -45.20 -20.57
N THR D 87 19.04 -44.01 -20.86
CA THR D 87 19.07 -43.42 -22.21
C THR D 87 19.46 -41.94 -22.11
N SER D 88 19.47 -41.27 -23.26
CA SER D 88 19.88 -39.87 -23.20
C SER D 88 18.79 -38.97 -22.64
N GLU D 89 17.59 -39.52 -22.40
CA GLU D 89 16.51 -38.79 -21.75
C GLU D 89 16.64 -38.80 -20.23
N ASP D 90 17.31 -39.80 -19.67
CA ASP D 90 17.49 -39.81 -18.23
C ASP D 90 18.62 -38.90 -17.80
N SER D 91 19.16 -38.09 -18.72
CA SER D 91 20.18 -37.09 -18.40
C SER D 91 19.45 -35.94 -17.75
N ALA D 92 19.44 -35.93 -16.43
CA ALA D 92 18.72 -34.90 -15.73
C ALA D 92 19.38 -34.66 -14.37
N VAL D 93 19.01 -33.54 -13.76
CA VAL D 93 19.22 -33.37 -12.34
C VAL D 93 18.09 -34.07 -11.62
N TYR D 94 18.42 -34.84 -10.60
CA TYR D 94 17.45 -35.55 -9.79
C TYR D 94 17.61 -35.07 -8.35
N TYR D 95 16.48 -34.73 -7.72
CA TYR D 95 16.39 -34.13 -6.39
C TYR D 95 15.66 -35.06 -5.45
N CYS D 96 16.00 -34.99 -4.15
CA CYS D 96 15.15 -35.50 -3.09
C CYS D 96 14.56 -34.36 -2.25
N ALA D 97 13.30 -34.53 -1.86
CA ALA D 97 12.58 -33.59 -1.00
C ALA D 97 11.54 -34.34 -0.19
N ARG D 98 11.42 -33.96 1.08
CA ARG D 98 10.59 -34.70 2.03
C ARG D 98 9.31 -33.95 2.36
N TYR D 99 8.27 -34.74 2.70
CA TYR D 99 7.00 -34.17 3.14
C TYR D 99 7.17 -33.35 4.41
N TYR D 100 6.27 -32.39 4.57
CA TYR D 100 6.07 -31.62 5.80
C TYR D 100 4.87 -30.69 5.60
N GLY D 101 3.65 -31.19 5.76
CA GLY D 101 2.47 -30.34 5.63
C GLY D 101 2.22 -30.01 4.17
N SER D 102 3.22 -30.39 3.39
CA SER D 102 3.31 -30.12 1.97
C SER D 102 4.18 -31.21 1.38
N TRP D 103 4.13 -31.35 0.06
CA TRP D 103 4.88 -32.41 -0.62
C TRP D 103 6.40 -32.22 -0.48
N PHE D 104 6.94 -31.05 -0.83
CA PHE D 104 8.41 -30.88 -0.89
C PHE D 104 8.80 -29.68 -0.03
N ALA D 105 9.07 -29.93 1.26
CA ALA D 105 9.35 -28.80 2.14
C ALA D 105 10.83 -28.50 2.24
N TYR D 106 11.64 -29.55 2.33
CA TYR D 106 13.09 -29.43 2.36
C TYR D 106 13.69 -30.21 1.19
N TRP D 107 14.72 -29.64 0.55
CA TRP D 107 15.27 -30.22 -0.67
C TRP D 107 16.73 -30.61 -0.53
N GLY D 108 17.12 -31.66 -1.26
CA GLY D 108 18.53 -31.92 -1.50
C GLY D 108 19.11 -30.92 -2.49
N GLN D 109 20.43 -30.99 -2.71
CA GLN D 109 21.00 -29.96 -3.57
C GLN D 109 20.95 -30.32 -5.05
N GLY D 110 21.02 -31.62 -5.39
CA GLY D 110 20.97 -32.07 -6.77
C GLY D 110 21.98 -33.14 -7.13
N THR D 111 21.55 -34.16 -7.88
CA THR D 111 22.49 -35.10 -8.49
C THR D 111 22.38 -34.99 -10.00
N LEU D 112 23.51 -34.68 -10.66
CA LEU D 112 23.53 -34.55 -12.10
C LEU D 112 23.84 -35.92 -12.70
N ILE D 113 22.94 -36.40 -13.55
CA ILE D 113 23.16 -37.63 -14.29
C ILE D 113 23.42 -37.24 -15.74
N THR D 114 24.65 -37.40 -16.18
CA THR D 114 24.97 -37.22 -17.60
C THR D 114 25.14 -38.60 -18.23
N VAL D 115 24.20 -38.98 -19.09
CA VAL D 115 24.27 -40.26 -19.78
C VAL D 115 25.01 -40.08 -21.10
N SER D 116 26.15 -40.77 -21.27
CA SER D 116 26.97 -40.54 -22.47
C SER D 116 27.97 -41.67 -22.70
N THR D 117 28.14 -42.02 -23.99
CA THR D 117 29.15 -42.98 -24.41
C THR D 117 30.56 -42.47 -24.31
N ALA D 118 30.75 -41.19 -24.05
CA ALA D 118 32.09 -40.61 -24.14
C ALA D 118 32.85 -40.75 -22.82
N SER D 119 34.14 -41.01 -22.93
CA SER D 119 35.04 -41.04 -21.78
C SER D 119 35.08 -39.68 -21.11
N THR D 120 35.14 -39.71 -19.77
CA THR D 120 35.35 -38.52 -18.95
C THR D 120 36.62 -37.79 -19.33
N LYS D 121 36.73 -36.56 -18.84
CA LYS D 121 37.88 -35.72 -19.16
C LYS D 121 37.90 -34.51 -18.25
N GLY D 122 38.94 -34.36 -17.45
CA GLY D 122 39.02 -33.28 -16.49
C GLY D 122 39.41 -31.95 -17.11
N PRO D 123 39.22 -30.87 -16.35
CA PRO D 123 39.44 -29.51 -16.87
C PRO D 123 40.90 -29.08 -16.80
N SER D 124 41.13 -27.82 -17.16
CA SER D 124 42.47 -27.24 -17.14
C SER D 124 42.38 -25.80 -16.65
N VAL D 125 42.88 -25.54 -15.45
CA VAL D 125 42.76 -24.22 -14.83
C VAL D 125 43.94 -23.36 -15.27
N PHE D 126 43.66 -22.10 -15.61
CA PHE D 126 44.67 -21.16 -16.08
C PHE D 126 44.31 -19.79 -15.51
N PRO D 127 45.31 -19.06 -15.02
CA PRO D 127 45.02 -17.81 -14.28
C PRO D 127 44.79 -16.63 -15.22
N LEU D 128 43.61 -16.01 -15.09
CA LEU D 128 43.33 -14.70 -15.67
C LEU D 128 43.81 -13.66 -14.66
N ALA D 129 45.11 -13.15 -14.86
CA ALA D 129 45.81 -12.30 -13.92
C ALA D 129 45.45 -10.83 -14.13
N PRO D 130 45.45 -10.02 -13.08
CA PRO D 130 44.98 -8.63 -13.20
C PRO D 130 46.03 -7.72 -13.84
N SER D 131 45.64 -6.46 -14.03
CA SER D 131 46.55 -5.43 -14.51
C SER D 131 46.06 -4.07 -13.99
N SER D 132 46.44 -3.00 -14.67
CA SER D 132 46.22 -1.63 -14.20
C SER D 132 44.84 -1.09 -14.59
N GLY D 137 41.11 1.94 -12.48
CA GLY D 137 41.75 2.57 -11.33
C GLY D 137 40.87 2.57 -10.10
N GLY D 138 41.26 1.76 -9.11
CA GLY D 138 40.49 1.60 -7.88
C GLY D 138 40.23 0.15 -7.53
N THR D 139 39.32 -0.48 -8.28
CA THR D 139 39.04 -1.91 -8.20
C THR D 139 39.48 -2.60 -9.49
N ALA D 140 40.29 -3.64 -9.37
CA ALA D 140 40.76 -4.44 -10.49
C ALA D 140 40.01 -5.77 -10.49
N ALA D 141 40.27 -6.59 -11.52
CA ALA D 141 39.52 -7.82 -11.74
C ALA D 141 40.47 -8.95 -12.11
N LEU D 142 40.30 -10.11 -11.47
CA LEU D 142 41.10 -11.26 -11.85
C LEU D 142 40.27 -12.53 -11.70
N GLY D 143 40.69 -13.59 -12.38
CA GLY D 143 39.96 -14.84 -12.27
C GLY D 143 40.69 -16.06 -12.76
N CYS D 144 39.89 -17.08 -13.06
CA CYS D 144 40.34 -18.40 -13.49
C CYS D 144 39.65 -18.79 -14.78
N LEU D 145 40.40 -19.38 -15.71
CA LEU D 145 39.83 -20.06 -16.87
C LEU D 145 39.83 -21.56 -16.61
N VAL D 146 38.72 -22.20 -16.94
CA VAL D 146 38.55 -23.64 -16.73
C VAL D 146 38.15 -24.21 -18.08
N LYS D 147 39.14 -24.64 -18.85
CA LYS D 147 38.97 -25.02 -20.25
C LYS D 147 38.94 -26.53 -20.43
N ASP D 148 38.02 -26.98 -21.28
CA ASP D 148 37.99 -28.33 -21.86
C ASP D 148 37.72 -29.42 -20.83
N TYR D 149 36.45 -29.67 -20.54
CA TYR D 149 36.11 -30.79 -19.67
C TYR D 149 34.81 -31.42 -20.14
N PHE D 150 34.48 -32.56 -19.51
CA PHE D 150 33.26 -33.33 -19.70
C PHE D 150 33.16 -34.41 -18.64
N PRO D 151 31.96 -34.66 -18.07
CA PRO D 151 30.70 -34.00 -18.37
C PRO D 151 30.53 -32.85 -17.40
N GLU D 152 29.37 -32.16 -17.42
CA GLU D 152 28.95 -31.36 -16.28
C GLU D 152 28.63 -32.24 -15.08
N PRO D 153 28.78 -31.71 -13.87
CA PRO D 153 29.19 -30.34 -13.54
C PRO D 153 30.53 -30.12 -12.83
N VAL D 154 30.80 -28.85 -12.63
CA VAL D 154 32.04 -28.34 -12.06
C VAL D 154 31.72 -27.22 -11.09
N THR D 155 32.54 -27.12 -10.03
CA THR D 155 32.39 -26.13 -8.99
C THR D 155 33.67 -25.33 -8.88
N VAL D 156 33.52 -24.02 -8.70
CA VAL D 156 34.64 -23.10 -8.58
C VAL D 156 34.37 -22.16 -7.41
N SER D 157 35.38 -21.98 -6.55
CA SER D 157 35.32 -21.11 -5.38
C SER D 157 36.56 -20.22 -5.36
N TRP D 158 36.53 -19.25 -4.44
CA TRP D 158 37.66 -18.33 -4.29
C TRP D 158 38.09 -18.24 -2.83
N ASN D 159 39.41 -18.24 -2.62
CA ASN D 159 40.06 -18.29 -1.31
C ASN D 159 39.42 -19.39 -0.46
N SER D 160 39.54 -20.61 -1.00
CA SER D 160 38.89 -21.82 -0.50
C SER D 160 37.50 -21.61 0.08
N GLY D 161 36.87 -20.47 -0.23
CA GLY D 161 35.55 -20.16 0.29
C GLY D 161 35.42 -18.74 0.80
N ALA D 162 36.55 -18.11 1.13
CA ALA D 162 36.54 -16.83 1.82
C ALA D 162 35.91 -15.72 0.96
N LEU D 163 36.51 -15.46 -0.20
CA LEU D 163 35.98 -14.49 -1.15
C LEU D 163 34.68 -15.02 -1.74
N THR D 164 33.61 -14.21 -1.69
CA THR D 164 32.40 -14.58 -2.42
C THR D 164 31.75 -13.40 -3.12
N SER D 165 31.60 -12.27 -2.46
CA SER D 165 30.89 -11.17 -3.09
C SER D 165 31.70 -10.57 -4.25
N GLY D 166 30.98 -10.14 -5.30
CA GLY D 166 31.64 -9.64 -6.49
C GLY D 166 32.31 -10.70 -7.35
N VAL D 167 32.06 -11.99 -7.07
CA VAL D 167 32.53 -13.11 -7.88
C VAL D 167 31.43 -13.49 -8.87
N HIS D 168 31.86 -13.96 -10.04
CA HIS D 168 30.98 -14.54 -11.06
C HIS D 168 31.62 -15.83 -11.58
N THR D 169 30.85 -16.92 -11.58
CA THR D 169 31.29 -18.17 -12.20
C THR D 169 30.37 -18.45 -13.40
N PHE D 170 30.82 -18.04 -14.59
CA PHE D 170 29.98 -18.05 -15.78
C PHE D 170 29.54 -19.46 -16.17
N PRO D 171 28.43 -19.57 -16.89
CA PRO D 171 27.96 -20.90 -17.33
C PRO D 171 28.89 -21.55 -18.34
N ALA D 172 28.96 -22.88 -18.26
CA ALA D 172 29.72 -23.67 -19.23
C ALA D 172 29.16 -23.46 -20.63
N VAL D 173 30.04 -23.18 -21.58
CA VAL D 173 29.68 -23.04 -22.99
C VAL D 173 30.42 -24.10 -23.79
N LEU D 174 29.68 -24.82 -24.65
CA LEU D 174 30.16 -26.01 -25.34
C LEU D 174 31.08 -25.61 -26.50
N GLN D 175 32.30 -26.16 -26.52
CA GLN D 175 33.30 -25.83 -27.53
C GLN D 175 33.17 -26.77 -28.73
N SER D 176 33.73 -26.36 -29.87
CA SER D 176 33.58 -27.14 -31.09
C SER D 176 34.15 -28.55 -30.93
N SER D 177 35.09 -28.72 -30.00
CA SER D 177 35.65 -30.01 -29.61
C SER D 177 34.67 -30.92 -28.90
N GLY D 178 33.47 -30.42 -28.59
CA GLY D 178 32.48 -31.19 -27.88
C GLY D 178 32.70 -31.24 -26.39
N LEU D 179 33.42 -30.25 -25.86
CA LEU D 179 33.87 -30.21 -24.47
C LEU D 179 33.43 -28.88 -23.87
N TYR D 180 33.23 -28.85 -22.56
CA TYR D 180 32.78 -27.62 -21.92
C TYR D 180 33.96 -26.71 -21.55
N SER D 181 33.62 -25.44 -21.39
CA SER D 181 34.60 -24.41 -21.06
C SER D 181 33.87 -23.28 -20.34
N LEU D 182 34.59 -22.60 -19.44
CA LEU D 182 33.96 -21.78 -18.42
C LEU D 182 35.02 -20.94 -17.76
N SER D 183 34.69 -19.68 -17.47
CA SER D 183 35.55 -18.82 -16.67
C SER D 183 34.88 -18.44 -15.36
N SER D 184 35.70 -18.28 -14.32
CA SER D 184 35.28 -17.63 -13.08
C SER D 184 36.17 -16.44 -12.80
N VAL D 185 35.56 -15.31 -12.48
CA VAL D 185 36.27 -14.07 -12.29
C VAL D 185 35.83 -13.50 -10.93
N VAL D 186 36.50 -12.42 -10.52
CA VAL D 186 36.04 -11.65 -9.35
C VAL D 186 36.59 -10.23 -9.44
N THR D 187 35.82 -9.25 -8.93
CA THR D 187 36.28 -7.88 -8.75
C THR D 187 36.71 -7.67 -7.31
N VAL D 188 37.91 -7.11 -7.13
CA VAL D 188 38.42 -6.79 -5.81
C VAL D 188 39.26 -5.51 -5.91
N PRO D 189 39.25 -4.68 -4.86
CA PRO D 189 39.99 -3.41 -4.92
C PRO D 189 41.48 -3.59 -5.13
N SER D 190 42.04 -2.71 -5.99
CA SER D 190 43.45 -2.77 -6.35
C SER D 190 44.34 -2.86 -5.11
N SER D 191 43.88 -2.25 -3.99
CA SER D 191 44.64 -2.22 -2.75
C SER D 191 45.22 -3.58 -2.39
N SER D 192 44.37 -4.61 -2.38
CA SER D 192 44.78 -5.95 -2.00
C SER D 192 45.64 -6.67 -3.07
N LEU D 193 46.08 -6.05 -4.17
CA LEU D 193 46.71 -6.82 -5.26
C LEU D 193 47.99 -7.52 -4.79
N GLY D 194 48.91 -6.78 -4.18
CA GLY D 194 50.17 -7.36 -3.73
C GLY D 194 50.13 -7.86 -2.29
N THR D 195 49.26 -7.25 -1.48
CA THR D 195 49.09 -7.69 -0.11
C THR D 195 48.30 -9.01 -0.03
N GLN D 196 47.15 -9.08 -0.73
CA GLN D 196 46.23 -10.21 -0.61
C GLN D 196 46.60 -11.34 -1.56
N THR D 197 46.50 -12.57 -1.05
CA THR D 197 46.64 -13.77 -1.85
C THR D 197 45.29 -14.13 -2.44
N TYR D 198 45.33 -14.74 -3.63
CA TYR D 198 44.12 -15.01 -4.40
C TYR D 198 44.21 -16.40 -5.01
N ILE D 199 43.28 -17.29 -4.62
CA ILE D 199 43.31 -18.68 -5.05
C ILE D 199 41.90 -19.11 -5.46
N CYS D 200 41.75 -19.61 -6.69
CA CYS D 200 40.53 -20.25 -7.14
C CYS D 200 40.62 -21.75 -6.88
N ASN D 201 39.45 -22.39 -6.79
CA ASN D 201 39.39 -23.80 -6.40
C ASN D 201 38.41 -24.52 -7.31
N VAL D 202 38.94 -25.34 -8.20
CA VAL D 202 38.15 -26.12 -9.15
C VAL D 202 38.14 -27.57 -8.68
N ASN D 203 36.95 -28.12 -8.47
CA ASN D 203 36.77 -29.55 -8.30
C ASN D 203 35.83 -30.03 -9.40
N HIS D 204 36.25 -31.06 -10.12
CA HIS D 204 35.46 -31.70 -11.17
C HIS D 204 35.30 -33.14 -10.73
N LYS D 205 34.23 -33.44 -10.01
CA LYS D 205 34.07 -34.77 -9.44
C LYS D 205 34.10 -35.90 -10.47
N PRO D 206 33.56 -35.77 -11.68
CA PRO D 206 33.54 -36.93 -12.59
C PRO D 206 34.91 -37.43 -13.04
N SER D 207 35.96 -36.62 -12.94
CA SER D 207 37.31 -37.04 -13.29
C SER D 207 38.25 -37.00 -12.08
N ASN D 208 37.69 -37.02 -10.87
CA ASN D 208 38.41 -36.92 -9.60
C ASN D 208 39.59 -35.96 -9.68
N THR D 209 39.31 -34.79 -10.24
CA THR D 209 40.30 -33.73 -10.45
C THR D 209 40.03 -32.59 -9.47
N LYS D 210 40.90 -32.42 -8.48
CA LYS D 210 40.87 -31.26 -7.63
C LYS D 210 42.06 -30.39 -7.99
N VAL D 211 41.83 -29.08 -8.10
CA VAL D 211 42.89 -28.13 -8.44
C VAL D 211 42.60 -26.83 -7.69
N ASP D 212 43.66 -26.27 -7.10
CA ASP D 212 43.69 -24.91 -6.60
C ASP D 212 44.79 -24.17 -7.34
N LYS D 213 44.61 -22.87 -7.52
CA LYS D 213 45.48 -22.12 -8.42
C LYS D 213 45.53 -20.68 -7.96
N ARG D 214 46.76 -20.15 -7.82
CA ARG D 214 46.96 -18.79 -7.37
C ARG D 214 46.92 -17.84 -8.56
N VAL D 215 46.33 -16.68 -8.34
CA VAL D 215 46.14 -15.68 -9.38
C VAL D 215 46.84 -14.40 -8.91
N GLU D 216 47.88 -14.01 -9.63
CA GLU D 216 48.82 -12.94 -9.26
C GLU D 216 49.42 -12.36 -10.53
N PRO D 217 49.71 -11.06 -10.57
CA PRO D 217 50.22 -10.34 -11.74
C PRO D 217 51.58 -10.85 -12.24
N ASP E 1 -3.88 -37.69 -16.47
CA ASP E 1 -2.89 -36.70 -16.03
C ASP E 1 -3.45 -35.27 -16.01
N VAL E 2 -3.19 -34.55 -14.92
CA VAL E 2 -3.65 -33.17 -14.80
C VAL E 2 -2.60 -32.25 -15.43
N LEU E 3 -3.04 -31.38 -16.32
CA LEU E 3 -2.17 -30.45 -17.02
C LEU E 3 -2.27 -29.06 -16.39
N MET E 4 -1.18 -28.60 -15.79
CA MET E 4 -1.07 -27.27 -15.20
C MET E 4 -0.48 -26.31 -16.22
N THR E 5 -1.29 -25.35 -16.67
CA THR E 5 -0.81 -24.35 -17.60
C THR E 5 -0.61 -23.04 -16.86
N GLN E 6 0.63 -22.54 -16.90
CA GLN E 6 0.96 -21.27 -16.26
C GLN E 6 1.02 -20.16 -17.30
N THR E 7 0.71 -18.94 -16.84
CA THR E 7 0.80 -17.70 -17.61
C THR E 7 1.27 -16.64 -16.62
N PRO E 8 2.18 -15.73 -17.03
CA PRO E 8 2.85 -15.69 -18.34
C PRO E 8 4.10 -16.57 -18.35
N LEU E 9 4.61 -16.90 -19.53
CA LEU E 9 5.85 -17.68 -19.62
C LEU E 9 6.98 -16.93 -18.93
N SER E 10 7.17 -15.67 -19.30
CA SER E 10 8.11 -14.77 -18.64
C SER E 10 7.37 -13.54 -18.15
N LEU E 11 7.93 -12.87 -17.14
CA LEU E 11 7.27 -11.75 -16.47
C LEU E 11 8.34 -10.80 -15.91
N PRO E 12 8.59 -9.69 -16.59
CA PRO E 12 9.55 -8.71 -16.07
C PRO E 12 8.83 -7.63 -15.28
N VAL E 13 9.38 -7.27 -14.12
CA VAL E 13 8.69 -6.30 -13.25
C VAL E 13 9.71 -5.46 -12.49
N SER E 14 9.51 -4.14 -12.51
CA SER E 14 10.37 -3.23 -11.76
C SER E 14 10.31 -3.57 -10.28
N LEU E 15 11.41 -3.28 -9.56
CA LEU E 15 11.39 -3.46 -8.12
C LEU E 15 10.17 -2.76 -7.52
N GLY E 16 9.60 -3.38 -6.49
CA GLY E 16 8.52 -2.80 -5.73
C GLY E 16 7.16 -2.76 -6.39
N ASP E 17 7.04 -3.02 -7.70
CA ASP E 17 5.72 -3.19 -8.28
C ASP E 17 5.12 -4.51 -7.83
N GLN E 18 3.81 -4.66 -8.05
CA GLN E 18 3.17 -5.92 -7.77
C GLN E 18 3.38 -6.86 -8.95
N ALA E 19 3.43 -8.17 -8.66
CA ALA E 19 3.61 -9.21 -9.67
C ALA E 19 2.56 -10.27 -9.46
N SER E 20 1.89 -10.69 -10.54
CA SER E 20 0.81 -11.66 -10.48
C SER E 20 1.10 -12.81 -11.46
N ILE E 21 0.98 -14.04 -10.98
CA ILE E 21 1.25 -15.24 -11.78
C ILE E 21 0.07 -16.19 -11.62
N SER E 22 -0.48 -16.67 -12.74
CA SER E 22 -1.66 -17.51 -12.72
C SER E 22 -1.38 -18.91 -13.25
N CYS E 23 -2.21 -19.85 -12.77
CA CYS E 23 -2.03 -21.28 -13.00
C CYS E 23 -3.39 -21.92 -13.19
N ARG E 24 -3.61 -22.57 -14.34
CA ARG E 24 -4.85 -23.28 -14.65
C ARG E 24 -4.62 -24.78 -14.68
N SER E 25 -5.53 -25.52 -14.08
CA SER E 25 -5.48 -26.97 -14.10
C SER E 25 -6.51 -27.52 -15.07
N SER E 26 -6.21 -28.68 -15.65
CA SER E 26 -7.14 -29.33 -16.57
C SER E 26 -8.33 -29.92 -15.82
N GLN E 27 -8.10 -30.52 -14.66
CA GLN E 27 -9.16 -31.02 -13.79
C GLN E 27 -9.14 -30.24 -12.49
N SER E 28 -10.25 -30.28 -11.76
CA SER E 28 -10.27 -29.58 -10.48
C SER E 28 -9.24 -30.22 -9.55
N ILE E 29 -8.67 -29.37 -8.69
CA ILE E 29 -7.62 -29.77 -7.76
C ILE E 29 -8.20 -29.98 -6.36
N VAL E 30 -9.52 -29.96 -6.23
CA VAL E 30 -10.15 -30.27 -4.96
C VAL E 30 -10.04 -31.78 -4.72
N HIS E 31 -9.32 -32.16 -3.67
CA HIS E 31 -9.34 -33.55 -3.27
C HIS E 31 -10.69 -33.87 -2.65
N SER E 32 -11.03 -35.16 -2.63
CA SER E 32 -12.20 -35.58 -1.86
C SER E 32 -11.99 -35.34 -0.37
N ASN E 33 -10.73 -35.25 0.08
CA ASN E 33 -10.31 -34.75 1.38
C ASN E 33 -11.11 -33.53 1.82
N GLY E 34 -11.60 -32.77 0.84
CA GLY E 34 -12.08 -31.43 1.03
C GLY E 34 -10.93 -30.48 0.79
N ASN E 35 -9.74 -30.85 1.26
CA ASN E 35 -8.51 -30.14 0.97
C ASN E 35 -8.28 -30.04 -0.53
N THR E 36 -7.69 -28.92 -0.95
CA THR E 36 -7.15 -28.78 -2.30
C THR E 36 -5.65 -28.50 -2.18
N TYR E 37 -4.83 -29.29 -2.89
CA TYR E 37 -3.37 -29.27 -2.73
C TYR E 37 -2.74 -28.56 -3.92
N LEU E 38 -2.60 -27.24 -3.81
CA LEU E 38 -1.99 -26.40 -4.84
C LEU E 38 -0.85 -25.63 -4.19
N GLU E 39 0.38 -25.85 -4.66
CA GLU E 39 1.57 -25.37 -3.98
C GLU E 39 2.44 -24.55 -4.93
N TRP E 40 3.14 -23.52 -4.39
CA TRP E 40 3.99 -22.62 -5.18
C TRP E 40 5.45 -22.71 -4.75
N TYR E 41 6.33 -22.96 -5.72
CA TYR E 41 7.77 -23.04 -5.51
C TYR E 41 8.50 -21.97 -6.33
N LEU E 42 9.61 -21.48 -5.78
CA LEU E 42 10.50 -20.52 -6.43
C LEU E 42 11.88 -21.13 -6.47
N GLN E 43 12.41 -21.30 -7.66
CA GLN E 43 13.76 -21.85 -7.86
C GLN E 43 14.62 -20.65 -8.18
N LYS E 44 15.44 -20.26 -7.21
CA LYS E 44 16.43 -19.25 -7.50
C LYS E 44 17.51 -19.87 -8.39
N PRO E 45 18.14 -19.06 -9.25
CA PRO E 45 19.18 -19.58 -10.15
C PRO E 45 20.22 -20.44 -9.45
N GLY E 46 20.40 -21.66 -9.94
CA GLY E 46 21.47 -22.51 -9.47
C GLY E 46 21.22 -23.18 -8.14
N GLN E 47 20.01 -23.07 -7.61
CA GLN E 47 19.66 -23.75 -6.37
C GLN E 47 18.50 -24.69 -6.63
N SER E 48 18.27 -25.57 -5.65
CA SER E 48 17.03 -26.31 -5.62
C SER E 48 15.87 -25.33 -5.46
N PRO E 49 14.65 -25.73 -5.83
CA PRO E 49 13.52 -24.86 -5.52
C PRO E 49 13.24 -24.95 -4.04
N LYS E 50 12.72 -23.85 -3.47
CA LYS E 50 12.27 -23.81 -2.10
C LYS E 50 10.77 -23.54 -2.11
N LEU E 51 10.05 -24.13 -1.16
CA LEU E 51 8.60 -23.96 -1.07
C LEU E 51 8.24 -22.55 -0.62
N LEU E 52 7.09 -22.08 -1.09
CA LEU E 52 6.56 -20.77 -0.70
C LEU E 52 5.19 -20.91 -0.07
N ILE E 53 4.18 -21.26 -0.87
CA ILE E 53 2.81 -21.49 -0.43
C ILE E 53 2.48 -22.97 -0.58
N TYR E 54 1.73 -23.52 0.39
CA TYR E 54 1.01 -24.79 0.26
C TYR E 54 -0.46 -24.62 0.57
N LYS E 55 -1.28 -25.54 0.07
CA LYS E 55 -2.72 -25.53 0.30
C LYS E 55 -3.28 -24.17 -0.10
N VAL E 56 -3.17 -23.90 -1.38
CA VAL E 56 -3.48 -22.64 -2.03
C VAL E 56 -2.95 -21.38 -1.34
N SER E 57 -3.04 -21.29 0.00
CA SER E 57 -2.87 -19.98 0.63
C SER E 57 -1.90 -19.90 1.81
N ASN E 58 -1.30 -20.98 2.27
CA ASN E 58 -0.53 -20.96 3.51
C ASN E 58 0.95 -20.74 3.24
N ARG E 59 1.51 -19.68 3.82
CA ARG E 59 2.95 -19.42 3.76
C ARG E 59 3.74 -20.39 4.66
N PHE E 60 4.63 -21.17 4.06
CA PHE E 60 5.60 -21.99 4.80
C PHE E 60 6.58 -21.11 5.57
N SER E 61 7.19 -21.68 6.60
CA SER E 61 8.15 -20.93 7.43
C SER E 61 9.20 -20.19 6.59
N GLY E 62 9.41 -18.93 6.91
CA GLY E 62 10.40 -18.10 6.26
C GLY E 62 9.83 -17.16 5.23
N VAL E 63 8.76 -17.56 4.55
CA VAL E 63 8.29 -16.85 3.37
C VAL E 63 7.75 -15.48 3.77
N PRO E 64 8.30 -14.38 3.23
CA PRO E 64 7.75 -13.05 3.53
C PRO E 64 6.24 -12.95 3.43
N ASP E 65 5.70 -11.96 4.14
CA ASP E 65 4.30 -11.59 4.02
C ASP E 65 3.94 -11.12 2.62
N ARG E 66 4.95 -10.82 1.78
CA ARG E 66 4.74 -10.30 0.43
C ARG E 66 4.18 -11.35 -0.51
N PHE E 67 4.31 -12.62 -0.16
CA PHE E 67 3.88 -13.73 -0.99
C PHE E 67 2.48 -14.16 -0.59
N SER E 68 1.57 -14.25 -1.56
CA SER E 68 0.23 -14.67 -1.23
C SER E 68 -0.31 -15.51 -2.37
N GLY E 69 -1.04 -16.58 -2.02
CA GLY E 69 -1.68 -17.41 -3.04
C GLY E 69 -3.19 -17.39 -2.89
N SER E 70 -3.94 -17.85 -3.90
CA SER E 70 -5.38 -17.66 -3.88
C SER E 70 -6.00 -18.29 -5.11
N GLY E 71 -7.27 -18.67 -4.96
CA GLY E 71 -7.99 -19.33 -6.03
C GLY E 71 -8.64 -20.61 -5.54
N SER E 72 -9.34 -21.24 -6.46
CA SER E 72 -9.98 -22.51 -6.16
C SER E 72 -10.53 -23.08 -7.46
N GLY E 73 -10.61 -24.40 -7.49
CA GLY E 73 -11.13 -25.10 -8.66
C GLY E 73 -10.03 -25.39 -9.67
N THR E 74 -10.06 -24.66 -10.78
CA THR E 74 -9.05 -24.89 -11.80
C THR E 74 -8.32 -23.60 -12.16
N ASP E 75 -8.42 -22.60 -11.30
CA ASP E 75 -7.82 -21.29 -11.51
C ASP E 75 -7.19 -20.83 -10.20
N PHE E 76 -5.92 -20.42 -10.25
CA PHE E 76 -5.19 -19.96 -9.07
C PHE E 76 -4.29 -18.80 -9.46
N THR E 77 -3.59 -18.27 -8.46
CA THR E 77 -2.86 -17.01 -8.63
C THR E 77 -1.90 -16.80 -7.45
N LEU E 78 -0.61 -16.71 -7.77
CA LEU E 78 0.38 -16.20 -6.82
C LEU E 78 0.57 -14.72 -7.13
N LYS E 79 0.68 -13.93 -6.08
CA LYS E 79 0.95 -12.52 -6.21
C LYS E 79 2.11 -12.17 -5.31
N ILE E 80 3.10 -11.49 -5.86
CA ILE E 80 4.11 -10.79 -5.08
C ILE E 80 3.74 -9.32 -5.16
N SER E 81 3.39 -8.73 -4.03
CA SER E 81 3.24 -7.29 -3.97
C SER E 81 4.54 -6.73 -3.40
N ARG E 82 5.05 -5.68 -4.05
CA ARG E 82 6.36 -5.08 -3.76
C ARG E 82 7.52 -6.07 -4.01
N VAL E 83 7.85 -6.31 -5.29
CA VAL E 83 8.95 -7.23 -5.60
C VAL E 83 10.26 -6.65 -5.08
N GLU E 84 11.23 -7.54 -4.92
CA GLU E 84 12.55 -7.18 -4.46
C GLU E 84 13.57 -7.93 -5.30
N ALA E 85 14.81 -7.47 -5.22
CA ALA E 85 15.88 -8.14 -5.97
C ALA E 85 15.94 -9.62 -5.64
N GLU E 86 15.75 -9.97 -4.37
CA GLU E 86 15.88 -11.34 -3.92
C GLU E 86 14.92 -12.30 -4.62
N ASP E 87 13.99 -11.80 -5.41
CA ASP E 87 12.83 -12.58 -5.81
C ASP E 87 12.94 -13.21 -7.20
N LEU E 88 14.02 -12.95 -7.94
CA LEU E 88 14.10 -13.42 -9.32
C LEU E 88 14.37 -14.92 -9.35
N GLY E 89 13.82 -15.59 -10.35
CA GLY E 89 13.87 -17.04 -10.41
C GLY E 89 12.71 -17.57 -11.25
N VAL E 90 12.49 -18.88 -11.14
CA VAL E 90 11.39 -19.55 -11.83
C VAL E 90 10.36 -19.98 -10.79
N TYR E 91 9.09 -19.61 -11.00
CA TYR E 91 8.02 -19.92 -10.04
C TYR E 91 7.16 -21.05 -10.62
N TYR E 92 7.06 -22.17 -9.89
CA TYR E 92 6.28 -23.33 -10.33
C TYR E 92 5.08 -23.51 -9.44
N CYS E 93 3.89 -23.59 -10.05
CA CYS E 93 2.71 -24.09 -9.38
C CYS E 93 2.68 -25.60 -9.51
N PHE E 94 2.11 -26.27 -8.50
CA PHE E 94 2.17 -27.73 -8.39
C PHE E 94 0.89 -28.27 -7.76
N GLN E 95 0.46 -29.41 -8.28
CA GLN E 95 -0.81 -30.05 -7.93
C GLN E 95 -0.52 -31.40 -7.26
N GLY E 96 -0.70 -31.48 -5.95
CA GLY E 96 -0.48 -32.72 -5.22
C GLY E 96 -1.75 -33.49 -4.84
N SER E 97 -2.81 -33.32 -5.64
CA SER E 97 -4.10 -33.94 -5.35
C SER E 97 -4.29 -35.25 -6.11
N HIS E 98 -4.31 -35.18 -7.44
CA HIS E 98 -4.59 -36.32 -8.31
C HIS E 98 -3.30 -36.93 -8.87
N VAL E 99 -3.23 -38.26 -8.88
CA VAL E 99 -2.08 -38.98 -9.44
C VAL E 99 -2.23 -39.10 -10.96
N PRO E 100 -1.13 -38.96 -11.70
CA PRO E 100 0.21 -38.61 -11.20
C PRO E 100 0.22 -37.10 -10.88
N TYR E 101 1.17 -36.65 -10.06
CA TYR E 101 1.21 -35.26 -9.62
C TYR E 101 2.01 -34.42 -10.61
N THR E 102 1.46 -33.29 -11.01
CA THR E 102 2.05 -32.50 -12.07
C THR E 102 2.37 -31.09 -11.61
N PHE E 103 3.51 -30.59 -12.08
CA PHE E 103 3.96 -29.20 -12.00
C PHE E 103 3.48 -28.41 -13.21
N GLY E 104 3.46 -27.11 -13.04
CA GLY E 104 3.21 -26.23 -14.16
C GLY E 104 4.46 -26.01 -15.00
N GLY E 105 4.24 -25.32 -16.14
CA GLY E 105 5.33 -25.09 -17.08
C GLY E 105 6.47 -24.30 -16.49
N GLY E 106 6.15 -23.34 -15.62
CA GLY E 106 7.11 -22.46 -14.97
C GLY E 106 6.85 -21.03 -15.40
N THR E 107 7.28 -20.04 -14.61
CA THR E 107 7.20 -18.62 -14.96
C THR E 107 8.48 -17.96 -14.45
N LYS E 108 9.14 -17.19 -15.32
CA LYS E 108 10.43 -16.60 -15.01
C LYS E 108 10.23 -15.14 -14.68
N LEU E 109 10.33 -14.79 -13.40
CA LEU E 109 10.26 -13.39 -13.03
C LEU E 109 11.64 -12.77 -13.21
N GLU E 110 11.70 -11.65 -13.94
CA GLU E 110 12.90 -10.86 -14.13
C GLU E 110 12.75 -9.49 -13.47
N ILE E 111 13.87 -8.90 -13.07
CA ILE E 111 13.92 -7.53 -12.57
C ILE E 111 14.20 -6.57 -13.72
N LYS E 112 13.35 -5.55 -13.88
CA LYS E 112 13.66 -4.41 -14.76
C LYS E 112 14.30 -3.32 -13.92
N ARG E 113 15.57 -3.05 -14.18
CA ARG E 113 16.29 -1.98 -13.50
C ARG E 113 16.71 -0.92 -14.51
N THR E 114 17.40 0.10 -14.01
CA THR E 114 17.93 1.18 -14.83
C THR E 114 19.22 0.75 -15.52
N VAL E 115 19.45 1.31 -16.71
CA VAL E 115 20.65 0.98 -17.49
C VAL E 115 21.92 1.24 -16.69
N ALA E 116 22.77 0.22 -16.62
CA ALA E 116 24.07 0.29 -15.94
C ALA E 116 25.15 0.05 -16.98
N ALA E 117 26.15 0.96 -17.05
CA ALA E 117 27.11 0.62 -18.09
C ALA E 117 28.17 -0.33 -17.53
N PRO E 118 28.79 -1.13 -18.40
CA PRO E 118 29.64 -2.23 -17.93
C PRO E 118 31.08 -1.79 -17.70
N SER E 119 31.75 -2.53 -16.84
CA SER E 119 33.17 -2.33 -16.58
C SER E 119 33.96 -3.37 -17.38
N VAL E 120 34.79 -2.90 -18.30
CA VAL E 120 35.47 -3.75 -19.27
C VAL E 120 36.85 -4.13 -18.76
N PHE E 121 37.16 -5.41 -18.80
CA PHE E 121 38.49 -5.90 -18.52
C PHE E 121 38.88 -6.86 -19.64
N ILE E 122 40.13 -6.80 -20.10
CA ILE E 122 40.60 -7.74 -21.11
C ILE E 122 41.73 -8.57 -20.50
N PHE E 123 41.84 -9.83 -20.94
CA PHE E 123 42.82 -10.73 -20.35
C PHE E 123 43.64 -11.41 -21.44
N PRO E 124 44.97 -11.48 -21.29
CA PRO E 124 45.80 -12.17 -22.28
C PRO E 124 46.08 -13.60 -21.85
N PRO E 125 46.15 -14.54 -22.79
CA PRO E 125 46.24 -15.96 -22.42
C PRO E 125 47.41 -16.21 -21.48
N SER E 126 47.22 -17.17 -20.58
CA SER E 126 48.24 -17.45 -19.58
C SER E 126 49.47 -18.05 -20.22
N ASP E 127 50.61 -17.89 -19.52
CA ASP E 127 51.83 -18.56 -19.98
C ASP E 127 51.64 -20.07 -20.00
N GLU E 128 51.09 -20.63 -18.93
CA GLU E 128 50.91 -22.07 -18.83
C GLU E 128 49.99 -22.60 -19.92
N GLN E 129 49.02 -21.79 -20.37
CA GLN E 129 48.14 -22.22 -21.45
C GLN E 129 48.85 -22.16 -22.79
N LEU E 130 49.80 -21.23 -22.92
CA LEU E 130 50.54 -21.14 -24.18
C LEU E 130 51.46 -22.33 -24.36
N LYS E 131 51.98 -22.87 -23.25
CA LYS E 131 52.68 -24.16 -23.29
C LYS E 131 51.81 -25.27 -23.86
N SER E 132 50.48 -25.06 -23.89
CA SER E 132 49.58 -26.08 -24.41
C SER E 132 49.42 -26.03 -25.91
N GLY E 133 49.48 -24.84 -26.51
CA GLY E 133 49.36 -24.71 -27.95
C GLY E 133 48.10 -24.00 -28.39
N THR E 134 47.14 -23.78 -27.49
CA THR E 134 46.03 -22.88 -27.71
C THR E 134 46.20 -21.68 -26.80
N ALA E 135 45.63 -20.56 -27.21
CA ALA E 135 45.63 -19.36 -26.39
C ALA E 135 44.20 -18.84 -26.29
N SER E 136 43.83 -18.38 -25.10
CA SER E 136 42.49 -17.86 -24.86
C SER E 136 42.58 -16.41 -24.39
N VAL E 137 42.00 -15.48 -25.17
CA VAL E 137 41.93 -14.09 -24.76
C VAL E 137 40.52 -13.80 -24.22
N VAL E 138 40.40 -13.62 -22.91
CA VAL E 138 39.12 -13.52 -22.20
C VAL E 138 38.79 -12.05 -21.96
N CYS E 139 37.68 -11.59 -22.53
CA CYS E 139 37.18 -10.24 -22.30
C CYS E 139 35.90 -10.29 -21.46
N LEU E 140 35.72 -9.26 -20.62
CA LEU E 140 34.75 -9.31 -19.52
C LEU E 140 33.98 -8.00 -19.42
N LEU E 141 32.66 -8.08 -19.45
CA LEU E 141 31.80 -6.97 -19.08
C LEU E 141 31.21 -7.29 -17.71
N ASN E 142 31.36 -6.36 -16.77
CA ASN E 142 30.95 -6.55 -15.39
C ASN E 142 29.79 -5.63 -15.05
N ASN E 143 28.78 -6.20 -14.37
CA ASN E 143 27.62 -5.51 -13.79
C ASN E 143 27.01 -4.48 -14.73
N PHE E 144 26.22 -4.92 -15.69
CA PHE E 144 25.61 -3.99 -16.62
C PHE E 144 24.16 -4.42 -16.85
N TYR E 145 23.41 -3.56 -17.53
CA TYR E 145 22.00 -3.80 -17.80
C TYR E 145 21.61 -2.83 -18.90
N PRO E 146 20.75 -3.23 -19.86
CA PRO E 146 20.18 -4.57 -20.11
C PRO E 146 21.17 -5.63 -20.57
N ARG E 147 20.63 -6.81 -20.88
CA ARG E 147 21.49 -7.97 -21.11
C ARG E 147 22.21 -7.90 -22.45
N GLU E 148 21.66 -7.14 -23.40
CA GLU E 148 22.27 -7.00 -24.71
C GLU E 148 23.61 -6.25 -24.62
N ALA E 149 24.48 -6.55 -25.57
CA ALA E 149 25.85 -6.07 -25.65
C ALA E 149 26.45 -6.60 -26.95
N LYS E 150 27.27 -5.78 -27.59
CA LYS E 150 28.02 -6.19 -28.78
C LYS E 150 29.50 -6.20 -28.43
N VAL E 151 30.10 -7.38 -28.40
CA VAL E 151 31.52 -7.54 -28.19
C VAL E 151 32.16 -7.87 -29.55
N GLN E 152 32.76 -6.86 -30.19
CA GLN E 152 33.52 -7.07 -31.42
C GLN E 152 34.98 -7.26 -31.06
N TRP E 153 35.52 -8.45 -31.34
CA TRP E 153 36.95 -8.65 -31.28
C TRP E 153 37.60 -8.09 -32.54
N LYS E 154 38.76 -7.45 -32.36
CA LYS E 154 39.53 -6.95 -33.48
C LYS E 154 41.00 -7.18 -33.15
N VAL E 155 41.66 -7.99 -33.98
CA VAL E 155 43.10 -8.25 -33.89
C VAL E 155 43.79 -7.43 -34.95
N ASP E 156 44.80 -6.64 -34.53
CA ASP E 156 45.52 -5.70 -35.39
C ASP E 156 44.55 -5.00 -36.36
N ASN E 157 43.36 -4.65 -35.86
CA ASN E 157 42.34 -3.89 -36.58
C ASN E 157 41.66 -4.70 -37.69
N ALA E 158 41.29 -5.95 -37.37
CA ALA E 158 40.48 -6.77 -38.27
C ALA E 158 39.49 -7.56 -37.44
N LEU E 159 38.20 -7.27 -37.60
CA LEU E 159 37.19 -7.91 -36.77
C LEU E 159 37.06 -9.41 -37.10
N GLN E 160 37.10 -10.23 -36.04
CA GLN E 160 37.10 -11.69 -36.16
C GLN E 160 35.75 -12.32 -36.51
N SER E 161 35.67 -13.62 -36.28
CA SER E 161 34.47 -14.41 -36.53
C SER E 161 34.76 -15.83 -36.09
N GLY E 162 33.69 -16.61 -35.91
CA GLY E 162 33.79 -18.04 -35.66
C GLY E 162 34.78 -18.52 -34.62
N ASN E 163 35.61 -17.62 -34.05
CA ASN E 163 36.66 -18.00 -33.11
C ASN E 163 36.49 -17.38 -31.73
N SER E 164 35.29 -16.89 -31.40
CA SER E 164 34.96 -16.31 -30.09
C SER E 164 33.58 -16.75 -29.61
N GLN E 165 33.51 -17.26 -28.39
CA GLN E 165 32.26 -17.58 -27.71
C GLN E 165 31.87 -16.48 -26.73
N GLU E 166 30.61 -16.50 -26.30
CA GLU E 166 30.13 -15.64 -25.23
C GLU E 166 29.51 -16.48 -24.12
N SER E 167 29.40 -15.86 -22.96
CA SER E 167 28.78 -16.45 -21.78
C SER E 167 28.16 -15.31 -21.00
N VAL E 168 26.94 -15.53 -20.49
CA VAL E 168 26.25 -14.49 -19.74
C VAL E 168 25.76 -15.05 -18.42
N THR E 169 25.66 -14.18 -17.42
CA THR E 169 25.25 -14.60 -16.09
C THR E 169 23.72 -14.60 -15.96
N GLU E 170 23.26 -15.31 -14.94
CA GLU E 170 21.90 -15.10 -14.50
C GLU E 170 21.80 -13.75 -13.81
N GLN E 171 20.57 -13.25 -13.64
CA GLN E 171 20.42 -11.94 -13.02
C GLN E 171 20.93 -11.97 -11.58
N ASP E 172 21.56 -10.89 -11.16
CA ASP E 172 22.17 -10.87 -9.84
C ASP E 172 21.10 -10.69 -8.76
N SER E 173 21.14 -11.56 -7.76
CA SER E 173 20.07 -11.54 -6.75
C SER E 173 20.10 -10.27 -5.92
N LYS E 174 21.24 -9.57 -5.90
CA LYS E 174 21.36 -8.33 -5.14
C LYS E 174 21.03 -7.13 -6.03
N ASP E 175 21.91 -6.82 -7.00
CA ASP E 175 21.79 -5.57 -7.76
C ASP E 175 21.23 -5.76 -9.17
N SER E 176 20.74 -6.96 -9.49
CA SER E 176 19.93 -7.22 -10.69
C SER E 176 20.66 -6.92 -12.00
N THR E 177 21.98 -6.93 -11.99
CA THR E 177 22.76 -6.72 -13.21
C THR E 177 23.23 -8.04 -13.79
N TYR E 178 23.66 -7.98 -15.03
CA TYR E 178 24.24 -9.13 -15.69
C TYR E 178 25.76 -8.97 -15.75
N SER E 179 26.43 -10.03 -16.21
CA SER E 179 27.85 -10.00 -16.55
C SER E 179 28.12 -10.95 -17.71
N LEU E 180 29.01 -10.55 -18.60
CA LEU E 180 29.24 -11.32 -19.82
C LEU E 180 30.73 -11.60 -20.01
N SER E 181 31.02 -12.71 -20.69
CA SER E 181 32.38 -13.08 -21.00
C SER E 181 32.48 -13.44 -22.48
N SER E 182 33.44 -12.86 -23.21
CA SER E 182 33.72 -13.25 -24.59
C SER E 182 35.13 -13.77 -24.73
N THR E 183 35.24 -15.04 -25.11
CA THR E 183 36.52 -15.73 -25.17
C THR E 183 36.95 -15.93 -26.62
N LEU E 184 38.15 -15.45 -26.94
CA LEU E 184 38.83 -15.68 -28.21
C LEU E 184 39.74 -16.89 -28.06
N THR E 185 39.50 -17.93 -28.85
CA THR E 185 40.25 -19.18 -28.70
C THR E 185 41.09 -19.43 -29.95
N LEU E 186 42.38 -19.09 -29.88
CA LEU E 186 43.33 -19.29 -30.97
C LEU E 186 44.37 -20.36 -30.61
N SER E 187 44.75 -21.15 -31.62
CA SER E 187 45.93 -21.99 -31.49
C SER E 187 47.16 -21.10 -31.31
N LYS E 188 48.18 -21.67 -30.66
CA LYS E 188 49.37 -20.87 -30.38
C LYS E 188 50.02 -20.38 -31.67
N ALA E 189 49.95 -21.20 -32.72
CA ALA E 189 50.50 -20.80 -34.03
C ALA E 189 49.98 -19.44 -34.46
N ASP E 190 48.66 -19.31 -34.62
CA ASP E 190 48.08 -18.03 -34.99
C ASP E 190 48.28 -16.97 -33.90
N TYR E 191 48.38 -17.38 -32.64
CA TYR E 191 48.46 -16.38 -31.58
C TYR E 191 49.77 -15.61 -31.64
N GLU E 192 50.88 -16.31 -31.34
CA GLU E 192 52.23 -15.75 -31.43
C GLU E 192 52.51 -15.54 -32.92
N LYS E 193 52.10 -14.38 -33.40
CA LYS E 193 52.02 -14.12 -34.84
C LYS E 193 51.61 -12.67 -35.01
N HIS E 194 50.59 -12.24 -34.26
CA HIS E 194 50.10 -10.86 -34.31
C HIS E 194 50.42 -10.13 -33.03
N LYS E 195 50.25 -8.81 -33.10
CA LYS E 195 50.79 -7.89 -32.10
C LYS E 195 49.79 -7.61 -30.99
N VAL E 196 48.72 -6.87 -31.32
CA VAL E 196 47.78 -6.31 -30.35
C VAL E 196 46.47 -7.11 -30.40
N TYR E 197 45.77 -7.14 -29.26
CA TYR E 197 44.50 -7.85 -29.12
C TYR E 197 43.48 -6.95 -28.41
N ALA E 198 42.41 -6.59 -29.11
CA ALA E 198 41.49 -5.58 -28.63
C ALA E 198 40.06 -6.13 -28.51
N CYS E 199 39.35 -5.60 -27.52
CA CYS E 199 37.95 -5.87 -27.23
C CYS E 199 37.20 -4.55 -27.32
N GLU E 200 36.35 -4.37 -28.32
CA GLU E 200 35.51 -3.17 -28.37
C GLU E 200 34.09 -3.55 -27.95
N VAL E 201 33.62 -2.98 -26.84
CA VAL E 201 32.27 -3.18 -26.32
C VAL E 201 31.41 -1.99 -26.72
N THR E 202 30.17 -2.25 -27.12
CA THR E 202 29.21 -1.17 -27.29
C THR E 202 27.97 -1.55 -26.50
N HIS E 203 27.31 -0.54 -25.92
CA HIS E 203 26.21 -0.79 -24.99
C HIS E 203 25.44 0.49 -24.75
N GLN E 204 24.17 0.33 -24.31
CA GLN E 204 23.34 1.48 -24.00
C GLN E 204 23.83 2.23 -22.76
N GLY E 205 24.57 1.57 -21.89
CA GLY E 205 25.20 2.31 -20.82
C GLY E 205 26.21 3.32 -21.29
N LEU E 206 26.54 3.31 -22.59
CA LEU E 206 27.63 4.11 -23.13
C LEU E 206 27.16 4.88 -24.36
N SER E 207 27.74 6.07 -24.58
CA SER E 207 27.53 6.78 -25.83
C SER E 207 28.67 6.54 -26.82
N SER E 208 29.89 6.27 -26.32
CA SER E 208 31.03 5.90 -27.15
C SER E 208 31.33 4.41 -27.02
N PRO E 209 31.35 3.64 -28.10
CA PRO E 209 31.94 2.29 -28.02
C PRO E 209 33.27 2.27 -27.26
N VAL E 210 33.29 1.63 -26.09
CA VAL E 210 34.47 1.53 -25.26
C VAL E 210 35.37 0.43 -25.80
N THR E 211 36.68 0.68 -25.82
CA THR E 211 37.65 -0.33 -26.24
C THR E 211 38.74 -0.51 -25.19
N LYS E 212 39.06 -1.76 -24.92
CA LYS E 212 40.14 -2.14 -24.01
C LYS E 212 41.02 -3.14 -24.76
N SER E 213 42.34 -3.09 -24.50
CA SER E 213 43.33 -3.74 -25.36
C SER E 213 44.63 -3.97 -24.60
N PHE E 214 45.52 -4.76 -25.21
CA PHE E 214 46.83 -5.03 -24.64
C PHE E 214 47.82 -5.38 -25.76
N ASN E 215 49.10 -5.17 -25.47
CA ASN E 215 50.21 -5.58 -26.33
C ASN E 215 50.73 -6.95 -25.93
N ARG E 216 50.89 -7.85 -26.90
CA ARG E 216 51.31 -9.22 -26.65
C ARG E 216 52.56 -9.27 -25.78
N GLY E 217 52.50 -8.74 -24.55
CA GLY E 217 53.66 -8.67 -23.68
C GLY E 217 53.89 -7.34 -22.97
N GLU E 218 54.11 -7.39 -21.65
CA GLU E 218 54.36 -6.19 -20.84
C GLU E 218 55.12 -6.55 -19.56
N GLU F 18 7.33 -52.02 11.15
CA GLU F 18 6.52 -52.72 10.14
C GLU F 18 5.15 -52.04 9.87
N ALA F 19 4.62 -51.33 10.86
CA ALA F 19 3.35 -50.60 10.76
C ALA F 19 3.33 -49.55 11.87
N ILE F 20 2.18 -48.81 12.00
CA ILE F 20 2.09 -47.77 13.03
C ILE F 20 1.57 -48.40 14.32
N GLN F 21 1.91 -47.78 15.43
CA GLN F 21 1.61 -48.30 16.77
C GLN F 21 0.35 -47.62 17.30
N VAL F 22 -0.79 -48.28 17.13
CA VAL F 22 -2.01 -47.88 17.84
C VAL F 22 -1.86 -48.28 19.30
N THR F 23 -2.04 -47.32 20.21
CA THR F 23 -1.89 -47.55 21.65
C THR F 23 -3.23 -47.30 22.34
N GLN F 24 -3.86 -48.40 22.82
CA GLN F 24 -5.05 -48.53 23.62
C GLN F 24 -4.67 -49.02 25.01
N PRO F 25 -5.41 -48.63 26.05
CA PRO F 25 -5.14 -49.15 27.39
C PRO F 25 -5.80 -50.50 27.61
N SER F 26 -5.30 -51.21 28.62
CA SER F 26 -5.70 -52.60 28.84
C SER F 26 -7.20 -52.72 29.12
N VAL F 27 -7.68 -51.99 30.12
CA VAL F 27 -9.05 -52.13 30.61
C VAL F 27 -9.64 -50.75 30.93
N VAL F 28 -10.95 -50.64 30.78
CA VAL F 28 -11.73 -49.45 31.13
C VAL F 28 -13.10 -49.92 31.58
N LEU F 29 -13.49 -49.58 32.82
CA LEU F 29 -14.81 -49.92 33.32
C LEU F 29 -15.82 -48.91 32.78
N ALA F 30 -16.83 -49.41 32.09
CA ALA F 30 -17.87 -48.52 31.57
C ALA F 30 -18.68 -47.93 32.73
N SER F 31 -19.43 -46.88 32.41
CA SER F 31 -20.39 -46.32 33.35
C SER F 31 -21.53 -47.29 33.57
N SER F 32 -22.16 -47.18 34.75
CA SER F 32 -23.37 -47.96 34.99
C SER F 32 -24.55 -47.44 34.18
N HIS F 33 -24.47 -46.21 33.68
CA HIS F 33 -25.40 -45.78 32.63
C HIS F 33 -25.09 -46.49 31.32
N GLY F 34 -23.83 -46.88 31.12
CA GLY F 34 -23.43 -47.69 29.99
C GLY F 34 -22.54 -46.96 29.00
N VAL F 35 -21.49 -46.30 29.48
CA VAL F 35 -20.58 -45.53 28.62
C VAL F 35 -19.15 -45.70 29.09
N ALA F 36 -18.28 -46.12 28.17
CA ALA F 36 -16.84 -46.24 28.42
C ALA F 36 -16.07 -45.43 27.37
N SER F 37 -14.88 -44.99 27.76
CA SER F 37 -14.09 -44.09 26.95
C SER F 37 -12.63 -44.26 27.29
N PHE F 38 -11.77 -44.22 26.27
CA PHE F 38 -10.35 -44.49 26.44
C PHE F 38 -9.59 -43.84 25.28
N PRO F 39 -8.28 -43.58 25.46
CA PRO F 39 -7.53 -42.81 24.46
C PRO F 39 -6.71 -43.67 23.52
N CYS F 40 -6.87 -43.45 22.23
CA CYS F 40 -6.14 -44.18 21.19
C CYS F 40 -5.10 -43.24 20.58
N GLU F 41 -3.84 -43.38 21.02
CA GLU F 41 -2.75 -42.46 20.68
C GLU F 41 -1.66 -43.18 19.89
N TYR F 42 -1.50 -42.83 18.60
CA TYR F 42 -0.62 -43.53 17.67
C TYR F 42 0.67 -42.76 17.38
N SER F 43 1.57 -43.43 16.65
CA SER F 43 2.90 -42.91 16.29
C SER F 43 3.34 -43.41 14.92
N PRO F 44 3.83 -42.52 14.03
CA PRO F 44 4.16 -41.08 14.24
C PRO F 44 3.01 -40.09 14.00
N SER F 45 3.02 -38.96 14.74
CA SER F 45 1.93 -37.99 14.70
C SER F 45 1.56 -37.58 13.28
N HIS F 46 2.56 -37.12 12.51
CA HIS F 46 2.42 -36.43 11.23
C HIS F 46 1.55 -37.21 10.25
N ASN F 47 1.19 -36.59 9.12
CA ASN F 47 0.37 -37.19 8.07
C ASN F 47 -1.10 -36.99 8.40
N THR F 48 -1.37 -35.93 9.17
CA THR F 48 -2.62 -35.72 9.90
C THR F 48 -3.82 -35.38 9.02
N ASP F 49 -3.64 -35.23 7.71
CA ASP F 49 -4.73 -34.76 6.84
C ASP F 49 -5.99 -35.63 6.93
N GLU F 50 -5.96 -36.82 6.34
CA GLU F 50 -7.16 -37.66 6.22
C GLU F 50 -6.95 -38.91 7.07
N VAL F 51 -7.41 -38.87 8.32
CA VAL F 51 -7.28 -39.99 9.26
C VAL F 51 -8.62 -40.71 9.38
N ARG F 52 -8.63 -42.00 9.09
CA ARG F 52 -9.80 -42.85 9.20
C ARG F 52 -9.63 -43.72 10.45
N VAL F 53 -10.56 -43.61 11.40
CA VAL F 53 -10.52 -44.41 12.62
C VAL F 53 -11.74 -45.32 12.63
N THR F 54 -11.49 -46.62 12.78
CA THR F 54 -12.52 -47.65 12.83
C THR F 54 -12.30 -48.50 14.09
N VAL F 55 -13.38 -49.12 14.56
CA VAL F 55 -13.44 -49.76 15.87
C VAL F 55 -13.61 -51.27 15.69
N LEU F 56 -12.92 -52.04 16.53
CA LEU F 56 -13.03 -53.49 16.48
C LEU F 56 -13.65 -54.06 17.75
N THR F 64 -15.50 -57.69 14.31
CA THR F 64 -16.42 -56.76 14.95
C THR F 64 -16.30 -55.35 14.33
N GLU F 65 -17.30 -54.98 13.52
CA GLU F 65 -17.27 -53.71 12.77
C GLU F 65 -18.20 -52.71 13.44
N VAL F 66 -17.68 -52.08 14.51
CA VAL F 66 -18.45 -51.23 15.41
C VAL F 66 -18.88 -49.94 14.73
N CYS F 67 -17.98 -48.94 14.71
CA CYS F 67 -18.24 -47.68 14.02
C CYS F 67 -16.96 -47.14 13.38
N ALA F 68 -17.13 -46.40 12.29
CA ALA F 68 -16.01 -45.91 11.49
C ALA F 68 -16.29 -44.50 10.97
N THR F 69 -15.25 -43.68 10.88
CA THR F 69 -15.34 -42.36 10.27
C THR F 69 -13.93 -41.88 9.95
N THR F 70 -13.85 -40.94 9.00
CA THR F 70 -12.57 -40.37 8.56
C THR F 70 -12.47 -38.92 9.01
N PHE F 71 -11.55 -38.66 9.93
CA PHE F 71 -11.34 -37.33 10.52
C PHE F 71 -10.63 -36.42 9.52
N THR F 72 -11.37 -35.60 8.79
CA THR F 72 -10.72 -34.66 7.91
C THR F 72 -10.65 -33.29 8.59
N GLU F 73 -10.52 -32.24 7.78
CA GLU F 73 -10.75 -30.87 8.21
C GLU F 73 -12.15 -30.40 7.85
N LYS F 74 -12.70 -30.89 6.74
CA LYS F 74 -14.09 -30.63 6.38
C LYS F 74 -15.07 -31.25 7.37
N ASN F 75 -14.67 -32.30 8.11
CA ASN F 75 -15.49 -32.94 9.14
C ASN F 75 -14.62 -33.17 10.38
N THR F 76 -14.62 -32.20 11.31
CA THR F 76 -13.88 -32.35 12.56
C THR F 76 -14.68 -33.09 13.63
N VAL F 77 -16.00 -33.20 13.44
CA VAL F 77 -16.87 -33.98 14.31
C VAL F 77 -16.93 -35.40 13.75
N GLY F 78 -16.74 -36.38 14.63
CA GLY F 78 -16.53 -37.76 14.21
C GLY F 78 -17.75 -38.64 14.42
N PHE F 79 -17.86 -39.67 13.57
CA PHE F 79 -18.81 -40.77 13.74
C PHE F 79 -20.26 -40.31 13.65
N LEU F 80 -20.56 -39.51 12.63
CA LEU F 80 -21.88 -38.87 12.57
C LEU F 80 -22.99 -39.91 12.38
N ASP F 81 -22.73 -40.96 11.60
CA ASP F 81 -23.71 -42.02 11.38
C ASP F 81 -23.73 -43.07 12.50
N TYR F 82 -22.84 -42.96 13.48
CA TYR F 82 -22.75 -43.88 14.61
C TYR F 82 -23.15 -43.16 15.90
N PRO F 83 -24.44 -43.18 16.27
CA PRO F 83 -24.87 -42.41 17.45
C PRO F 83 -24.24 -42.90 18.74
N PHE F 84 -24.08 -44.23 18.90
CA PHE F 84 -23.46 -44.84 20.09
C PHE F 84 -21.94 -44.62 20.15
N CYS F 85 -21.34 -43.79 19.28
CA CYS F 85 -19.90 -43.55 19.23
C CYS F 85 -19.60 -42.07 19.22
N SER F 86 -18.43 -41.70 19.76
CA SER F 86 -18.02 -40.32 19.88
C SER F 86 -16.56 -40.19 19.47
N GLY F 87 -16.23 -39.11 18.77
CA GLY F 87 -14.86 -38.94 18.30
C GLY F 87 -14.30 -37.53 18.20
N THR F 88 -13.14 -37.31 18.81
CA THR F 88 -12.39 -36.05 18.71
C THR F 88 -10.91 -36.36 18.48
N PHE F 89 -10.36 -35.92 17.34
CA PHE F 89 -8.97 -36.20 16.98
C PHE F 89 -8.06 -34.99 17.24
N ASN F 90 -6.82 -35.28 17.66
CA ASN F 90 -5.81 -34.24 17.83
C ASN F 90 -4.44 -34.91 17.77
N GLU F 91 -3.75 -34.77 16.63
CA GLU F 91 -2.38 -35.23 16.44
C GLU F 91 -2.19 -36.68 16.85
N SER F 92 -1.43 -36.92 17.93
CA SER F 92 -1.14 -38.29 18.33
C SER F 92 -1.89 -38.68 19.60
N ARG F 93 -3.23 -38.67 19.53
CA ARG F 93 -4.13 -39.02 20.61
C ARG F 93 -5.57 -38.84 20.13
N VAL F 94 -6.48 -39.78 20.42
CA VAL F 94 -7.85 -39.67 19.95
C VAL F 94 -8.83 -40.18 21.01
N ASN F 95 -9.45 -39.26 21.77
CA ASN F 95 -10.38 -39.65 22.81
C ASN F 95 -11.68 -40.15 22.21
N LEU F 96 -11.97 -41.44 22.41
CA LEU F 96 -13.14 -42.13 21.89
C LEU F 96 -14.11 -42.43 23.02
N THR F 97 -15.37 -42.70 22.64
CA THR F 97 -16.42 -42.91 23.63
C THR F 97 -17.52 -43.77 23.03
N ILE F 98 -17.87 -44.86 23.73
CA ILE F 98 -18.99 -45.72 23.36
C ILE F 98 -20.07 -45.61 24.44
N GLN F 99 -21.31 -45.41 24.01
CA GLN F 99 -22.46 -45.33 24.91
C GLN F 99 -23.32 -46.58 24.81
N GLY F 100 -24.23 -46.72 25.77
CA GLY F 100 -25.22 -47.78 25.72
C GLY F 100 -24.68 -49.18 25.78
N LEU F 101 -23.41 -49.34 26.16
CA LEU F 101 -22.89 -50.67 26.45
C LEU F 101 -23.62 -51.23 27.67
N ARG F 102 -24.36 -52.31 27.48
CA ARG F 102 -24.97 -53.01 28.60
C ARG F 102 -23.97 -54.06 29.08
N ALA F 103 -24.40 -54.89 30.03
CA ALA F 103 -23.54 -55.94 30.55
C ALA F 103 -22.91 -56.80 29.44
N VAL F 104 -23.65 -57.06 28.36
CA VAL F 104 -23.19 -58.01 27.35
C VAL F 104 -21.97 -57.49 26.57
N ASP F 105 -21.73 -56.19 26.54
CA ASP F 105 -20.75 -55.66 25.61
C ASP F 105 -19.33 -55.69 26.16
N THR F 106 -19.12 -56.30 27.32
CA THR F 106 -17.77 -56.66 27.70
C THR F 106 -17.11 -57.45 26.58
N GLY F 107 -15.85 -57.15 26.32
CA GLY F 107 -15.13 -57.88 25.29
C GLY F 107 -13.89 -57.14 24.83
N LEU F 108 -13.24 -57.74 23.83
CA LEU F 108 -12.02 -57.20 23.23
C LEU F 108 -12.37 -56.12 22.21
N TYR F 109 -11.85 -54.91 22.44
CA TYR F 109 -12.09 -53.74 21.61
C TYR F 109 -10.77 -53.20 21.09
N LEU F 110 -10.71 -52.91 19.79
CA LEU F 110 -9.48 -52.51 19.12
C LEU F 110 -9.67 -51.25 18.27
N CYS F 111 -8.55 -50.57 18.03
CA CYS F 111 -8.48 -49.26 17.38
C CYS F 111 -7.60 -49.33 16.13
N LYS F 112 -8.17 -48.94 14.99
CA LYS F 112 -7.47 -48.93 13.71
C LYS F 112 -7.31 -47.50 13.21
N VAL F 113 -6.11 -47.16 12.73
CA VAL F 113 -5.77 -45.82 12.27
C VAL F 113 -5.32 -45.89 10.81
N GLU F 114 -6.16 -45.39 9.90
CA GLU F 114 -5.85 -45.37 8.46
C GLU F 114 -5.39 -43.97 8.03
N LEU F 115 -4.09 -43.82 7.76
CA LEU F 115 -3.51 -42.54 7.32
C LEU F 115 -3.62 -42.45 5.80
N MET F 116 -4.81 -42.08 5.32
CA MET F 116 -5.17 -42.18 3.90
C MET F 116 -4.62 -41.06 2.99
N TYR F 117 -3.86 -40.09 3.51
CA TYR F 117 -3.27 -39.01 2.67
C TYR F 117 -2.12 -38.43 3.48
N PRO F 118 -0.92 -38.32 2.91
CA PRO F 118 -0.52 -38.66 1.51
C PRO F 118 -0.47 -40.15 1.19
N PRO F 119 -0.74 -40.54 -0.06
CA PRO F 119 -0.40 -41.89 -0.51
C PRO F 119 1.09 -42.18 -0.34
N PRO F 120 1.47 -43.44 -0.01
CA PRO F 120 0.65 -44.64 0.22
C PRO F 120 -0.03 -44.69 1.58
N TYR F 121 -1.24 -45.27 1.65
CA TYR F 121 -1.97 -45.39 2.91
C TYR F 121 -1.11 -46.11 3.95
N PHE F 122 -1.27 -45.74 5.22
CA PHE F 122 -0.39 -46.13 6.33
C PHE F 122 -1.27 -46.53 7.50
N VAL F 123 -1.11 -47.75 8.02
CA VAL F 123 -2.13 -48.32 8.89
C VAL F 123 -1.53 -48.97 10.13
N GLY F 124 -2.41 -49.29 11.08
CA GLY F 124 -2.00 -49.88 12.34
C GLY F 124 -3.19 -50.39 13.14
N MET F 125 -2.85 -50.97 14.30
CA MET F 125 -3.78 -51.66 15.18
C MET F 125 -3.16 -51.73 16.57
N GLY F 126 -4.00 -51.97 17.58
CA GLY F 126 -3.55 -52.10 18.95
C GLY F 126 -3.65 -53.52 19.50
N ASN F 127 -2.99 -53.72 20.65
CA ASN F 127 -3.11 -55.00 21.35
C ASN F 127 -4.54 -55.26 21.82
N GLY F 128 -5.36 -54.23 21.98
CA GLY F 128 -6.74 -54.36 22.40
C GLY F 128 -7.02 -53.59 23.68
N THR F 129 -8.33 -53.44 23.95
CA THR F 129 -8.80 -52.81 25.18
C THR F 129 -10.04 -53.55 25.68
N GLN F 130 -10.03 -53.93 26.96
CA GLN F 130 -11.14 -54.65 27.56
C GLN F 130 -12.06 -53.67 28.29
N ILE F 131 -13.35 -53.77 28.02
CA ILE F 131 -14.34 -52.81 28.49
C ILE F 131 -15.44 -53.56 29.23
N TYR F 132 -15.40 -53.55 30.57
CA TYR F 132 -16.38 -54.24 31.40
C TYR F 132 -17.59 -53.37 31.62
N VAL F 133 -18.77 -54.00 31.61
CA VAL F 133 -20.01 -53.25 31.80
C VAL F 133 -20.87 -53.97 32.84
N ILE F 134 -21.19 -53.25 33.92
CA ILE F 134 -22.02 -53.80 34.98
C ILE F 134 -23.49 -53.57 34.69
N GLU G 1 -56.03 15.15 5.44
CA GLU G 1 -54.61 14.90 5.64
C GLU G 1 -53.80 15.24 4.38
N VAL G 2 -53.16 16.42 4.39
CA VAL G 2 -52.31 16.81 3.26
C VAL G 2 -51.15 15.84 3.14
N GLN G 3 -50.86 15.41 1.92
CA GLN G 3 -49.72 14.54 1.73
C GLN G 3 -49.09 14.82 0.36
N LEU G 4 -47.78 14.90 0.32
CA LEU G 4 -47.05 14.93 -0.94
C LEU G 4 -46.23 13.65 -1.04
N GLN G 5 -46.15 13.07 -2.23
CA GLN G 5 -45.52 11.76 -2.42
C GLN G 5 -44.54 11.82 -3.58
N GLN G 6 -43.25 11.97 -3.29
CA GLN G 6 -42.26 12.15 -4.34
C GLN G 6 -41.80 10.80 -4.90
N SER G 7 -41.14 10.87 -6.05
CA SER G 7 -40.68 9.70 -6.77
C SER G 7 -39.43 9.12 -6.13
N GLY G 8 -39.20 7.86 -6.46
CA GLY G 8 -38.06 7.14 -5.94
C GLY G 8 -36.77 7.70 -6.45
N PRO G 9 -35.70 7.32 -5.79
CA PRO G 9 -34.38 7.79 -6.21
C PRO G 9 -33.98 7.25 -7.57
N VAL G 10 -33.11 7.99 -8.24
CA VAL G 10 -32.71 7.66 -9.61
C VAL G 10 -31.18 7.72 -9.70
N LEU G 11 -30.59 6.71 -10.31
CA LEU G 11 -29.19 6.78 -10.71
C LEU G 11 -29.13 7.17 -12.19
N VAL G 12 -28.55 8.34 -12.48
CA VAL G 12 -28.46 8.86 -13.83
C VAL G 12 -26.99 9.12 -14.17
N LYS G 13 -26.58 8.76 -15.40
CA LYS G 13 -25.21 9.03 -15.83
C LYS G 13 -25.04 10.53 -16.03
N PRO G 14 -23.80 11.03 -16.00
CA PRO G 14 -23.61 12.47 -16.20
C PRO G 14 -24.08 12.90 -17.58
N GLY G 15 -24.36 14.19 -17.70
CA GLY G 15 -24.87 14.74 -18.95
C GLY G 15 -26.35 14.54 -19.16
N ALA G 16 -26.83 13.31 -18.89
CA ALA G 16 -28.22 12.91 -19.07
C ALA G 16 -29.25 13.86 -18.45
N SER G 17 -30.50 13.42 -18.38
CA SER G 17 -31.54 14.26 -17.81
C SER G 17 -32.44 13.39 -16.96
N VAL G 18 -33.05 14.02 -15.95
CA VAL G 18 -33.92 13.30 -15.03
C VAL G 18 -35.10 14.19 -14.68
N LYS G 19 -36.29 13.59 -14.71
CA LYS G 19 -37.55 14.24 -14.38
C LYS G 19 -38.14 13.50 -13.21
N MET G 20 -38.68 14.24 -12.23
CA MET G 20 -39.23 13.65 -11.03
C MET G 20 -40.61 14.24 -10.74
N SER G 21 -41.36 13.53 -9.90
CA SER G 21 -42.77 13.83 -9.68
C SER G 21 -43.07 13.84 -8.19
N CYS G 22 -44.28 14.29 -7.87
CA CYS G 22 -44.68 14.68 -6.52
C CYS G 22 -46.20 14.79 -6.49
N LYS G 23 -46.90 13.74 -6.08
CA LYS G 23 -48.35 13.63 -6.21
C LYS G 23 -49.04 14.02 -4.90
N ALA G 24 -49.71 15.17 -4.90
CA ALA G 24 -50.44 15.65 -3.73
C ALA G 24 -51.82 15.01 -3.61
N SER G 25 -52.35 14.99 -2.39
CA SER G 25 -53.61 14.28 -2.16
C SER G 25 -54.13 14.65 -0.78
N GLY G 26 -55.45 14.57 -0.63
CA GLY G 26 -56.11 14.93 0.61
C GLY G 26 -56.50 16.38 0.74
N TYR G 27 -56.27 17.19 -0.28
CA TYR G 27 -56.68 18.59 -0.28
C TYR G 27 -56.92 19.00 -1.74
N THR G 28 -57.07 20.32 -1.94
CA THR G 28 -57.39 20.92 -3.24
C THR G 28 -56.09 21.19 -4.01
N PHE G 29 -55.78 20.34 -4.98
CA PHE G 29 -54.43 20.34 -5.55
C PHE G 29 -54.03 21.67 -6.17
N THR G 30 -54.98 22.41 -6.74
CA THR G 30 -54.63 23.58 -7.52
C THR G 30 -54.69 24.86 -6.71
N ASP G 31 -55.12 24.79 -5.46
CA ASP G 31 -55.41 26.01 -4.70
C ASP G 31 -54.13 26.81 -4.43
N TYR G 32 -53.02 26.14 -4.12
CA TYR G 32 -51.85 26.81 -3.53
C TYR G 32 -50.57 26.56 -4.34
N TYR G 33 -49.66 27.54 -4.30
CA TYR G 33 -48.36 27.42 -4.97
C TYR G 33 -47.57 26.22 -4.43
N MET G 34 -46.53 25.86 -5.16
CA MET G 34 -45.70 24.71 -4.82
C MET G 34 -44.24 25.09 -5.03
N ASN G 35 -43.38 24.66 -4.10
CA ASN G 35 -41.95 24.94 -4.19
C ASN G 35 -41.16 23.66 -4.46
N TRP G 36 -39.92 23.85 -4.91
CA TRP G 36 -38.96 22.76 -5.08
C TRP G 36 -37.62 23.22 -4.53
N VAL G 37 -37.12 22.52 -3.51
CA VAL G 37 -35.92 22.90 -2.76
C VAL G 37 -34.83 21.85 -2.94
N LYS G 38 -33.60 22.31 -3.15
CA LYS G 38 -32.45 21.42 -3.25
C LYS G 38 -31.65 21.44 -1.95
N GLN G 39 -31.27 20.25 -1.48
CA GLN G 39 -30.39 20.09 -0.33
C GLN G 39 -29.28 19.12 -0.71
N SER G 40 -28.06 19.62 -0.91
CA SER G 40 -26.93 18.75 -1.16
C SER G 40 -26.62 17.94 0.10
N HIS G 41 -25.64 17.04 0.04
CA HIS G 41 -25.30 16.29 1.25
C HIS G 41 -24.83 17.22 2.36
N GLY G 42 -24.13 18.29 1.98
CA GLY G 42 -23.62 19.30 2.90
C GLY G 42 -24.65 19.83 3.87
N LYS G 43 -25.91 19.81 3.45
CA LYS G 43 -27.10 20.18 4.22
C LYS G 43 -27.37 21.67 4.24
N SER G 44 -26.80 22.44 3.33
CA SER G 44 -27.37 23.75 3.09
C SER G 44 -28.65 23.55 2.29
N LEU G 45 -29.66 24.34 2.57
CA LEU G 45 -30.86 24.27 1.75
C LEU G 45 -30.81 25.40 0.73
N GLU G 46 -31.20 25.10 -0.51
CA GLU G 46 -31.31 26.10 -1.56
C GLU G 46 -32.74 26.09 -2.06
N TRP G 47 -33.18 27.23 -2.57
CA TRP G 47 -34.51 27.36 -3.15
C TRP G 47 -34.39 27.41 -4.68
N ILE G 48 -34.97 26.43 -5.35
CA ILE G 48 -34.90 26.36 -6.81
C ILE G 48 -35.88 27.35 -7.44
N GLY G 49 -37.14 27.29 -7.00
CA GLY G 49 -38.14 28.19 -7.53
C GLY G 49 -39.49 27.91 -6.91
N VAL G 50 -40.54 28.30 -7.63
CA VAL G 50 -41.92 28.09 -7.23
C VAL G 50 -42.73 27.83 -8.51
N ILE G 51 -43.89 27.21 -8.33
CA ILE G 51 -44.78 26.97 -9.47
C ILE G 51 -46.21 26.89 -8.96
N ASN G 52 -47.14 27.55 -9.67
CA ASN G 52 -48.57 27.57 -9.41
C ASN G 52 -49.25 26.49 -10.25
N PRO G 53 -50.19 25.70 -9.67
CA PRO G 53 -50.85 24.64 -10.46
C PRO G 53 -51.90 25.11 -11.46
N TYR G 54 -52.69 26.15 -11.15
CA TYR G 54 -53.72 26.60 -12.10
C TYR G 54 -53.10 27.10 -13.40
N ASN G 55 -51.90 27.67 -13.33
CA ASN G 55 -51.29 28.37 -14.45
C ASN G 55 -50.26 27.53 -15.20
N GLY G 56 -49.21 27.11 -14.52
CA GLY G 56 -47.98 26.75 -15.16
C GLY G 56 -46.93 27.84 -15.08
N ASP G 57 -47.22 28.92 -14.38
CA ASP G 57 -46.30 30.04 -14.17
C ASP G 57 -45.09 29.59 -13.34
N THR G 58 -44.05 30.41 -13.36
CA THR G 58 -42.79 30.10 -12.69
C THR G 58 -42.16 31.37 -12.15
N SER G 59 -41.62 31.30 -10.93
CA SER G 59 -40.69 32.31 -10.40
C SER G 59 -39.44 31.58 -9.96
N TYR G 60 -38.33 31.87 -10.62
CA TYR G 60 -37.12 31.07 -10.50
C TYR G 60 -36.03 31.79 -9.71
N ASN G 61 -35.24 31.01 -8.98
CA ASN G 61 -33.92 31.45 -8.58
C ASN G 61 -33.06 31.49 -9.84
N GLN G 62 -32.44 32.65 -10.11
CA GLN G 62 -31.67 32.82 -11.34
C GLN G 62 -30.56 31.78 -11.45
N LYS G 63 -29.96 31.41 -10.32
CA LYS G 63 -28.94 30.38 -10.32
C LYS G 63 -29.43 29.09 -10.95
N PHE G 64 -30.75 28.85 -10.95
CA PHE G 64 -31.32 27.61 -11.47
C PHE G 64 -32.00 27.80 -12.82
N LYS G 65 -31.86 28.97 -13.44
CA LYS G 65 -32.69 29.30 -14.60
C LYS G 65 -32.54 28.28 -15.73
N GLY G 66 -31.30 27.89 -16.04
CA GLY G 66 -31.08 27.00 -17.17
C GLY G 66 -30.69 25.60 -16.78
N LYS G 67 -31.04 25.23 -15.55
CA LYS G 67 -30.77 23.90 -15.01
C LYS G 67 -32.03 23.17 -14.59
N ALA G 68 -33.02 23.88 -14.03
CA ALA G 68 -34.27 23.29 -13.60
C ALA G 68 -35.41 23.64 -14.55
N THR G 69 -36.50 22.87 -14.44
CA THR G 69 -37.64 22.97 -15.36
C THR G 69 -38.91 22.66 -14.58
N LEU G 70 -39.64 23.70 -14.18
CA LEU G 70 -40.77 23.54 -13.27
C LEU G 70 -42.08 23.38 -14.05
N THR G 71 -42.60 22.16 -14.09
CA THR G 71 -43.90 21.91 -14.69
C THR G 71 -44.88 21.43 -13.61
N VAL G 72 -46.17 21.47 -13.95
CA VAL G 72 -47.21 20.85 -13.14
C VAL G 72 -48.14 20.07 -14.05
N ASP G 73 -49.31 19.68 -13.54
CA ASP G 73 -50.26 18.87 -14.32
C ASP G 73 -51.58 18.70 -13.59
N LYS G 74 -52.54 19.60 -13.86
CA LYS G 74 -53.75 19.72 -13.05
C LYS G 74 -54.60 18.44 -13.02
N SER G 75 -54.45 17.56 -14.01
CA SER G 75 -55.36 16.41 -14.10
C SER G 75 -55.02 15.34 -13.06
N SER G 76 -53.73 15.07 -12.86
CA SER G 76 -53.26 14.05 -11.94
C SER G 76 -53.00 14.58 -10.54
N SER G 77 -53.15 15.89 -10.32
CA SER G 77 -52.79 16.55 -9.07
C SER G 77 -51.30 16.36 -8.75
N THR G 78 -50.46 16.62 -9.75
CA THR G 78 -49.03 16.37 -9.62
C THR G 78 -48.23 17.60 -10.05
N ALA G 79 -47.03 17.72 -9.48
CA ALA G 79 -46.02 18.67 -9.92
C ALA G 79 -44.81 17.91 -10.46
N TYR G 80 -44.00 18.60 -11.26
CA TYR G 80 -42.89 17.95 -11.94
C TYR G 80 -41.70 18.89 -12.01
N MET G 81 -40.51 18.30 -11.87
CA MET G 81 -39.26 19.01 -12.13
C MET G 81 -38.33 18.11 -12.92
N GLU G 82 -37.63 18.72 -13.86
CA GLU G 82 -36.74 18.07 -14.80
C GLU G 82 -35.44 18.88 -14.80
N LEU G 83 -34.31 18.18 -14.84
CA LEU G 83 -33.02 18.85 -14.70
C LEU G 83 -32.11 18.36 -15.81
N ASN G 84 -31.54 19.29 -16.58
CA ASN G 84 -30.78 18.97 -17.78
C ASN G 84 -29.28 19.17 -17.57
N SER G 85 -28.48 18.39 -18.29
CA SER G 85 -27.02 18.46 -18.25
C SER G 85 -26.47 18.00 -16.90
N LEU G 86 -26.74 16.75 -16.53
CA LEU G 86 -26.51 16.32 -15.16
C LEU G 86 -25.02 16.17 -14.85
N THR G 87 -24.58 16.85 -13.81
CA THR G 87 -23.19 16.85 -13.34
C THR G 87 -23.15 16.22 -11.95
N SER G 88 -21.93 15.88 -11.50
CA SER G 88 -21.82 15.32 -10.15
C SER G 88 -22.30 16.33 -9.10
N GLU G 89 -22.15 17.62 -9.38
CA GLU G 89 -22.64 18.70 -8.54
C GLU G 89 -24.17 18.74 -8.43
N ASP G 90 -24.88 17.88 -9.16
CA ASP G 90 -26.34 17.83 -9.08
C ASP G 90 -26.83 16.72 -8.17
N SER G 91 -25.95 15.81 -7.76
CA SER G 91 -26.28 14.80 -6.77
C SER G 91 -26.83 15.45 -5.51
N ALA G 92 -28.14 15.42 -5.32
CA ALA G 92 -28.67 15.92 -4.06
C ALA G 92 -29.87 15.07 -3.64
N VAL G 93 -30.57 15.58 -2.64
CA VAL G 93 -31.96 15.27 -2.40
C VAL G 93 -32.73 16.49 -2.86
N TYR G 94 -33.80 16.28 -3.61
CA TYR G 94 -34.67 17.37 -4.02
C TYR G 94 -36.03 17.15 -3.37
N TYR G 95 -36.57 18.21 -2.78
CA TYR G 95 -37.84 18.18 -2.05
C TYR G 95 -38.87 19.03 -2.78
N CYS G 96 -40.13 18.60 -2.74
CA CYS G 96 -41.24 19.46 -3.09
C CYS G 96 -41.97 19.87 -1.81
N ALA G 97 -42.50 21.10 -1.79
CA ALA G 97 -43.11 21.60 -0.56
C ALA G 97 -44.04 22.76 -0.90
N ARG G 98 -45.33 22.55 -0.70
CA ARG G 98 -46.31 23.54 -1.11
C ARG G 98 -46.54 24.58 -0.02
N TYR G 99 -46.92 25.78 -0.46
CA TYR G 99 -47.20 26.98 0.33
C TYR G 99 -48.48 26.81 1.16
N TYR G 100 -48.64 27.65 2.19
CA TYR G 100 -49.85 27.66 3.03
C TYR G 100 -49.74 28.70 4.13
N GLY G 101 -50.03 29.96 3.82
CA GLY G 101 -49.80 31.09 4.71
C GLY G 101 -48.35 31.29 5.05
N SER G 102 -47.44 30.64 4.32
CA SER G 102 -46.04 30.41 4.65
C SER G 102 -45.41 29.65 3.49
N TRP G 103 -44.08 29.65 3.43
CA TRP G 103 -43.45 29.19 2.20
C TRP G 103 -43.45 27.67 2.06
N PHE G 104 -42.99 26.92 3.07
CA PHE G 104 -42.93 25.45 3.00
C PHE G 104 -43.59 24.86 4.24
N ALA G 105 -44.92 24.77 4.26
CA ALA G 105 -45.61 24.20 5.41
C ALA G 105 -46.03 22.77 5.18
N TYR G 106 -45.65 22.17 4.06
CA TYR G 106 -45.98 20.77 3.77
C TYR G 106 -44.90 20.20 2.84
N TRP G 107 -44.17 19.19 3.30
CA TRP G 107 -43.00 18.70 2.58
C TRP G 107 -43.23 17.29 2.06
N GLY G 108 -42.48 16.94 1.03
CA GLY G 108 -42.43 15.58 0.56
C GLY G 108 -41.33 14.80 1.24
N GLN G 109 -41.27 13.52 0.91
CA GLN G 109 -40.20 12.70 1.47
C GLN G 109 -38.90 12.85 0.70
N GLY G 110 -38.89 13.65 -0.36
CA GLY G 110 -37.66 13.91 -1.07
C GLY G 110 -37.26 12.83 -2.03
N THR G 111 -36.70 13.21 -3.18
CA THR G 111 -36.17 12.27 -4.16
C THR G 111 -34.66 12.46 -4.17
N LEU G 112 -33.94 11.36 -4.28
CA LEU G 112 -32.49 11.35 -4.10
C LEU G 112 -31.79 11.01 -5.43
N ILE G 113 -31.20 12.02 -6.06
CA ILE G 113 -30.58 11.89 -7.37
C ILE G 113 -29.09 11.66 -7.22
N THR G 114 -28.58 10.55 -7.72
CA THR G 114 -27.15 10.31 -7.78
C THR G 114 -26.69 10.35 -9.22
N VAL G 115 -25.66 11.12 -9.49
CA VAL G 115 -25.12 11.26 -10.84
C VAL G 115 -23.80 10.51 -10.87
N SER G 116 -23.75 9.40 -11.61
CA SER G 116 -22.57 8.55 -11.56
C SER G 116 -22.36 7.78 -12.85
N THR G 117 -21.16 7.92 -13.41
CA THR G 117 -20.76 7.13 -14.58
C THR G 117 -20.81 5.63 -14.33
N ALA G 118 -21.06 5.19 -13.11
CA ALA G 118 -21.09 3.77 -12.80
C ALA G 118 -22.51 3.28 -12.66
N SER G 119 -22.62 1.94 -12.68
CA SER G 119 -23.86 1.21 -12.76
C SER G 119 -24.28 0.70 -11.40
N THR G 120 -25.60 0.74 -11.12
CA THR G 120 -26.12 0.35 -9.81
C THR G 120 -25.68 -1.07 -9.46
N LYS G 121 -25.93 -1.43 -8.21
CA LYS G 121 -25.61 -2.79 -7.76
C LYS G 121 -26.32 -3.00 -6.43
N GLY G 122 -27.11 -4.07 -6.35
CA GLY G 122 -27.93 -4.34 -5.19
C GLY G 122 -27.11 -4.91 -4.07
N PRO G 123 -27.65 -4.83 -2.85
CA PRO G 123 -26.91 -5.27 -1.67
C PRO G 123 -26.96 -6.77 -1.48
N SER G 124 -26.09 -7.24 -0.61
CA SER G 124 -26.18 -8.57 -0.02
C SER G 124 -26.60 -8.40 1.43
N VAL G 125 -27.33 -9.39 1.96
CA VAL G 125 -27.79 -9.33 3.34
C VAL G 125 -27.41 -10.61 4.05
N PHE G 126 -26.85 -10.48 5.22
CA PHE G 126 -26.38 -11.57 6.06
C PHE G 126 -26.90 -11.32 7.45
N PRO G 127 -27.02 -12.35 8.27
CA PRO G 127 -27.60 -12.16 9.59
C PRO G 127 -26.58 -11.96 10.70
N LEU G 128 -26.68 -10.83 11.40
CA LEU G 128 -26.07 -10.72 12.73
C LEU G 128 -27.08 -11.38 13.68
N ALA G 129 -26.73 -12.63 14.13
CA ALA G 129 -27.50 -13.64 14.86
C ALA G 129 -27.37 -13.47 16.37
N PRO G 130 -28.44 -13.57 17.15
CA PRO G 130 -28.31 -13.41 18.60
C PRO G 130 -27.53 -14.57 19.20
N SER G 131 -26.95 -14.33 20.37
CA SER G 131 -26.13 -15.37 20.98
C SER G 131 -26.48 -15.53 22.45
N SER G 132 -25.81 -16.49 23.08
CA SER G 132 -26.11 -16.91 24.45
C SER G 132 -25.75 -15.84 25.51
N GLY G 137 -28.31 -10.89 28.66
CA GLY G 137 -29.10 -10.77 29.88
C GLY G 137 -30.48 -10.10 29.83
N GLY G 138 -31.53 -10.91 29.64
CA GLY G 138 -32.88 -10.42 29.54
C GLY G 138 -33.15 -9.82 28.18
N THR G 139 -32.32 -8.84 27.78
CA THR G 139 -32.35 -8.20 26.48
C THR G 139 -31.12 -8.61 25.67
N ALA G 140 -31.38 -9.16 24.48
CA ALA G 140 -30.35 -9.59 23.54
C ALA G 140 -30.27 -8.59 22.38
N ALA G 141 -29.43 -8.89 21.39
CA ALA G 141 -29.21 -8.01 20.26
C ALA G 141 -28.98 -8.82 19.01
N LEU G 142 -29.57 -8.40 17.89
CA LEU G 142 -29.50 -9.12 16.63
C LEU G 142 -29.68 -8.13 15.49
N GLY G 143 -29.23 -8.50 14.29
CA GLY G 143 -29.48 -7.62 13.17
C GLY G 143 -29.07 -8.15 11.80
N CYS G 144 -28.92 -7.21 10.86
CA CYS G 144 -28.76 -7.49 9.45
C CYS G 144 -27.65 -6.62 8.87
N LEU G 145 -26.67 -7.27 8.25
CA LEU G 145 -25.57 -6.60 7.56
C LEU G 145 -25.95 -6.44 6.10
N VAL G 146 -25.92 -5.21 5.60
CA VAL G 146 -26.31 -4.89 4.22
C VAL G 146 -25.06 -4.37 3.52
N LYS G 147 -24.35 -5.30 2.87
CA LYS G 147 -22.98 -5.12 2.42
C LYS G 147 -22.93 -4.85 0.92
N ASP G 148 -22.08 -3.90 0.52
CA ASP G 148 -21.63 -3.68 -0.86
C ASP G 148 -22.73 -3.33 -1.85
N TYR G 149 -23.24 -2.11 -1.84
CA TYR G 149 -24.20 -1.70 -2.84
C TYR G 149 -23.79 -0.32 -3.38
N PHE G 150 -24.57 0.17 -4.36
CA PHE G 150 -24.47 1.53 -4.95
C PHE G 150 -25.57 1.83 -5.94
N PRO G 151 -26.09 3.04 -5.96
CA PRO G 151 -25.86 4.23 -5.11
C PRO G 151 -26.86 4.21 -4.01
N GLU G 152 -26.86 5.16 -3.12
CA GLU G 152 -27.89 5.26 -2.09
C GLU G 152 -29.18 5.64 -2.78
N PRO G 153 -30.32 5.54 -2.08
CA PRO G 153 -30.55 5.12 -0.72
C PRO G 153 -30.86 3.65 -0.63
N VAL G 154 -31.22 3.25 0.59
CA VAL G 154 -31.64 1.90 0.94
C VAL G 154 -32.51 2.03 2.18
N THR G 155 -33.63 1.31 2.20
CA THR G 155 -34.55 1.31 3.31
C THR G 155 -34.41 -0.02 4.04
N VAL G 156 -34.51 0.01 5.35
CA VAL G 156 -34.51 -1.24 6.12
C VAL G 156 -35.68 -1.23 7.08
N SER G 157 -36.33 -2.39 7.24
CA SER G 157 -37.50 -2.52 8.11
C SER G 157 -37.48 -3.90 8.74
N TRP G 158 -38.14 -4.02 9.88
CA TRP G 158 -38.11 -5.28 10.63
C TRP G 158 -39.51 -5.86 10.79
N ASN G 159 -39.64 -7.13 10.40
CA ASN G 159 -40.90 -7.87 10.39
C ASN G 159 -41.96 -7.09 9.60
N SER G 160 -41.61 -6.83 8.34
CA SER G 160 -42.45 -6.15 7.35
C SER G 160 -42.79 -4.72 7.75
N GLY G 161 -42.60 -4.35 9.02
CA GLY G 161 -42.90 -3.01 9.46
C GLY G 161 -43.33 -2.92 10.90
N ALA G 162 -43.56 -4.07 11.53
CA ALA G 162 -44.09 -4.05 12.89
C ALA G 162 -43.03 -3.61 13.86
N LEU G 163 -41.92 -4.34 13.87
CA LEU G 163 -40.85 -4.13 14.85
C LEU G 163 -40.20 -2.78 14.61
N THR G 164 -40.26 -1.90 15.62
CA THR G 164 -39.58 -0.62 15.46
C THR G 164 -38.81 -0.22 16.73
N SER G 165 -39.40 -0.44 17.90
CA SER G 165 -38.73 -0.05 19.15
C SER G 165 -37.37 -0.73 19.27
N GLY G 166 -36.33 0.06 19.50
CA GLY G 166 -35.05 -0.56 19.74
C GLY G 166 -34.27 -0.86 18.49
N VAL G 167 -34.76 -0.45 17.33
CA VAL G 167 -34.01 -0.58 16.09
C VAL G 167 -33.02 0.57 15.98
N HIS G 168 -31.95 0.32 15.22
CA HIS G 168 -30.89 1.27 14.89
C HIS G 168 -30.40 0.92 13.49
N THR G 169 -30.69 1.74 12.49
CA THR G 169 -30.08 1.54 11.17
C THR G 169 -28.95 2.54 11.00
N PHE G 170 -27.71 2.05 11.07
CA PHE G 170 -26.55 2.91 11.00
C PHE G 170 -26.43 3.55 9.63
N PRO G 171 -25.61 4.60 9.49
CA PRO G 171 -25.38 5.18 8.18
C PRO G 171 -24.49 4.33 7.29
N ALA G 172 -24.68 4.52 5.99
CA ALA G 172 -23.78 3.96 5.00
C ALA G 172 -22.36 4.51 5.18
N VAL G 173 -21.38 3.66 4.90
CA VAL G 173 -19.98 4.03 5.01
C VAL G 173 -19.19 3.39 3.86
N LEU G 174 -18.56 4.22 3.01
CA LEU G 174 -17.92 3.72 1.80
C LEU G 174 -16.69 2.88 2.14
N GLN G 175 -16.62 1.71 1.54
CA GLN G 175 -15.49 0.81 1.67
C GLN G 175 -14.53 1.13 0.53
N SER G 176 -13.30 0.60 0.62
CA SER G 176 -12.33 0.91 -0.42
C SER G 176 -12.71 0.29 -1.75
N SER G 177 -13.59 -0.72 -1.75
CA SER G 177 -14.16 -1.23 -2.98
C SER G 177 -14.86 -0.13 -3.79
N GLY G 178 -15.39 0.89 -3.13
CA GLY G 178 -16.13 1.95 -3.79
C GLY G 178 -17.61 1.95 -3.48
N LEU G 179 -18.04 1.09 -2.56
CA LEU G 179 -19.44 0.74 -2.37
C LEU G 179 -19.88 0.96 -0.93
N TYR G 180 -21.20 1.02 -0.73
CA TYR G 180 -21.79 1.25 0.59
C TYR G 180 -22.00 -0.04 1.38
N SER G 181 -21.73 0.02 2.70
CA SER G 181 -22.12 -1.01 3.65
C SER G 181 -22.70 -0.35 4.89
N LEU G 182 -23.43 -1.15 5.67
CA LEU G 182 -24.49 -0.65 6.55
C LEU G 182 -25.11 -1.83 7.26
N SER G 183 -25.50 -1.64 8.52
CA SER G 183 -26.09 -2.68 9.34
C SER G 183 -27.22 -2.10 10.17
N SER G 184 -28.35 -2.80 10.20
CA SER G 184 -29.43 -2.49 11.10
C SER G 184 -29.43 -3.50 12.23
N VAL G 185 -29.73 -3.03 13.45
CA VAL G 185 -29.67 -3.86 14.64
C VAL G 185 -30.86 -3.51 15.53
N VAL G 186 -31.25 -4.47 16.37
CA VAL G 186 -32.39 -4.25 17.24
C VAL G 186 -32.11 -4.97 18.53
N THR G 187 -32.44 -4.33 19.65
CA THR G 187 -32.35 -4.95 20.96
C THR G 187 -33.75 -5.44 21.31
N VAL G 188 -33.80 -6.62 21.92
CA VAL G 188 -35.10 -7.28 22.03
C VAL G 188 -34.98 -8.32 23.14
N PRO G 189 -36.03 -8.50 23.97
CA PRO G 189 -35.93 -9.36 25.15
C PRO G 189 -35.48 -10.78 24.79
N SER G 190 -34.70 -11.38 25.71
CA SER G 190 -34.15 -12.70 25.43
C SER G 190 -35.26 -13.73 25.29
N SER G 191 -36.14 -13.82 26.30
CA SER G 191 -37.33 -14.65 26.27
C SER G 191 -37.96 -14.84 24.89
N SER G 192 -38.05 -13.75 24.11
CA SER G 192 -38.77 -13.80 22.84
C SER G 192 -38.00 -14.49 21.74
N LEU G 193 -36.80 -15.05 22.04
CA LEU G 193 -35.86 -15.40 20.98
C LEU G 193 -36.33 -16.63 20.20
N GLY G 194 -36.61 -17.73 20.89
CA GLY G 194 -36.96 -18.97 20.21
C GLY G 194 -38.34 -18.95 19.61
N THR G 195 -39.23 -18.11 20.13
CA THR G 195 -40.59 -18.06 19.64
C THR G 195 -40.78 -17.03 18.52
N GLN G 196 -40.27 -15.81 18.71
CA GLN G 196 -40.54 -14.71 17.79
C GLN G 196 -39.68 -14.80 16.54
N THR G 197 -40.33 -14.76 15.37
CA THR G 197 -39.60 -14.69 14.11
C THR G 197 -39.14 -13.26 13.84
N TYR G 198 -37.87 -13.11 13.48
CA TYR G 198 -37.28 -11.84 13.12
C TYR G 198 -36.80 -11.89 11.67
N ILE G 199 -37.33 -11.00 10.85
CA ILE G 199 -36.95 -10.88 9.45
C ILE G 199 -36.67 -9.40 9.19
N CYS G 200 -35.57 -9.14 8.48
CA CYS G 200 -35.28 -7.79 8.04
C CYS G 200 -35.59 -7.68 6.55
N ASN G 201 -36.12 -6.52 6.15
CA ASN G 201 -36.57 -6.29 4.78
C ASN G 201 -35.79 -5.11 4.22
N VAL G 202 -34.87 -5.40 3.30
CA VAL G 202 -34.03 -4.40 2.63
C VAL G 202 -34.57 -4.14 1.24
N ASN G 203 -34.82 -2.87 0.93
CA ASN G 203 -35.34 -2.46 -0.37
C ASN G 203 -34.38 -1.44 -1.01
N HIS G 204 -33.78 -1.84 -2.14
CA HIS G 204 -32.76 -1.04 -2.83
C HIS G 204 -33.29 -0.57 -4.19
N LYS G 205 -34.32 0.30 -4.17
CA LYS G 205 -35.05 0.74 -5.36
C LYS G 205 -34.20 1.15 -6.56
N PRO G 206 -32.97 1.65 -6.38
CA PRO G 206 -32.12 1.90 -7.56
C PRO G 206 -31.73 0.67 -8.35
N SER G 207 -31.93 -0.54 -7.83
CA SER G 207 -31.59 -1.71 -8.63
C SER G 207 -32.67 -2.80 -8.56
N ASN G 208 -33.91 -2.41 -8.25
CA ASN G 208 -34.97 -3.34 -7.84
C ASN G 208 -34.40 -4.60 -7.24
N THR G 209 -33.80 -4.47 -6.06
CA THR G 209 -33.34 -5.61 -5.26
C THR G 209 -34.02 -5.44 -3.90
N LYS G 210 -35.14 -6.12 -3.70
CA LYS G 210 -35.71 -6.31 -2.37
C LYS G 210 -35.20 -7.65 -1.82
N VAL G 211 -34.80 -7.66 -0.55
CA VAL G 211 -34.35 -8.90 0.09
C VAL G 211 -35.00 -9.03 1.46
N ASP G 212 -35.40 -10.25 1.81
CA ASP G 212 -35.96 -10.55 3.12
C ASP G 212 -35.12 -11.66 3.75
N LYS G 213 -34.82 -11.51 5.04
CA LYS G 213 -33.82 -12.37 5.66
C LYS G 213 -34.22 -12.71 7.08
N ARG G 214 -34.22 -14.02 7.35
CA ARG G 214 -34.57 -14.54 8.66
C ARG G 214 -33.33 -14.53 9.53
N VAL G 215 -33.47 -13.92 10.70
CA VAL G 215 -32.41 -13.82 11.66
C VAL G 215 -32.82 -14.69 12.84
N GLU G 216 -32.03 -15.73 13.11
CA GLU G 216 -32.24 -16.64 14.22
C GLU G 216 -30.87 -17.10 14.70
N PRO G 217 -30.81 -17.74 15.88
CA PRO G 217 -29.52 -18.29 16.34
C PRO G 217 -29.15 -19.56 15.57
N LYS G 218 -28.04 -20.22 15.95
CA LYS G 218 -27.56 -21.36 15.16
C LYS G 218 -27.29 -22.62 16.01
N SER G 219 -26.67 -23.65 15.40
CA SER G 219 -26.37 -24.92 16.08
C SER G 219 -24.91 -24.99 16.55
N ASP H 1 -27.93 39.39 -4.42
CA ASP H 1 -28.45 38.27 -3.61
C ASP H 1 -28.25 38.50 -2.11
N VAL H 2 -29.15 37.92 -1.32
CA VAL H 2 -29.21 38.13 0.12
C VAL H 2 -28.59 36.93 0.82
N LEU H 3 -27.71 37.18 1.78
CA LEU H 3 -27.09 36.12 2.57
C LEU H 3 -27.72 36.06 3.95
N MET H 4 -27.92 34.85 4.46
CA MET H 4 -28.34 34.64 5.84
C MET H 4 -27.23 33.89 6.58
N THR H 5 -26.84 34.41 7.75
CA THR H 5 -25.75 33.81 8.51
C THR H 5 -26.21 33.51 9.93
N GLN H 6 -26.23 32.23 10.28
CA GLN H 6 -26.65 31.79 11.60
C GLN H 6 -25.45 31.66 12.53
N THR H 7 -25.77 31.63 13.83
CA THR H 7 -24.80 31.41 14.88
C THR H 7 -25.57 30.88 16.08
N PRO H 8 -25.06 29.88 16.80
CA PRO H 8 -23.75 29.23 16.64
C PRO H 8 -23.79 28.17 15.53
N LEU H 9 -22.64 27.67 15.08
CA LEU H 9 -22.68 26.58 14.12
C LEU H 9 -23.37 25.37 14.72
N SER H 10 -22.97 24.98 15.94
CA SER H 10 -23.66 23.93 16.68
C SER H 10 -23.94 24.41 18.11
N LEU H 11 -25.00 23.87 18.73
CA LEU H 11 -25.46 24.34 20.03
C LEU H 11 -25.82 23.19 20.97
N PRO H 12 -24.93 22.82 21.89
CA PRO H 12 -25.28 21.86 22.93
C PRO H 12 -26.04 22.54 24.07
N VAL H 13 -26.94 21.77 24.67
CA VAL H 13 -27.93 22.33 25.58
C VAL H 13 -28.55 21.18 26.34
N SER H 14 -28.71 21.35 27.65
CA SER H 14 -29.30 20.29 28.45
C SER H 14 -30.83 20.32 28.35
N LEU H 15 -31.47 19.19 28.68
CA LEU H 15 -32.93 19.21 28.76
C LEU H 15 -33.35 20.27 29.76
N GLY H 16 -34.42 20.99 29.45
CA GLY H 16 -34.96 21.97 30.37
C GLY H 16 -34.36 23.35 30.29
N ASP H 17 -33.14 23.51 29.76
CA ASP H 17 -32.59 24.84 29.60
C ASP H 17 -33.20 25.55 28.40
N GLN H 18 -32.90 26.83 28.28
CA GLN H 18 -33.34 27.62 27.15
C GLN H 18 -32.26 27.59 26.06
N ALA H 19 -32.71 27.72 24.81
CA ALA H 19 -31.80 27.73 23.67
C ALA H 19 -32.17 28.89 22.77
N SER H 20 -31.17 29.53 22.20
CA SER H 20 -31.38 30.73 21.41
C SER H 20 -30.46 30.72 20.20
N ILE H 21 -31.01 31.04 19.02
CA ILE H 21 -30.29 30.97 17.76
C ILE H 21 -30.42 32.30 17.04
N SER H 22 -29.28 32.93 16.73
CA SER H 22 -29.27 34.22 16.04
C SER H 22 -29.14 34.02 14.53
N CYS H 23 -29.71 34.95 13.77
CA CYS H 23 -29.72 34.85 12.31
C CYS H 23 -29.64 36.25 11.73
N ARG H 24 -28.59 36.51 10.93
CA ARG H 24 -28.31 37.83 10.38
C ARG H 24 -28.37 37.79 8.85
N SER H 25 -28.75 38.93 8.26
CA SER H 25 -28.89 39.01 6.81
C SER H 25 -28.13 40.20 6.27
N SER H 26 -27.96 40.19 4.94
CA SER H 26 -27.22 41.24 4.24
C SER H 26 -28.07 42.47 3.93
N GLN H 27 -29.33 42.30 3.57
CA GLN H 27 -30.23 43.42 3.34
C GLN H 27 -31.35 43.37 4.37
N SER H 28 -32.15 44.44 4.41
CA SER H 28 -33.34 44.41 5.26
C SER H 28 -34.34 43.40 4.73
N ILE H 29 -34.88 42.57 5.62
CA ILE H 29 -35.86 41.58 5.21
C ILE H 29 -37.28 42.13 5.23
N VAL H 30 -37.45 43.41 5.57
CA VAL H 30 -38.76 44.02 5.43
C VAL H 30 -39.03 44.18 3.93
N HIS H 31 -39.97 43.40 3.43
CA HIS H 31 -40.50 43.59 2.09
C HIS H 31 -41.33 44.86 2.04
N SER H 32 -41.59 45.33 0.81
CA SER H 32 -42.47 46.47 0.61
C SER H 32 -43.95 46.14 0.86
N ASN H 33 -44.33 44.86 0.90
CA ASN H 33 -45.70 44.50 1.28
C ASN H 33 -46.12 45.05 2.63
N GLY H 34 -45.18 45.58 3.42
CA GLY H 34 -45.37 45.82 4.83
C GLY H 34 -45.09 44.54 5.58
N ASN H 35 -45.61 43.42 5.07
CA ASN H 35 -45.16 42.08 5.43
C ASN H 35 -43.64 42.02 5.50
N THR H 36 -43.11 41.24 6.43
CA THR H 36 -41.69 40.89 6.41
C THR H 36 -41.61 39.37 6.49
N TYR H 37 -41.33 38.73 5.34
CA TYR H 37 -41.35 37.28 5.20
C TYR H 37 -40.07 36.71 5.83
N LEU H 38 -40.20 36.06 6.99
CA LEU H 38 -39.10 35.36 7.65
C LEU H 38 -39.65 34.14 8.38
N GLU H 39 -38.94 33.01 8.28
CA GLU H 39 -39.45 31.75 8.79
C GLU H 39 -38.35 31.01 9.57
N TRP H 40 -38.77 29.97 10.30
CA TRP H 40 -37.87 29.07 11.02
C TRP H 40 -38.32 27.63 10.79
N TYR H 41 -37.40 26.79 10.31
CA TYR H 41 -37.67 25.37 10.08
C TYR H 41 -36.82 24.49 10.96
N LEU H 42 -37.33 23.28 11.28
CA LEU H 42 -36.55 22.25 11.97
C LEU H 42 -36.47 21.01 11.09
N GLN H 43 -35.30 20.38 11.08
CA GLN H 43 -35.10 19.17 10.31
C GLN H 43 -34.50 18.13 11.25
N LYS H 44 -35.35 17.24 11.75
CA LYS H 44 -34.89 16.11 12.54
C LYS H 44 -34.14 15.13 11.65
N PRO H 45 -33.25 14.31 12.21
CA PRO H 45 -32.41 13.46 11.37
C PRO H 45 -33.26 12.57 10.48
N GLY H 46 -32.88 12.49 9.21
CA GLY H 46 -33.59 11.62 8.29
C GLY H 46 -35.05 11.95 8.15
N GLN H 47 -35.39 13.20 8.33
CA GLN H 47 -36.74 13.68 8.07
C GLN H 47 -36.60 14.87 7.16
N SER H 48 -37.71 15.30 6.62
CA SER H 48 -37.71 16.55 5.90
C SER H 48 -37.75 17.66 6.93
N PRO H 49 -37.51 18.90 6.51
CA PRO H 49 -37.79 20.03 7.40
C PRO H 49 -39.29 20.16 7.60
N LYS H 50 -39.68 20.57 8.81
CA LYS H 50 -41.06 20.81 9.14
C LYS H 50 -41.18 22.24 9.65
N LEU H 51 -42.26 22.92 9.29
CA LEU H 51 -42.37 24.34 9.59
C LEU H 51 -42.54 24.58 11.07
N LEU H 52 -41.86 25.59 11.58
CA LEU H 52 -42.01 25.96 12.99
C LEU H 52 -42.65 27.33 13.19
N ILE H 53 -42.13 28.36 12.51
CA ILE H 53 -42.53 29.74 12.71
C ILE H 53 -42.73 30.36 11.34
N TYR H 54 -43.89 30.99 11.12
CA TYR H 54 -44.08 31.81 9.95
C TYR H 54 -44.23 33.27 10.38
N LYS H 55 -43.78 34.17 9.50
CA LYS H 55 -43.92 35.61 9.70
C LYS H 55 -43.34 36.04 11.05
N VAL H 56 -42.22 35.42 11.43
CA VAL H 56 -41.29 35.84 12.48
C VAL H 56 -41.73 35.46 13.90
N SER H 57 -43.03 35.52 14.22
CA SER H 57 -43.42 35.32 15.61
C SER H 57 -44.65 34.44 15.78
N ASN H 58 -45.17 33.84 14.73
CA ASN H 58 -46.39 33.06 14.82
C ASN H 58 -46.06 31.58 14.69
N ARG H 59 -46.38 30.81 15.72
CA ARG H 59 -46.32 29.37 15.57
C ARG H 59 -47.28 28.94 14.46
N PHE H 60 -46.73 28.28 13.45
CA PHE H 60 -47.53 27.41 12.58
C PHE H 60 -48.28 26.41 13.45
N SER H 61 -49.41 25.92 12.95
CA SER H 61 -50.21 25.06 13.81
C SER H 61 -49.47 23.76 14.08
N GLY H 62 -49.57 23.27 15.33
CA GLY H 62 -48.84 22.11 15.79
C GLY H 62 -47.62 22.41 16.63
N VAL H 63 -47.05 23.61 16.51
CA VAL H 63 -45.79 23.91 17.18
C VAL H 63 -46.06 24.21 18.65
N PRO H 64 -45.36 23.55 19.58
CA PRO H 64 -45.64 23.72 21.01
C PRO H 64 -45.35 25.13 21.48
N ASP H 65 -45.93 25.44 22.65
CA ASP H 65 -45.72 26.75 23.26
C ASP H 65 -44.24 27.05 23.47
N ARG H 66 -43.43 26.00 23.69
CA ARG H 66 -42.03 26.20 24.04
C ARG H 66 -41.26 26.98 22.98
N PHE H 67 -41.75 26.96 21.74
CA PHE H 67 -41.11 27.63 20.62
C PHE H 67 -41.65 29.04 20.46
N SER H 68 -40.78 29.95 20.04
CA SER H 68 -41.17 31.33 19.88
C SER H 68 -40.09 32.05 19.09
N GLY H 69 -40.49 32.82 18.08
CA GLY H 69 -39.57 33.58 17.26
C GLY H 69 -39.66 35.07 17.56
N SER H 70 -38.71 35.80 17.00
CA SER H 70 -38.61 37.24 17.18
C SER H 70 -37.65 37.78 16.13
N GLY H 71 -37.53 39.10 16.10
CA GLY H 71 -36.56 39.79 15.26
C GLY H 71 -37.20 40.78 14.31
N SER H 72 -36.34 41.48 13.57
CA SER H 72 -36.74 42.42 12.52
C SER H 72 -35.52 43.01 11.83
N GLY H 73 -35.65 43.35 10.55
CA GLY H 73 -34.55 43.99 9.86
C GLY H 73 -33.46 43.05 9.42
N THR H 74 -32.45 42.82 10.28
CA THR H 74 -31.35 41.94 9.92
C THR H 74 -30.85 41.10 11.08
N ASP H 75 -31.55 41.08 12.22
CA ASP H 75 -31.11 40.33 13.38
C ASP H 75 -32.32 39.67 14.04
N PHE H 76 -32.36 38.34 14.02
CA PHE H 76 -33.48 37.55 14.48
C PHE H 76 -33.03 36.58 15.56
N THR H 77 -33.99 35.95 16.22
CA THR H 77 -33.66 35.14 17.38
C THR H 77 -34.74 34.10 17.63
N LEU H 78 -34.38 32.82 17.51
CA LEU H 78 -35.28 31.72 17.83
C LEU H 78 -35.02 31.26 19.26
N LYS H 79 -36.10 31.06 20.01
CA LYS H 79 -36.02 30.80 21.44
C LYS H 79 -36.76 29.52 21.73
N ILE H 80 -36.06 28.52 22.28
CA ILE H 80 -36.70 27.33 22.82
C ILE H 80 -36.54 27.38 24.33
N SER H 81 -37.63 27.65 25.04
CA SER H 81 -37.64 27.52 26.49
C SER H 81 -38.00 26.07 26.83
N ARG H 82 -37.38 25.55 27.90
CA ARG H 82 -37.47 24.15 28.31
C ARG H 82 -37.37 23.19 27.12
N VAL H 83 -36.14 22.93 26.65
CA VAL H 83 -35.91 22.04 25.50
C VAL H 83 -36.14 20.58 25.93
N GLU H 84 -36.62 19.78 24.98
CA GLU H 84 -36.93 18.37 25.17
C GLU H 84 -36.10 17.50 24.23
N ALA H 85 -35.90 16.23 24.61
CA ALA H 85 -35.07 15.35 23.80
C ALA H 85 -35.56 15.30 22.36
N GLU H 86 -36.88 15.31 22.17
CA GLU H 86 -37.52 15.32 20.87
C GLU H 86 -37.12 16.53 20.02
N ASP H 87 -36.46 17.54 20.60
CA ASP H 87 -36.18 18.79 19.88
C ASP H 87 -34.86 18.79 19.11
N LEU H 88 -34.05 17.74 19.18
CA LEU H 88 -32.71 17.81 18.63
C LEU H 88 -32.77 17.73 17.11
N GLY H 89 -32.02 18.60 16.45
CA GLY H 89 -32.02 18.61 15.00
C GLY H 89 -31.19 19.77 14.49
N VAL H 90 -31.43 20.15 13.24
CA VAL H 90 -30.81 21.32 12.65
C VAL H 90 -31.89 22.35 12.33
N TYR H 91 -31.74 23.56 12.84
CA TYR H 91 -32.70 24.64 12.65
C TYR H 91 -32.14 25.63 11.65
N TYR H 92 -32.91 25.92 10.60
CA TYR H 92 -32.51 26.89 9.59
C TYR H 92 -33.47 28.07 9.63
N CYS H 93 -32.93 29.27 9.52
CA CYS H 93 -33.73 30.44 9.25
C CYS H 93 -33.81 30.64 7.74
N PHE H 94 -34.97 31.05 7.27
CA PHE H 94 -35.25 31.14 5.85
C PHE H 94 -35.88 32.48 5.54
N GLN H 95 -35.30 33.19 4.56
CA GLN H 95 -35.77 34.51 4.16
C GLN H 95 -36.64 34.38 2.92
N GLY H 96 -37.83 34.99 2.97
CA GLY H 96 -38.80 34.80 1.91
C GLY H 96 -39.33 36.05 1.22
N SER H 97 -38.51 37.10 1.18
CA SER H 97 -38.89 38.36 0.55
C SER H 97 -38.15 38.57 -0.75
N HIS H 98 -36.91 39.04 -0.67
CA HIS H 98 -36.16 39.45 -1.84
C HIS H 98 -35.65 38.24 -2.62
N VAL H 99 -35.94 38.23 -3.93
CA VAL H 99 -35.48 37.14 -4.80
C VAL H 99 -33.99 37.35 -5.08
N PRO H 100 -33.18 36.28 -5.11
CA PRO H 100 -33.53 34.86 -4.89
C PRO H 100 -33.64 34.55 -3.40
N TYR H 101 -34.54 33.64 -3.02
CA TYR H 101 -34.76 33.33 -1.61
C TYR H 101 -33.65 32.44 -1.08
N THR H 102 -33.20 32.74 0.12
CA THR H 102 -32.02 32.06 0.64
C THR H 102 -32.27 31.50 2.04
N PHE H 103 -31.44 30.52 2.39
CA PHE H 103 -31.46 29.83 3.69
C PHE H 103 -30.25 30.23 4.53
N GLY H 104 -30.26 29.78 5.80
CA GLY H 104 -29.10 29.93 6.64
C GLY H 104 -28.20 28.71 6.58
N GLY H 105 -27.02 28.83 7.21
CA GLY H 105 -26.11 27.69 7.31
C GLY H 105 -26.70 26.52 8.07
N GLY H 106 -27.56 26.79 9.04
CA GLY H 106 -28.15 25.80 9.92
C GLY H 106 -27.44 25.75 11.25
N THR H 107 -28.21 25.47 12.31
CA THR H 107 -27.67 25.30 13.66
C THR H 107 -28.06 23.95 14.21
N LYS H 108 -27.07 23.17 14.68
CA LYS H 108 -27.30 21.80 15.13
C LYS H 108 -27.53 21.79 16.63
N LEU H 109 -28.78 21.64 17.05
CA LEU H 109 -29.05 21.58 18.47
C LEU H 109 -28.75 20.17 18.97
N GLU H 110 -27.81 20.06 19.89
CA GLU H 110 -27.45 18.79 20.50
C GLU H 110 -27.95 18.74 21.93
N ILE H 111 -28.22 17.55 22.41
CA ILE H 111 -28.67 17.39 23.78
C ILE H 111 -27.45 17.01 24.61
N LYS H 112 -27.35 17.57 25.81
CA LYS H 112 -26.36 17.15 26.80
C LYS H 112 -27.07 16.32 27.86
N ARG H 113 -26.52 15.14 28.15
CA ARG H 113 -27.11 14.24 29.13
C ARG H 113 -25.99 13.71 30.01
N THR H 114 -26.37 12.99 31.07
CA THR H 114 -25.37 12.31 31.89
C THR H 114 -24.63 11.29 31.06
N VAL H 115 -23.38 10.98 31.46
CA VAL H 115 -22.64 9.90 30.84
C VAL H 115 -23.39 8.57 31.02
N ALA H 116 -23.32 7.71 29.98
CA ALA H 116 -23.98 6.41 30.00
C ALA H 116 -23.08 5.37 29.33
N ALA H 117 -22.55 4.43 30.11
CA ALA H 117 -21.69 3.42 29.53
C ALA H 117 -22.48 2.61 28.50
N PRO H 118 -21.81 2.10 27.47
CA PRO H 118 -22.52 1.37 26.42
C PRO H 118 -22.74 -0.09 26.76
N SER H 119 -23.65 -0.71 26.02
CA SER H 119 -23.68 -2.15 25.90
C SER H 119 -22.72 -2.55 24.79
N VAL H 120 -22.05 -3.68 24.96
CA VAL H 120 -21.10 -4.16 23.97
C VAL H 120 -21.58 -5.49 23.44
N PHE H 121 -21.51 -5.66 22.13
CA PHE H 121 -22.03 -6.84 21.45
C PHE H 121 -21.11 -7.18 20.29
N ILE H 122 -20.96 -8.46 19.99
CA ILE H 122 -20.02 -8.90 18.98
C ILE H 122 -20.67 -10.01 18.16
N PHE H 123 -20.57 -9.89 16.84
CA PHE H 123 -21.30 -10.76 15.92
C PHE H 123 -20.41 -11.42 14.88
N PRO H 124 -20.04 -12.68 15.07
CA PRO H 124 -19.20 -13.37 14.08
C PRO H 124 -19.89 -13.47 12.75
N PRO H 125 -19.13 -13.65 11.66
CA PRO H 125 -19.75 -13.61 10.33
C PRO H 125 -20.62 -14.82 10.09
N SER H 126 -21.73 -14.59 9.40
CA SER H 126 -22.68 -15.65 9.09
C SER H 126 -22.02 -16.73 8.24
N ASP H 127 -22.61 -17.93 8.30
CA ASP H 127 -22.12 -18.99 7.43
C ASP H 127 -22.25 -18.58 5.97
N GLU H 128 -23.32 -17.85 5.65
CA GLU H 128 -23.60 -17.47 4.27
C GLU H 128 -22.54 -16.52 3.70
N GLN H 129 -21.87 -15.75 4.55
CA GLN H 129 -20.87 -14.81 4.08
C GLN H 129 -19.54 -15.49 3.83
N LEU H 130 -19.27 -16.58 4.54
CA LEU H 130 -18.08 -17.38 4.31
C LEU H 130 -18.16 -18.18 3.02
N LYS H 131 -19.37 -18.47 2.52
CA LYS H 131 -19.50 -19.05 1.19
C LYS H 131 -19.18 -18.03 0.10
N SER H 132 -19.12 -16.74 0.44
CA SER H 132 -18.87 -15.73 -0.57
C SER H 132 -17.42 -15.28 -0.63
N GLY H 133 -16.61 -15.56 0.40
CA GLY H 133 -15.19 -15.34 0.35
C GLY H 133 -14.69 -14.23 1.25
N THR H 134 -15.46 -13.17 1.45
CA THR H 134 -15.05 -12.20 2.46
C THR H 134 -15.77 -12.51 3.77
N ALA H 135 -15.26 -11.93 4.85
CA ALA H 135 -15.85 -12.07 6.17
C ALA H 135 -15.84 -10.73 6.87
N SER H 136 -16.90 -10.49 7.65
CA SER H 136 -17.11 -9.26 8.40
C SER H 136 -17.54 -9.64 9.81
N VAL H 137 -16.83 -9.13 10.82
CA VAL H 137 -17.26 -9.25 12.21
C VAL H 137 -17.73 -7.89 12.71
N VAL H 138 -18.87 -7.88 13.40
CA VAL H 138 -19.52 -6.66 13.83
C VAL H 138 -19.42 -6.57 15.35
N CYS H 139 -19.13 -5.37 15.82
CA CYS H 139 -19.11 -5.02 17.24
C CYS H 139 -20.00 -3.82 17.39
N LEU H 140 -21.01 -3.96 18.23
CA LEU H 140 -22.05 -2.96 18.42
C LEU H 140 -21.90 -2.38 19.81
N LEU H 141 -21.84 -1.05 19.91
CA LEU H 141 -21.89 -0.37 21.21
C LEU H 141 -23.21 0.37 21.26
N ASN H 142 -24.06 -0.01 22.19
CA ASN H 142 -25.44 0.45 22.17
C ASN H 142 -25.71 1.49 23.25
N ASN H 143 -26.50 2.50 22.88
CA ASN H 143 -27.08 3.50 23.77
C ASN H 143 -26.11 4.06 24.78
N PHE H 144 -25.21 4.95 24.34
CA PHE H 144 -24.18 5.49 25.21
C PHE H 144 -24.00 6.97 24.92
N TYR H 145 -23.28 7.64 25.84
CA TYR H 145 -23.02 9.07 25.83
C TYR H 145 -21.81 9.25 26.72
N PRO H 146 -20.80 10.05 26.32
CA PRO H 146 -20.75 10.81 25.06
C PRO H 146 -20.34 9.95 23.84
N ARG H 147 -20.40 10.63 22.70
CA ARG H 147 -20.20 9.99 21.41
C ARG H 147 -18.79 9.42 21.27
N GLU H 148 -17.81 10.08 21.87
CA GLU H 148 -16.43 9.61 21.82
C GLU H 148 -16.34 8.21 22.42
N ALA H 149 -15.86 7.25 21.63
CA ALA H 149 -15.46 5.97 22.20
C ALA H 149 -14.25 5.44 21.43
N LYS H 150 -13.56 4.47 22.00
CA LYS H 150 -12.40 3.86 21.37
C LYS H 150 -12.66 2.36 21.32
N VAL H 151 -12.84 1.83 20.12
CA VAL H 151 -12.96 0.39 19.89
C VAL H 151 -11.64 -0.08 19.32
N GLN H 152 -11.13 -1.20 19.83
CA GLN H 152 -9.86 -1.74 19.37
C GLN H 152 -10.04 -3.22 19.06
N TRP H 153 -9.95 -3.60 17.79
CA TRP H 153 -10.01 -5.01 17.40
C TRP H 153 -8.69 -5.69 17.73
N LYS H 154 -8.76 -6.97 18.07
CA LYS H 154 -7.57 -7.68 18.52
C LYS H 154 -7.76 -9.15 18.21
N VAL H 155 -7.26 -9.58 17.04
CA VAL H 155 -7.25 -10.99 16.69
C VAL H 155 -6.01 -11.62 17.29
N ASP H 156 -6.23 -12.72 18.02
CA ASP H 156 -5.21 -13.39 18.83
C ASP H 156 -4.19 -12.41 19.38
N ASN H 157 -4.66 -11.42 20.12
CA ASN H 157 -3.89 -10.48 20.93
C ASN H 157 -3.04 -9.49 20.13
N ALA H 158 -3.15 -9.44 18.80
CA ALA H 158 -2.47 -8.39 18.04
C ALA H 158 -3.52 -7.39 17.57
N LEU H 159 -3.44 -6.16 18.06
CA LEU H 159 -4.43 -5.17 17.65
C LEU H 159 -4.29 -4.91 16.16
N GLN H 160 -5.40 -5.03 15.44
CA GLN H 160 -5.48 -4.81 14.01
C GLN H 160 -5.28 -3.34 13.66
N SER H 161 -5.14 -3.07 12.37
CA SER H 161 -5.30 -1.74 11.84
C SER H 161 -5.82 -1.82 10.40
N GLY H 162 -6.12 -0.65 9.83
CA GLY H 162 -6.58 -0.51 8.46
C GLY H 162 -7.66 -1.43 7.92
N ASN H 163 -8.14 -2.41 8.69
CA ASN H 163 -9.12 -3.39 8.21
C ASN H 163 -10.42 -3.40 9.04
N SER H 164 -10.89 -2.21 9.47
CA SER H 164 -12.15 -2.10 10.22
C SER H 164 -12.75 -0.71 10.02
N GLN H 165 -14.09 -0.62 10.06
CA GLN H 165 -14.82 0.64 9.88
C GLN H 165 -15.82 0.85 10.98
N GLU H 166 -16.01 2.12 11.37
CA GLU H 166 -17.04 2.50 12.33
C GLU H 166 -18.16 3.27 11.65
N SER H 167 -19.30 3.29 12.32
CA SER H 167 -20.45 4.09 11.93
C SER H 167 -21.16 4.47 13.21
N VAL H 168 -21.65 5.71 13.27
CA VAL H 168 -22.29 6.22 14.48
C VAL H 168 -23.71 6.73 14.19
N THR H 169 -24.62 6.39 15.10
CA THR H 169 -26.01 6.86 15.05
C THR H 169 -26.08 8.37 15.23
N GLU H 170 -27.21 8.90 14.80
CA GLU H 170 -27.54 10.24 15.21
C GLU H 170 -28.10 10.17 16.63
N GLN H 171 -28.13 11.31 17.30
CA GLN H 171 -28.54 11.29 18.69
C GLN H 171 -29.99 10.83 18.81
N ASP H 172 -30.28 10.08 19.86
CA ASP H 172 -31.64 9.56 20.03
C ASP H 172 -32.60 10.68 20.42
N SER H 173 -33.78 10.67 19.79
CA SER H 173 -34.86 11.59 20.08
C SER H 173 -35.62 11.25 21.36
N LYS H 174 -35.35 10.10 22.00
CA LYS H 174 -35.94 9.76 23.29
C LYS H 174 -34.90 9.78 24.41
N ASP H 175 -33.96 8.83 24.46
CA ASP H 175 -33.00 8.79 25.57
C ASP H 175 -31.70 9.47 25.27
N SER H 176 -31.61 10.18 24.14
CA SER H 176 -30.53 11.10 23.86
C SER H 176 -29.15 10.45 23.79
N THR H 177 -29.10 9.12 23.62
CA THR H 177 -27.82 8.47 23.48
C THR H 177 -27.43 8.37 22.02
N TYR H 178 -26.27 7.73 21.79
CA TYR H 178 -25.70 7.39 20.50
C TYR H 178 -25.61 5.87 20.40
N SER H 179 -25.20 5.38 19.23
CA SER H 179 -24.82 3.98 19.10
C SER H 179 -23.81 3.85 17.99
N LEU H 180 -23.04 2.77 18.02
CA LEU H 180 -21.89 2.68 17.13
C LEU H 180 -21.56 1.24 16.78
N SER H 181 -21.21 1.05 15.51
CA SER H 181 -20.74 -0.22 14.97
C SER H 181 -19.26 -0.10 14.68
N SER H 182 -18.51 -1.16 14.94
CA SER H 182 -17.18 -1.30 14.37
C SER H 182 -17.12 -2.62 13.65
N THR H 183 -16.95 -2.57 12.34
CA THR H 183 -16.91 -3.78 11.53
C THR H 183 -15.49 -4.08 11.08
N LEU H 184 -15.02 -5.28 11.39
CA LEU H 184 -13.74 -5.77 10.93
C LEU H 184 -13.96 -6.66 9.71
N THR H 185 -13.39 -6.29 8.57
CA THR H 185 -13.57 -7.07 7.35
C THR H 185 -12.26 -7.75 6.95
N LEU H 186 -12.22 -9.08 7.13
CA LEU H 186 -11.19 -9.97 6.64
C LEU H 186 -11.68 -10.70 5.40
N SER H 187 -10.73 -11.28 4.65
CA SER H 187 -11.06 -12.24 3.61
C SER H 187 -11.15 -13.63 4.22
N LYS H 188 -11.97 -14.49 3.63
CA LYS H 188 -12.24 -15.79 4.25
C LYS H 188 -10.97 -16.55 4.52
N ALA H 189 -9.98 -16.44 3.62
CA ALA H 189 -8.65 -16.99 3.87
C ALA H 189 -8.08 -16.44 5.17
N ASP H 190 -7.84 -15.13 5.22
CA ASP H 190 -7.30 -14.51 6.44
C ASP H 190 -8.17 -14.86 7.66
N TYR H 191 -9.50 -14.92 7.47
CA TYR H 191 -10.37 -15.09 8.63
C TYR H 191 -10.24 -16.49 9.21
N GLU H 192 -10.55 -17.52 8.42
CA GLU H 192 -10.51 -18.88 8.98
C GLU H 192 -9.08 -19.40 9.10
N LYS H 193 -8.15 -18.50 9.39
CA LYS H 193 -6.78 -18.77 9.75
C LYS H 193 -6.49 -18.62 11.24
N HIS H 194 -7.16 -17.71 11.94
CA HIS H 194 -6.95 -17.46 13.37
C HIS H 194 -8.17 -17.89 14.18
N LYS H 195 -8.05 -17.85 15.52
CA LYS H 195 -9.07 -18.41 16.41
C LYS H 195 -9.96 -17.36 17.06
N VAL H 196 -9.38 -16.44 17.82
CA VAL H 196 -10.13 -15.56 18.73
C VAL H 196 -10.23 -14.17 18.13
N TYR H 197 -11.45 -13.62 18.19
CA TYR H 197 -11.76 -12.28 17.71
C TYR H 197 -12.37 -11.49 18.87
N ALA H 198 -11.70 -10.42 19.27
CA ALA H 198 -12.07 -9.68 20.47
C ALA H 198 -12.27 -8.20 20.18
N CYS H 199 -13.26 -7.63 20.84
CA CYS H 199 -13.61 -6.22 20.73
C CYS H 199 -13.28 -5.56 22.06
N GLU H 200 -12.41 -4.58 22.06
CA GLU H 200 -12.13 -3.85 23.29
C GLU H 200 -12.74 -2.47 23.14
N VAL H 201 -13.59 -2.14 24.10
CA VAL H 201 -14.25 -0.85 24.22
C VAL H 201 -13.66 -0.16 25.44
N THR H 202 -13.13 1.03 25.23
CA THR H 202 -12.84 1.94 26.33
C THR H 202 -13.72 3.15 26.10
N HIS H 203 -14.54 3.48 27.10
CA HIS H 203 -15.48 4.58 27.02
C HIS H 203 -15.63 5.18 28.42
N GLN H 204 -15.90 6.49 28.48
CA GLN H 204 -15.99 7.20 29.76
C GLN H 204 -17.03 6.59 30.69
N GLY H 205 -18.04 5.91 30.15
CA GLY H 205 -18.92 5.16 31.03
C GLY H 205 -18.16 4.20 31.91
N LEU H 206 -17.16 3.53 31.35
CA LEU H 206 -16.56 2.37 31.98
C LEU H 206 -15.34 2.76 32.81
N SER H 207 -15.12 2.03 33.90
CA SER H 207 -13.92 2.25 34.70
C SER H 207 -12.73 1.52 34.09
N SER H 208 -12.96 0.29 33.65
CA SER H 208 -11.95 -0.52 33.00
C SER H 208 -12.44 -0.99 31.63
N PRO H 209 -11.59 -0.96 30.61
CA PRO H 209 -12.03 -1.35 29.26
C PRO H 209 -12.78 -2.68 29.25
N VAL H 210 -13.88 -2.73 28.51
CA VAL H 210 -14.74 -3.89 28.40
C VAL H 210 -14.44 -4.59 27.09
N THR H 211 -14.27 -5.90 27.15
CA THR H 211 -14.09 -6.68 25.94
C THR H 211 -15.23 -7.69 25.77
N LYS H 212 -15.72 -7.81 24.55
CA LYS H 212 -16.56 -8.93 24.15
C LYS H 212 -15.84 -9.69 23.05
N SER H 213 -15.88 -11.02 23.10
CA SER H 213 -15.09 -11.82 22.15
C SER H 213 -15.72 -13.20 21.97
N PHE H 214 -15.35 -13.84 20.86
CA PHE H 214 -15.85 -15.17 20.52
C PHE H 214 -14.71 -15.99 19.91
N ASN H 215 -14.94 -17.31 19.81
CA ASN H 215 -13.97 -18.27 19.26
C ASN H 215 -14.62 -19.06 18.12
N ARG H 216 -14.00 -19.02 16.95
CA ARG H 216 -14.62 -19.46 15.70
C ARG H 216 -15.32 -20.82 15.72
N GLY H 217 -16.53 -20.91 16.26
CA GLY H 217 -17.42 -22.04 15.97
C GLY H 217 -17.79 -23.01 17.10
N GLU H 218 -19.00 -22.84 17.66
CA GLU H 218 -19.58 -23.79 18.64
C GLU H 218 -21.10 -23.94 18.46
#